data_3FY4
#
_entry.id   3FY4
#
_cell.length_a   112.447
_cell.length_b   139.033
_cell.length_c   143.118
_cell.angle_alpha   90.00
_cell.angle_beta   90.00
_cell.angle_gamma   90.00
#
_symmetry.space_group_name_H-M   'P 21 21 21'
#
loop_
_entity.id
_entity.type
_entity.pdbx_description
1 polymer '6-4 photolyase'
2 non-polymer IMIDAZOLE
3 non-polymer '2-(N-MORPHOLINO)-ETHANESULFONIC ACID'
4 non-polymer 'PHOSPHATE ION'
5 non-polymer 'FLAVIN-ADENINE DINUCLEOTIDE'
6 water water
#
_entity_poly.entity_id   1
_entity_poly.type   'polypeptide(L)'
_entity_poly.pdbx_seq_one_letter_code
;MATGSGSLIWFRKGLRVHDNPALEYASKGSEFMYPVFVIDPHYMESDPSAFSPGSSRAGVNRIRFLLESLKDLDSSLKKL
GSRLLVFKGEPGEVLVRCLQEWKVKRLCFEYDTDPYYQALDVKVKDYASSTGVEVFSPVSHTLFNPAHIIEKNGGKPPLS
YQSFLKVAGEPSCAKSELVMSYSSLPPIGDIGNLGISEVPSLEELGYKDDEQADWTPFRGGESEALKRLTKSISDKAWVA
NFEKPKGDPSAFLKPATTVMSPYLKFGCLSSRYFYQCLQNIYKDVKKHTSPPVSLLGQLLWREFFYTTAFGTPNFDKMKG
NRICKQIPWNEDHAMLAAWRDGKTGYPWIDAIMVQLLKWGWMHHLARHCVACFLTRGDLFIHWEQGRDVFERLLIDSDWA
INNGNWMWLSCSSFFYQFNRIYSPISFGKKYDPDGKYIRHFLPVLKDMPKQYIYEPWTAPLSVQTKANCIVGKDYPKPMV
LHDSASKECKRKMGEAYALNKKMDGKVDEENLRDLRRKLQKDEHEESKIRNQRPKLK
;
_entity_poly.pdbx_strand_id   A,B,C
#
loop_
_chem_comp.id
_chem_comp.type
_chem_comp.name
_chem_comp.formula
FAD non-polymer 'FLAVIN-ADENINE DINUCLEOTIDE' 'C27 H33 N9 O15 P2'
IMD non-polymer IMIDAZOLE 'C3 H5 N2 1'
MES non-polymer '2-(N-MORPHOLINO)-ETHANESULFONIC ACID' 'C6 H13 N O4 S'
PO4 non-polymer 'PHOSPHATE ION' 'O4 P -3'
#
# COMPACT_ATOMS: atom_id res chain seq x y z
N GLY A 4 -41.19 33.39 20.33
CA GLY A 4 -42.57 32.81 20.39
C GLY A 4 -42.65 31.41 19.82
N SER A 5 -43.84 30.83 19.80
CA SER A 5 -44.03 29.49 19.27
C SER A 5 -43.72 29.46 17.78
N GLY A 6 -42.81 28.57 17.39
CA GLY A 6 -42.44 28.45 16.00
C GLY A 6 -42.82 27.10 15.44
N SER A 7 -42.77 26.96 14.12
CA SER A 7 -43.10 25.69 13.48
C SER A 7 -41.99 25.28 12.53
N LEU A 8 -41.95 23.99 12.22
CA LEU A 8 -40.96 23.44 11.32
C LEU A 8 -41.65 22.48 10.38
N ILE A 9 -41.56 22.75 9.08
CA ILE A 9 -42.16 21.88 8.09
C ILE A 9 -41.02 21.06 7.50
N TRP A 10 -40.96 19.80 7.87
CA TRP A 10 -39.90 18.92 7.37
C TRP A 10 -40.28 18.24 6.04
N PHE A 11 -39.50 18.53 5.01
CA PHE A 11 -39.72 17.95 3.69
C PHE A 11 -38.87 16.71 3.41
N ARG A 12 -39.53 15.67 2.91
CA ARG A 12 -38.86 14.44 2.53
C ARG A 12 -39.42 14.06 1.17
N LYS A 13 -40.71 13.69 1.12
CA LYS A 13 -41.36 13.31 -0.12
C LYS A 13 -42.43 14.25 -0.67
N GLY A 14 -43.06 15.06 0.16
CA GLY A 14 -44.08 15.94 -0.39
C GLY A 14 -43.47 17.20 -0.97
N LEU A 15 -42.49 17.06 -1.85
CA LEU A 15 -41.83 18.22 -2.42
C LEU A 15 -42.75 19.12 -3.26
N ARG A 16 -43.72 19.74 -2.59
CA ARG A 16 -44.67 20.61 -3.27
C ARG A 16 -45.39 21.52 -2.28
N VAL A 17 -45.97 22.59 -2.81
CA VAL A 17 -46.73 23.52 -1.98
C VAL A 17 -48.21 23.17 -2.02
N HIS A 18 -48.70 22.71 -3.18
CA HIS A 18 -50.11 22.36 -3.28
C HIS A 18 -50.43 21.10 -2.49
N ASP A 19 -51.69 20.97 -2.11
CA ASP A 19 -52.16 19.84 -1.31
C ASP A 19 -51.12 19.35 -0.30
N ASN A 20 -50.70 20.23 0.60
CA ASN A 20 -49.71 19.87 1.61
C ASN A 20 -50.30 20.08 3.02
N PRO A 21 -51.13 19.13 3.49
CA PRO A 21 -51.75 19.21 4.82
C PRO A 21 -50.73 19.54 5.90
N ALA A 22 -49.49 19.10 5.71
CA ALA A 22 -48.42 19.35 6.67
C ALA A 22 -47.96 20.80 6.63
N LEU A 23 -47.73 21.31 5.42
CA LEU A 23 -47.29 22.68 5.25
C LEU A 23 -48.37 23.64 5.71
N GLU A 24 -49.61 23.32 5.42
CA GLU A 24 -50.71 24.18 5.82
C GLU A 24 -50.71 24.42 7.32
N TYR A 25 -50.70 23.34 8.09
CA TYR A 25 -50.71 23.40 9.54
C TYR A 25 -49.51 24.19 10.05
N ALA A 26 -48.36 24.01 9.40
CA ALA A 26 -47.15 24.70 9.79
C ALA A 26 -47.21 26.21 9.57
N SER A 27 -48.11 26.68 8.71
CA SER A 27 -48.23 28.10 8.44
C SER A 27 -49.17 28.78 9.41
N LYS A 28 -50.12 28.02 9.93
CA LYS A 28 -51.10 28.57 10.85
C LYS A 28 -50.61 28.61 12.30
N GLY A 29 -51.00 29.66 13.00
CA GLY A 29 -50.65 29.83 14.39
C GLY A 29 -49.16 29.85 14.67
N SER A 30 -48.40 30.44 13.75
CA SER A 30 -46.96 30.52 13.92
C SER A 30 -46.42 31.82 13.35
N GLU A 31 -45.76 32.60 14.20
CA GLU A 31 -45.22 33.87 13.77
C GLU A 31 -44.02 33.67 12.86
N PHE A 32 -43.45 32.46 12.89
CA PHE A 32 -42.29 32.10 12.06
C PHE A 32 -42.25 30.60 11.75
N MET A 33 -41.82 30.27 10.54
CA MET A 33 -41.76 28.87 10.10
C MET A 33 -40.44 28.44 9.46
N TYR A 34 -39.97 27.24 9.81
CA TYR A 34 -38.72 26.70 9.28
C TYR A 34 -38.93 25.54 8.29
N PRO A 35 -38.75 25.79 6.98
CA PRO A 35 -38.91 24.78 5.93
C PRO A 35 -37.55 24.08 5.81
N VAL A 36 -37.53 22.77 6.04
CA VAL A 36 -36.28 22.03 6.03
C VAL A 36 -36.24 20.82 5.11
N PHE A 37 -35.05 20.55 4.58
CA PHE A 37 -34.82 19.36 3.77
C PHE A 37 -33.37 18.96 4.00
N VAL A 38 -33.15 17.68 4.25
CA VAL A 38 -31.82 17.17 4.52
C VAL A 38 -31.23 16.31 3.40
N ILE A 39 -30.01 16.66 2.96
CA ILE A 39 -29.31 15.88 1.93
C ILE A 39 -28.53 14.78 2.63
N ASP A 40 -28.93 13.52 2.44
CA ASP A 40 -28.21 12.43 3.09
C ASP A 40 -27.01 12.02 2.23
N PRO A 41 -25.80 12.36 2.67
CA PRO A 41 -24.58 12.03 1.93
C PRO A 41 -24.60 10.61 1.36
N HIS A 42 -24.99 9.64 2.19
CA HIS A 42 -25.03 8.24 1.76
C HIS A 42 -25.87 8.00 0.51
N TYR A 43 -26.91 8.79 0.31
CA TYR A 43 -27.77 8.61 -0.85
C TYR A 43 -27.45 9.56 -1.99
N MET A 44 -26.90 10.72 -1.64
CA MET A 44 -26.61 11.75 -2.64
C MET A 44 -25.20 11.91 -3.18
N GLU A 45 -24.19 11.64 -2.37
CA GLU A 45 -22.81 11.82 -2.83
C GLU A 45 -22.25 10.76 -3.75
N SER A 46 -21.40 11.20 -4.68
CA SER A 46 -20.76 10.33 -5.66
C SER A 46 -20.07 9.10 -5.09
N ASP A 47 -20.24 7.97 -5.77
CA ASP A 47 -19.61 6.72 -5.36
C ASP A 47 -18.86 6.13 -6.56
N PRO A 48 -17.53 6.31 -6.60
CA PRO A 48 -16.67 5.81 -7.69
C PRO A 48 -16.82 4.31 -7.95
N SER A 49 -17.28 3.58 -6.94
CA SER A 49 -17.45 2.14 -7.06
C SER A 49 -18.69 1.77 -7.85
N ALA A 50 -19.67 2.69 -7.89
CA ALA A 50 -20.91 2.43 -8.60
C ALA A 50 -20.63 2.10 -10.07
N PHE A 51 -21.53 1.36 -10.70
CA PHE A 51 -21.34 0.98 -12.09
C PHE A 51 -21.67 2.08 -13.10
N SER A 52 -22.25 3.17 -12.60
CA SER A 52 -22.58 4.31 -13.45
C SER A 52 -22.67 5.50 -12.52
N PRO A 53 -22.35 6.70 -13.00
CA PRO A 53 -22.41 7.91 -12.19
C PRO A 53 -23.56 7.97 -11.18
N GLY A 54 -23.23 8.36 -9.95
CA GLY A 54 -24.22 8.47 -8.90
C GLY A 54 -23.69 7.95 -7.57
N SER A 55 -24.59 7.74 -6.63
CA SER A 55 -24.24 7.21 -5.32
C SER A 55 -24.39 5.68 -5.40
N SER A 56 -24.43 5.00 -4.27
CA SER A 56 -24.57 3.56 -4.34
C SER A 56 -26.04 3.18 -4.43
N ARG A 57 -26.92 4.13 -4.17
CA ARG A 57 -28.35 3.87 -4.19
C ARG A 57 -29.09 4.66 -5.26
N ALA A 58 -28.46 5.71 -5.80
CA ALA A 58 -29.12 6.51 -6.80
C ALA A 58 -28.25 6.97 -7.96
N GLY A 59 -28.73 6.74 -9.17
CA GLY A 59 -28.00 7.16 -10.35
C GLY A 59 -28.02 8.68 -10.37
N VAL A 60 -27.06 9.29 -11.07
CA VAL A 60 -26.99 10.74 -11.13
C VAL A 60 -28.28 11.35 -11.68
N ASN A 61 -29.02 10.58 -12.47
CA ASN A 61 -30.26 11.09 -13.04
C ASN A 61 -31.32 11.43 -12.00
N ARG A 62 -31.63 10.47 -11.12
CA ARG A 62 -32.65 10.71 -10.11
C ARG A 62 -32.16 11.78 -9.17
N ILE A 63 -30.84 11.89 -9.01
CA ILE A 63 -30.29 12.89 -8.13
C ILE A 63 -30.53 14.28 -8.72
N ARG A 64 -30.25 14.46 -10.00
CA ARG A 64 -30.48 15.77 -10.63
C ARG A 64 -31.96 16.12 -10.53
N PHE A 65 -32.82 15.12 -10.67
CA PHE A 65 -34.26 15.34 -10.58
C PHE A 65 -34.62 15.90 -9.20
N LEU A 66 -34.10 15.26 -8.14
CA LEU A 66 -34.36 15.69 -6.78
C LEU A 66 -33.89 17.11 -6.54
N LEU A 67 -32.65 17.38 -6.96
CA LEU A 67 -32.06 18.71 -6.79
C LEU A 67 -32.93 19.75 -7.46
N GLU A 68 -33.43 19.42 -8.65
CA GLU A 68 -34.31 20.31 -9.39
C GLU A 68 -35.60 20.52 -8.59
N SER A 69 -36.19 19.44 -8.12
CA SER A 69 -37.41 19.53 -7.33
C SER A 69 -37.17 20.45 -6.13
N LEU A 70 -36.00 20.33 -5.52
CA LEU A 70 -35.64 21.16 -4.37
C LEU A 70 -35.55 22.65 -4.74
N LYS A 71 -34.90 22.96 -5.85
CA LYS A 71 -34.79 24.35 -6.29
C LYS A 71 -36.17 24.93 -6.55
N ASP A 72 -37.00 24.18 -7.29
CA ASP A 72 -38.35 24.63 -7.60
C ASP A 72 -39.06 24.96 -6.30
N LEU A 73 -39.06 24.00 -5.37
CA LEU A 73 -39.70 24.15 -4.07
C LEU A 73 -39.27 25.38 -3.29
N ASP A 74 -37.96 25.59 -3.20
CA ASP A 74 -37.41 26.75 -2.49
C ASP A 74 -37.93 28.00 -3.16
N SER A 75 -37.82 28.01 -4.48
CA SER A 75 -38.28 29.11 -5.30
C SER A 75 -39.74 29.39 -4.97
N SER A 76 -40.57 28.36 -4.99
CA SER A 76 -41.99 28.54 -4.69
C SER A 76 -42.17 29.08 -3.29
N LEU A 77 -41.23 28.79 -2.41
CA LEU A 77 -41.32 29.27 -1.04
C LEU A 77 -40.80 30.69 -0.97
N LYS A 78 -39.70 30.96 -1.68
CA LYS A 78 -39.13 32.31 -1.71
C LYS A 78 -40.13 33.29 -2.31
N LYS A 79 -41.17 32.75 -2.95
CA LYS A 79 -42.19 33.57 -3.55
C LYS A 79 -43.13 34.02 -2.44
N LEU A 80 -43.59 33.08 -1.62
CA LEU A 80 -44.50 33.37 -0.51
C LEU A 80 -43.79 34.02 0.69
N GLY A 81 -42.57 34.49 0.49
CA GLY A 81 -41.85 35.14 1.57
C GLY A 81 -41.12 34.16 2.46
N SER A 82 -41.13 32.89 2.08
CA SER A 82 -40.44 31.86 2.85
C SER A 82 -39.12 31.51 2.18
N ARG A 83 -38.63 30.29 2.41
CA ARG A 83 -37.37 29.83 1.86
C ARG A 83 -37.16 28.36 2.24
N LEU A 84 -36.30 27.66 1.52
CA LEU A 84 -36.03 26.27 1.86
C LEU A 84 -34.64 26.20 2.48
N LEU A 85 -34.54 25.58 3.66
CA LEU A 85 -33.26 25.45 4.35
C LEU A 85 -32.75 24.02 4.16
N VAL A 86 -31.65 23.90 3.45
CA VAL A 86 -31.09 22.58 3.17
C VAL A 86 -29.84 22.28 3.97
N PHE A 87 -29.88 21.20 4.73
CA PHE A 87 -28.74 20.78 5.51
C PHE A 87 -28.23 19.48 4.91
N LYS A 88 -26.97 19.13 5.21
CA LYS A 88 -26.38 17.90 4.72
C LYS A 88 -25.97 17.05 5.91
N GLY A 89 -26.42 15.79 5.93
CA GLY A 89 -26.07 14.91 7.02
C GLY A 89 -27.17 13.88 7.26
N GLU A 90 -27.03 13.09 8.33
CA GLU A 90 -28.04 12.10 8.67
C GLU A 90 -29.26 12.88 9.18
N PRO A 91 -30.40 12.77 8.48
CA PRO A 91 -31.66 13.47 8.82
C PRO A 91 -32.02 13.47 10.30
N GLY A 92 -31.99 12.30 10.93
CA GLY A 92 -32.29 12.22 12.35
C GLY A 92 -31.47 13.21 13.15
N GLU A 93 -30.14 13.16 13.02
CA GLU A 93 -29.26 14.07 13.73
C GLU A 93 -29.64 15.51 13.41
N VAL A 94 -29.58 15.86 12.13
CA VAL A 94 -29.90 17.21 11.69
C VAL A 94 -31.19 17.76 12.28
N LEU A 95 -32.25 16.96 12.24
CA LEU A 95 -33.54 17.40 12.76
C LEU A 95 -33.56 17.74 14.24
N VAL A 96 -32.99 16.88 15.09
CA VAL A 96 -33.01 17.18 16.52
C VAL A 96 -32.12 18.39 16.80
N ARG A 97 -31.04 18.51 16.03
CA ARG A 97 -30.13 19.63 16.20
C ARG A 97 -30.83 20.92 15.76
N CYS A 98 -31.91 20.78 15.00
CA CYS A 98 -32.67 21.94 14.54
C CYS A 98 -33.67 22.29 15.61
N LEU A 99 -34.23 21.26 16.24
CA LEU A 99 -35.21 21.44 17.29
C LEU A 99 -34.55 22.05 18.51
N GLN A 100 -33.40 21.50 18.91
CA GLN A 100 -32.73 22.03 20.08
C GLN A 100 -32.08 23.37 19.83
N GLU A 101 -32.16 23.84 18.59
CA GLU A 101 -31.57 25.11 18.22
C GLU A 101 -32.62 26.20 17.95
N TRP A 102 -33.83 25.79 17.61
CA TRP A 102 -34.87 26.77 17.32
C TRP A 102 -36.06 26.68 18.28
N LYS A 103 -36.73 27.81 18.47
CA LYS A 103 -37.90 27.86 19.33
C LYS A 103 -39.05 27.24 18.54
N VAL A 104 -38.97 25.93 18.32
CA VAL A 104 -39.99 25.21 17.58
C VAL A 104 -40.89 24.44 18.53
N LYS A 105 -42.19 24.68 18.41
CA LYS A 105 -43.18 24.02 19.26
C LYS A 105 -43.95 23.01 18.43
N ARG A 106 -44.00 23.24 17.13
CA ARG A 106 -44.73 22.34 16.23
C ARG A 106 -43.86 21.83 15.08
N LEU A 107 -43.81 20.50 14.93
CA LEU A 107 -43.04 19.88 13.87
C LEU A 107 -43.95 19.10 12.94
N CYS A 108 -43.89 19.43 11.65
CA CYS A 108 -44.73 18.79 10.66
C CYS A 108 -43.95 18.22 9.49
N PHE A 109 -44.35 17.02 9.05
CA PHE A 109 -43.77 16.36 7.89
C PHE A 109 -44.80 15.38 7.38
N GLU A 110 -44.89 15.24 6.07
CA GLU A 110 -45.85 14.32 5.48
C GLU A 110 -45.47 12.90 5.84
N TYR A 111 -46.48 12.07 6.08
CA TYR A 111 -46.25 10.68 6.45
C TYR A 111 -45.61 9.89 5.32
N ASP A 112 -45.01 8.75 5.65
CA ASP A 112 -44.44 7.86 4.65
C ASP A 112 -44.23 6.47 5.22
N THR A 113 -44.36 5.45 4.38
CA THR A 113 -44.20 4.10 4.90
C THR A 113 -42.92 3.37 4.49
N ASP A 114 -42.04 4.04 3.73
CA ASP A 114 -40.79 3.38 3.36
C ASP A 114 -40.04 3.05 4.65
N PRO A 115 -39.31 1.93 4.68
CA PRO A 115 -38.54 1.52 5.86
C PRO A 115 -37.61 2.61 6.36
N TYR A 116 -36.91 3.23 5.42
CA TYR A 116 -36.00 4.32 5.76
C TYR A 116 -36.71 5.37 6.57
N TYR A 117 -37.88 5.81 6.09
CA TYR A 117 -38.63 6.84 6.80
C TYR A 117 -39.38 6.39 8.02
N GLN A 118 -39.78 5.12 8.06
CA GLN A 118 -40.46 4.64 9.25
C GLN A 118 -39.45 4.72 10.39
N ALA A 119 -38.21 4.33 10.10
CA ALA A 119 -37.13 4.35 11.06
C ALA A 119 -36.82 5.74 11.55
N LEU A 120 -36.75 6.70 10.63
CA LEU A 120 -36.48 8.07 11.02
C LEU A 120 -37.62 8.65 11.84
N ASP A 121 -38.85 8.39 11.42
CA ASP A 121 -40.01 8.92 12.12
C ASP A 121 -40.26 8.41 13.54
N VAL A 122 -39.72 7.24 13.88
CA VAL A 122 -39.90 6.76 15.25
C VAL A 122 -38.98 7.63 16.10
N LYS A 123 -37.73 7.71 15.71
CA LYS A 123 -36.76 8.53 16.43
C LYS A 123 -37.24 9.96 16.63
N VAL A 124 -37.43 10.68 15.52
CA VAL A 124 -37.87 12.06 15.57
C VAL A 124 -39.14 12.24 16.39
N LYS A 125 -40.10 11.33 16.22
CA LYS A 125 -41.34 11.42 16.96
C LYS A 125 -41.07 11.32 18.46
N ASP A 126 -40.29 10.32 18.86
CA ASP A 126 -39.94 10.12 20.26
C ASP A 126 -39.18 11.32 20.82
N TYR A 127 -38.28 11.89 20.03
CA TYR A 127 -37.55 13.04 20.53
C TYR A 127 -38.51 14.19 20.75
N ALA A 128 -39.30 14.50 19.73
CA ALA A 128 -40.27 15.58 19.83
C ALA A 128 -41.22 15.37 21.01
N SER A 129 -41.79 14.18 21.11
CA SER A 129 -42.71 13.90 22.19
C SER A 129 -42.06 14.15 23.55
N SER A 130 -40.84 13.64 23.72
CA SER A 130 -40.16 13.82 24.98
C SER A 130 -39.65 15.24 25.23
N THR A 131 -39.72 16.11 24.23
CA THR A 131 -39.26 17.49 24.41
C THR A 131 -40.37 18.52 24.30
N GLY A 132 -41.61 18.06 24.32
CA GLY A 132 -42.72 18.99 24.25
C GLY A 132 -43.02 19.62 22.89
N VAL A 133 -42.58 18.98 21.83
CA VAL A 133 -42.84 19.50 20.49
C VAL A 133 -44.05 18.76 19.94
N GLU A 134 -45.00 19.48 19.35
CA GLU A 134 -46.17 18.84 18.78
C GLU A 134 -45.78 18.25 17.41
N VAL A 135 -46.44 17.16 17.02
CA VAL A 135 -46.12 16.53 15.76
C VAL A 135 -47.34 16.20 14.88
N PHE A 136 -47.34 16.73 13.67
CA PHE A 136 -48.40 16.49 12.72
C PHE A 136 -47.80 15.75 11.54
N SER A 137 -48.24 14.52 11.31
CA SER A 137 -47.75 13.74 10.19
C SER A 137 -48.96 13.15 9.49
N PRO A 138 -49.57 13.96 8.59
CA PRO A 138 -50.76 13.62 7.79
C PRO A 138 -50.42 12.71 6.60
N VAL A 139 -51.37 11.88 6.22
CA VAL A 139 -51.20 10.97 5.09
C VAL A 139 -51.61 11.67 3.81
N SER A 140 -50.65 12.08 2.99
CA SER A 140 -50.98 12.76 1.74
C SER A 140 -50.12 12.31 0.56
N HIS A 141 -49.22 11.37 0.80
CA HIS A 141 -48.37 10.84 -0.27
C HIS A 141 -49.18 9.79 -1.02
N THR A 142 -50.20 9.24 -0.35
CA THR A 142 -51.07 8.23 -0.97
C THR A 142 -52.54 8.57 -0.75
N LEU A 143 -53.41 7.93 -1.53
CA LEU A 143 -54.83 8.15 -1.45
C LEU A 143 -55.42 7.46 -0.22
N PHE A 144 -54.78 6.37 0.22
CA PHE A 144 -55.27 5.66 1.39
C PHE A 144 -54.20 5.51 2.48
N ASN A 145 -54.65 5.11 3.66
CA ASN A 145 -53.76 4.91 4.79
C ASN A 145 -53.57 3.41 4.90
N PRO A 146 -52.39 2.91 4.51
CA PRO A 146 -52.15 1.46 4.57
C PRO A 146 -52.68 0.80 5.85
N ALA A 147 -52.32 1.36 7.01
CA ALA A 147 -52.74 0.82 8.28
C ALA A 147 -54.26 0.63 8.37
N HIS A 148 -55.03 1.59 7.87
CA HIS A 148 -56.48 1.47 7.92
C HIS A 148 -56.95 0.29 7.08
N ILE A 149 -56.48 0.21 5.84
CA ILE A 149 -56.86 -0.86 4.94
C ILE A 149 -56.58 -2.22 5.58
N ILE A 150 -55.36 -2.38 6.06
CA ILE A 150 -54.94 -3.63 6.69
C ILE A 150 -55.77 -3.98 7.93
N GLU A 151 -56.05 -2.96 8.74
CA GLU A 151 -56.83 -3.13 9.95
C GLU A 151 -58.26 -3.53 9.60
N LYS A 152 -58.84 -2.81 8.65
CA LYS A 152 -60.19 -3.07 8.20
C LYS A 152 -60.28 -4.47 7.59
N ASN A 153 -59.33 -4.81 6.75
CA ASN A 153 -59.29 -6.11 6.09
C ASN A 153 -59.01 -7.27 7.05
N GLY A 154 -59.13 -7.01 8.34
CA GLY A 154 -58.88 -8.07 9.30
C GLY A 154 -57.57 -7.83 10.04
N GLY A 155 -56.48 -8.34 9.48
CA GLY A 155 -55.20 -8.14 10.12
C GLY A 155 -54.04 -8.08 9.14
N LYS A 156 -54.32 -8.41 7.88
CA LYS A 156 -53.28 -8.39 6.86
C LYS A 156 -53.77 -7.64 5.62
N PRO A 157 -52.86 -7.34 4.68
CA PRO A 157 -53.22 -6.63 3.46
C PRO A 157 -53.94 -7.48 2.40
N PRO A 158 -54.99 -6.92 1.76
CA PRO A 158 -55.75 -7.64 0.73
C PRO A 158 -54.78 -8.31 -0.24
N LEU A 159 -55.06 -9.57 -0.58
CA LEU A 159 -54.20 -10.34 -1.47
C LEU A 159 -54.25 -9.98 -2.96
N SER A 160 -55.16 -9.10 -3.36
CA SER A 160 -55.26 -8.75 -4.78
C SER A 160 -55.85 -7.39 -5.04
N TYR A 161 -55.45 -6.81 -6.18
CA TYR A 161 -55.93 -5.50 -6.61
C TYR A 161 -57.43 -5.42 -6.35
N GLN A 162 -58.15 -6.36 -6.97
CA GLN A 162 -59.60 -6.46 -6.84
C GLN A 162 -60.04 -6.38 -5.37
N SER A 163 -59.45 -7.25 -4.55
CA SER A 163 -59.76 -7.32 -3.14
C SER A 163 -59.40 -6.05 -2.39
N PHE A 164 -58.32 -5.40 -2.83
CA PHE A 164 -57.89 -4.17 -2.19
C PHE A 164 -58.86 -3.04 -2.46
N LEU A 165 -59.35 -2.96 -3.69
CA LEU A 165 -60.31 -1.91 -4.03
C LEU A 165 -61.62 -2.09 -3.28
N LYS A 166 -62.06 -3.34 -3.15
CA LYS A 166 -63.29 -3.62 -2.45
C LYS A 166 -63.15 -3.08 -1.03
N VAL A 167 -62.09 -3.48 -0.35
CA VAL A 167 -61.85 -3.03 1.02
C VAL A 167 -61.53 -1.54 1.09
N ALA A 168 -60.60 -1.12 0.25
CA ALA A 168 -60.17 0.27 0.22
C ALA A 168 -61.32 1.25 0.14
N GLY A 169 -62.28 0.97 -0.74
CA GLY A 169 -63.40 1.87 -0.91
C GLY A 169 -62.90 3.07 -1.68
N GLU A 170 -63.33 4.27 -1.28
CA GLU A 170 -62.90 5.46 -1.97
C GLU A 170 -62.14 6.39 -1.04
N PRO A 171 -61.11 7.08 -1.56
CA PRO A 171 -60.30 8.01 -0.77
C PRO A 171 -61.08 9.17 -0.20
N SER A 172 -60.64 9.64 0.96
CA SER A 172 -61.28 10.75 1.64
C SER A 172 -61.19 12.00 0.79
N CYS A 173 -60.07 12.17 0.10
CA CYS A 173 -59.86 13.33 -0.76
C CYS A 173 -60.92 13.44 -1.85
N ALA A 174 -61.75 12.40 -1.98
CA ALA A 174 -62.80 12.39 -2.99
C ALA A 174 -63.65 13.66 -2.92
N LYS A 175 -64.49 13.75 -1.91
CA LYS A 175 -65.36 14.92 -1.72
C LYS A 175 -64.62 16.05 -1.01
N SER A 176 -63.32 15.87 -0.79
CA SER A 176 -62.53 16.87 -0.11
C SER A 176 -62.14 18.06 -1.00
N GLU A 177 -61.86 19.19 -0.36
CA GLU A 177 -61.45 20.40 -1.07
C GLU A 177 -59.99 20.61 -0.67
N LEU A 178 -59.08 20.46 -1.63
CA LEU A 178 -57.65 20.58 -1.33
C LEU A 178 -57.12 22.01 -1.34
N VAL A 179 -56.09 22.27 -0.55
CA VAL A 179 -55.47 23.59 -0.49
C VAL A 179 -54.34 23.63 -1.53
N MET A 180 -54.56 24.33 -2.63
CA MET A 180 -53.58 24.42 -3.70
C MET A 180 -52.63 25.62 -3.63
N SER A 181 -53.01 26.67 -2.93
CA SER A 181 -52.15 27.84 -2.85
C SER A 181 -52.28 28.55 -1.51
N TYR A 182 -51.38 29.51 -1.29
CA TYR A 182 -51.38 30.27 -0.06
C TYR A 182 -51.11 31.73 -0.37
N SER A 183 -51.83 32.64 0.29
CA SER A 183 -51.64 34.06 0.08
C SER A 183 -50.22 34.39 0.50
N SER A 184 -49.82 33.87 1.65
CA SER A 184 -48.49 34.10 2.21
C SER A 184 -48.05 32.98 3.14
N LEU A 185 -46.81 33.07 3.63
CA LEU A 185 -46.22 32.07 4.51
C LEU A 185 -45.38 32.72 5.62
N PRO A 186 -45.48 32.21 6.85
CA PRO A 186 -44.72 32.76 7.98
C PRO A 186 -43.26 32.97 7.64
N PRO A 187 -42.68 34.07 8.11
CA PRO A 187 -41.27 34.31 7.82
C PRO A 187 -40.45 33.16 8.42
N ILE A 188 -39.27 32.94 7.86
CA ILE A 188 -38.41 31.86 8.30
C ILE A 188 -38.18 31.90 9.82
N GLY A 189 -37.57 32.96 10.33
CA GLY A 189 -37.32 33.03 11.76
C GLY A 189 -35.85 32.76 12.05
N ASP A 190 -35.36 33.29 13.18
CA ASP A 190 -33.96 33.12 13.56
C ASP A 190 -33.33 31.80 13.12
N ILE A 191 -32.30 31.89 12.29
CA ILE A 191 -31.64 30.70 11.79
C ILE A 191 -30.70 30.11 12.85
N GLY A 192 -30.52 30.85 13.94
CA GLY A 192 -29.65 30.37 15.00
C GLY A 192 -28.27 30.03 14.46
N ASN A 193 -27.58 29.11 15.11
CA ASN A 193 -26.25 28.73 14.67
C ASN A 193 -26.22 27.34 14.03
N LEU A 194 -26.59 27.29 12.74
CA LEU A 194 -26.61 26.04 11.99
C LEU A 194 -26.03 26.32 10.59
N GLY A 195 -25.39 25.31 10.01
CA GLY A 195 -24.80 25.48 8.69
C GLY A 195 -25.85 25.70 7.61
N ILE A 196 -26.43 26.89 7.58
CA ILE A 196 -27.45 27.23 6.61
C ILE A 196 -26.92 26.97 5.21
N SER A 197 -27.72 26.32 4.38
CA SER A 197 -27.26 26.01 3.03
C SER A 197 -28.34 26.08 1.95
N GLU A 198 -27.90 26.40 0.75
CA GLU A 198 -28.76 26.48 -0.42
C GLU A 198 -28.67 25.11 -1.09
N VAL A 199 -29.61 24.81 -2.00
CA VAL A 199 -29.59 23.53 -2.69
C VAL A 199 -28.22 23.31 -3.34
N PRO A 200 -27.59 22.17 -3.06
CA PRO A 200 -26.26 21.83 -3.60
C PRO A 200 -26.28 21.37 -5.06
N SER A 201 -25.24 21.76 -5.79
CA SER A 201 -25.10 21.39 -7.20
C SER A 201 -24.53 19.97 -7.32
N LEU A 202 -24.66 19.35 -8.50
CA LEU A 202 -24.11 18.02 -8.68
C LEU A 202 -22.62 18.03 -8.39
N GLU A 203 -21.96 19.12 -8.76
CA GLU A 203 -20.53 19.25 -8.53
C GLU A 203 -20.21 19.20 -7.03
N GLU A 204 -20.97 19.95 -6.25
CA GLU A 204 -20.76 19.96 -4.82
C GLU A 204 -21.01 18.57 -4.25
N LEU A 205 -21.86 17.78 -4.89
CA LEU A 205 -22.13 16.43 -4.41
C LEU A 205 -21.00 15.48 -4.82
N GLY A 206 -19.97 16.03 -5.45
CA GLY A 206 -18.81 15.24 -5.85
C GLY A 206 -18.79 14.70 -7.28
N TYR A 207 -19.62 15.21 -8.17
CA TYR A 207 -19.64 14.71 -9.52
C TYR A 207 -18.85 15.51 -10.54
N LYS A 208 -17.99 14.81 -11.29
CA LYS A 208 -17.17 15.43 -12.34
C LYS A 208 -18.10 15.82 -13.48
N ASP A 209 -17.65 16.69 -14.38
CA ASP A 209 -18.49 17.13 -15.49
C ASP A 209 -18.87 16.05 -16.49
N ASP A 210 -17.96 15.11 -16.76
CA ASP A 210 -18.27 14.05 -17.72
C ASP A 210 -19.41 13.17 -17.18
N GLU A 211 -19.60 13.22 -15.87
CA GLU A 211 -20.65 12.47 -15.20
C GLU A 211 -21.96 13.27 -15.28
N GLN A 212 -21.87 14.48 -15.84
CA GLN A 212 -23.04 15.33 -15.95
C GLN A 212 -23.45 15.60 -17.40
N ALA A 213 -22.72 15.00 -18.34
CA ALA A 213 -23.00 15.20 -19.76
C ALA A 213 -24.42 14.84 -20.21
N ASP A 214 -24.89 13.63 -19.87
CA ASP A 214 -26.22 13.19 -20.26
C ASP A 214 -27.31 13.89 -19.47
N TRP A 215 -28.52 13.90 -20.01
CA TRP A 215 -29.64 14.52 -19.33
C TRP A 215 -30.90 13.74 -19.62
N THR A 216 -31.57 13.28 -18.58
CA THR A 216 -32.83 12.58 -18.77
C THR A 216 -33.74 13.69 -19.30
N PRO A 217 -34.71 13.37 -20.17
CA PRO A 217 -35.57 14.43 -20.67
C PRO A 217 -36.70 14.88 -19.74
N PHE A 218 -36.55 14.70 -18.44
CA PHE A 218 -37.63 15.12 -17.56
C PHE A 218 -37.20 15.97 -16.37
N ARG A 219 -37.44 17.28 -16.45
CA ARG A 219 -37.10 18.19 -15.37
C ARG A 219 -37.96 17.90 -14.14
N GLY A 220 -37.41 18.11 -12.95
CA GLY A 220 -38.18 17.85 -11.75
C GLY A 220 -38.87 19.07 -11.18
N GLY A 221 -39.53 18.92 -10.04
CA GLY A 221 -40.20 20.05 -9.42
C GLY A 221 -41.70 20.05 -9.56
N GLU A 222 -42.37 20.75 -8.64
CA GLU A 222 -43.83 20.85 -8.64
C GLU A 222 -44.30 21.61 -9.88
N SER A 223 -43.56 22.66 -10.25
CA SER A 223 -43.93 23.44 -11.41
C SER A 223 -44.07 22.55 -12.63
N GLU A 224 -42.99 21.86 -13.01
CA GLU A 224 -43.04 20.94 -14.15
C GLU A 224 -44.17 19.95 -13.92
N ALA A 225 -44.24 19.39 -12.72
CA ALA A 225 -45.27 18.42 -12.37
C ALA A 225 -46.65 18.87 -12.84
N LEU A 226 -47.12 19.98 -12.29
CA LEU A 226 -48.43 20.53 -12.61
C LEU A 226 -48.57 20.84 -14.09
N LYS A 227 -47.51 21.40 -14.66
CA LYS A 227 -47.54 21.74 -16.07
C LYS A 227 -47.78 20.47 -16.91
N ARG A 228 -46.96 19.45 -16.67
CA ARG A 228 -47.09 18.19 -17.41
C ARG A 228 -48.40 17.45 -17.17
N LEU A 229 -48.98 17.62 -15.99
CA LEU A 229 -50.23 16.93 -15.73
C LEU A 229 -51.22 17.52 -16.72
N THR A 230 -51.20 18.84 -16.81
CA THR A 230 -52.07 19.59 -17.69
C THR A 230 -51.93 19.07 -19.11
N LYS A 231 -50.71 18.81 -19.54
CA LYS A 231 -50.53 18.29 -20.89
C LYS A 231 -50.96 16.83 -20.98
N SER A 232 -50.61 16.05 -19.97
CA SER A 232 -50.93 14.63 -19.94
C SER A 232 -52.41 14.29 -20.00
N ILE A 233 -53.26 15.17 -19.51
CA ILE A 233 -54.70 14.89 -19.54
C ILE A 233 -55.53 15.92 -20.29
N SER A 234 -54.91 16.69 -21.16
CA SER A 234 -55.66 17.70 -21.91
C SER A 234 -56.66 17.04 -22.87
N ASP A 235 -56.28 15.90 -23.44
CA ASP A 235 -57.15 15.18 -24.36
C ASP A 235 -58.14 14.29 -23.58
N LYS A 236 -59.30 14.84 -23.29
CA LYS A 236 -60.37 14.13 -22.55
C LYS A 236 -60.74 12.76 -23.08
N ALA A 237 -60.76 12.58 -24.39
CA ALA A 237 -61.12 11.29 -24.96
C ALA A 237 -60.03 10.27 -24.65
N TRP A 238 -58.78 10.68 -24.82
CA TRP A 238 -57.65 9.80 -24.55
C TRP A 238 -57.69 9.31 -23.10
N VAL A 239 -57.78 10.24 -22.16
CA VAL A 239 -57.84 9.85 -20.77
C VAL A 239 -59.10 9.04 -20.50
N ALA A 240 -60.17 9.34 -21.22
CA ALA A 240 -61.42 8.61 -21.01
C ALA A 240 -61.35 7.18 -21.53
N ASN A 241 -60.63 6.98 -22.63
CA ASN A 241 -60.49 5.66 -23.24
C ASN A 241 -59.19 4.94 -22.88
N PHE A 242 -58.54 5.41 -21.81
CA PHE A 242 -57.26 4.87 -21.33
C PHE A 242 -57.27 3.39 -20.92
N GLU A 243 -56.39 2.62 -21.55
CA GLU A 243 -56.27 1.19 -21.25
C GLU A 243 -54.80 0.79 -21.24
N LYS A 244 -54.21 0.79 -20.05
CA LYS A 244 -52.79 0.47 -19.84
C LYS A 244 -52.17 -0.65 -20.68
N PRO A 245 -52.80 -1.83 -20.73
CA PRO A 245 -52.24 -2.93 -21.52
C PRO A 245 -52.12 -2.66 -23.02
N LYS A 246 -52.91 -1.74 -23.52
CA LYS A 246 -52.89 -1.42 -24.94
C LYS A 246 -51.87 -0.36 -25.34
N GLY A 247 -51.03 0.07 -24.40
CA GLY A 247 -50.05 1.09 -24.74
C GLY A 247 -48.87 0.55 -25.55
N ASP A 248 -48.24 1.43 -26.32
CA ASP A 248 -47.09 1.05 -27.15
C ASP A 248 -45.75 1.23 -26.40
N PRO A 249 -45.10 0.13 -26.02
CA PRO A 249 -43.83 0.23 -25.31
C PRO A 249 -42.70 0.84 -26.13
N SER A 250 -42.79 0.75 -27.46
CA SER A 250 -41.74 1.26 -28.35
C SER A 250 -41.88 2.74 -28.66
N ALA A 251 -43.01 3.34 -28.30
CA ALA A 251 -43.21 4.76 -28.56
C ALA A 251 -42.36 5.64 -27.65
N PHE A 252 -41.24 6.15 -28.16
CA PHE A 252 -40.39 6.97 -27.33
C PHE A 252 -40.51 8.47 -27.62
N LEU A 253 -40.73 8.84 -28.89
CA LEU A 253 -40.87 10.25 -29.25
C LEU A 253 -42.05 10.85 -28.49
N LYS A 254 -43.10 10.06 -28.31
CA LYS A 254 -44.26 10.50 -27.58
C LYS A 254 -44.69 9.33 -26.70
N PRO A 255 -44.12 9.23 -25.48
CA PRO A 255 -44.45 8.14 -24.55
C PRO A 255 -45.94 7.80 -24.55
N ALA A 256 -46.26 6.52 -24.51
CA ALA A 256 -47.66 6.07 -24.52
C ALA A 256 -48.43 6.32 -23.23
N THR A 257 -47.76 6.80 -22.19
CA THR A 257 -48.44 7.08 -20.93
C THR A 257 -48.03 8.44 -20.40
N THR A 258 -48.62 8.86 -19.28
CA THR A 258 -48.36 10.19 -18.70
C THR A 258 -46.94 10.56 -18.28
N VAL A 259 -46.17 9.58 -17.82
CA VAL A 259 -44.82 9.81 -17.33
C VAL A 259 -44.87 10.75 -16.11
N MET A 260 -45.93 10.63 -15.30
CA MET A 260 -46.08 11.46 -14.11
C MET A 260 -45.37 10.73 -12.98
N SER A 261 -44.95 9.52 -13.31
CA SER A 261 -44.22 8.62 -12.43
C SER A 261 -43.18 9.27 -11.51
N PRO A 262 -42.22 10.02 -12.08
CA PRO A 262 -41.23 10.64 -11.19
C PRO A 262 -41.75 11.76 -10.30
N TYR A 263 -42.80 12.44 -10.72
CA TYR A 263 -43.35 13.52 -9.92
C TYR A 263 -44.20 12.98 -8.77
N LEU A 264 -44.82 11.83 -8.98
CA LEU A 264 -45.64 11.24 -7.93
C LEU A 264 -44.75 10.57 -6.91
N LYS A 265 -43.55 10.19 -7.32
CA LYS A 265 -42.60 9.52 -6.44
C LYS A 265 -41.95 10.47 -5.45
N PHE A 266 -41.59 11.65 -5.92
CA PHE A 266 -40.97 12.63 -5.04
C PHE A 266 -42.01 13.56 -4.46
N GLY A 267 -43.28 13.26 -4.69
CA GLY A 267 -44.34 14.11 -4.19
C GLY A 267 -44.41 15.48 -4.86
N CYS A 268 -43.76 15.62 -6.02
CA CYS A 268 -43.82 16.89 -6.74
C CYS A 268 -45.27 17.14 -7.12
N LEU A 269 -46.02 16.05 -7.33
CA LEU A 269 -47.42 16.15 -7.66
C LEU A 269 -48.23 15.38 -6.64
N SER A 270 -49.26 16.01 -6.07
CA SER A 270 -50.10 15.33 -5.11
C SER A 270 -50.85 14.30 -5.92
N SER A 271 -51.04 13.10 -5.37
CA SER A 271 -51.77 12.07 -6.09
C SER A 271 -53.25 12.25 -5.82
N ARG A 272 -53.59 13.08 -4.82
CA ARG A 272 -54.97 13.32 -4.50
C ARG A 272 -55.52 14.30 -5.54
N TYR A 273 -54.72 15.29 -5.88
CA TYR A 273 -55.13 16.25 -6.89
C TYR A 273 -55.33 15.52 -8.22
N PHE A 274 -54.33 14.72 -8.59
CA PHE A 274 -54.37 13.94 -9.81
C PHE A 274 -55.67 13.14 -9.81
N TYR A 275 -55.88 12.37 -8.76
CA TYR A 275 -57.07 11.54 -8.62
C TYR A 275 -58.33 12.40 -8.75
N GLN A 276 -58.29 13.61 -8.21
CA GLN A 276 -59.43 14.50 -8.30
C GLN A 276 -59.66 14.96 -9.73
N CYS A 277 -58.59 15.29 -10.45
CA CYS A 277 -58.72 15.73 -11.83
C CYS A 277 -59.39 14.63 -12.66
N LEU A 278 -58.87 13.41 -12.54
CA LEU A 278 -59.37 12.27 -13.28
C LEU A 278 -60.85 12.11 -13.02
N GLN A 279 -61.23 12.28 -11.76
CA GLN A 279 -62.62 12.16 -11.34
C GLN A 279 -63.46 13.19 -12.10
N ASN A 280 -63.00 14.44 -12.11
CA ASN A 280 -63.72 15.50 -12.80
C ASN A 280 -63.93 15.17 -14.26
N ILE A 281 -62.86 14.87 -14.97
CA ILE A 281 -63.00 14.58 -16.39
C ILE A 281 -63.74 13.27 -16.65
N TYR A 282 -63.90 12.44 -15.63
CA TYR A 282 -64.63 11.18 -15.80
C TYR A 282 -66.12 11.45 -15.80
N LYS A 283 -66.55 12.40 -14.98
CA LYS A 283 -67.97 12.74 -14.91
C LYS A 283 -68.36 13.69 -16.04
N ASP A 284 -67.37 14.35 -16.64
CA ASP A 284 -67.60 15.29 -17.74
C ASP A 284 -67.86 14.60 -19.07
N VAL A 285 -67.60 13.30 -19.14
CA VAL A 285 -67.84 12.56 -20.35
C VAL A 285 -69.10 11.74 -20.14
N LYS A 286 -68.93 10.51 -19.66
CA LYS A 286 -70.05 9.60 -19.40
C LYS A 286 -69.49 8.20 -19.52
N LYS A 287 -68.81 7.96 -20.64
CA LYS A 287 -68.21 6.68 -20.95
C LYS A 287 -66.69 6.76 -20.84
N HIS A 288 -66.14 6.02 -19.88
CA HIS A 288 -64.70 5.98 -19.66
C HIS A 288 -64.30 4.62 -19.10
N THR A 289 -63.03 4.28 -19.25
CA THR A 289 -62.52 3.01 -18.76
C THR A 289 -62.48 2.97 -17.24
N SER A 290 -62.41 1.77 -16.69
CA SER A 290 -62.37 1.60 -15.24
C SER A 290 -61.17 0.77 -14.82
N PRO A 291 -60.92 0.66 -13.52
CA PRO A 291 -59.77 -0.16 -13.12
C PRO A 291 -60.07 -1.60 -13.51
N PRO A 292 -59.02 -2.42 -13.65
CA PRO A 292 -57.63 -2.00 -13.44
C PRO A 292 -56.98 -1.17 -14.56
N VAL A 293 -57.41 -1.38 -15.81
CA VAL A 293 -56.80 -0.68 -16.94
C VAL A 293 -56.91 0.84 -17.06
N SER A 294 -57.83 1.47 -16.34
CA SER A 294 -58.01 2.93 -16.44
C SER A 294 -56.81 3.71 -15.93
N LEU A 295 -56.76 4.99 -16.29
CA LEU A 295 -55.67 5.84 -15.84
C LEU A 295 -55.76 6.00 -14.33
N LEU A 296 -56.99 6.21 -13.85
CA LEU A 296 -57.21 6.34 -12.42
C LEU A 296 -56.88 4.98 -11.82
N GLY A 297 -57.15 3.92 -12.58
CA GLY A 297 -56.85 2.58 -12.11
C GLY A 297 -55.36 2.40 -11.84
N GLN A 298 -54.55 3.22 -12.48
CA GLN A 298 -53.10 3.14 -12.31
C GLN A 298 -52.68 3.75 -10.98
N LEU A 299 -53.37 4.80 -10.53
CA LEU A 299 -53.06 5.42 -9.24
C LEU A 299 -53.43 4.40 -8.17
N LEU A 300 -54.31 3.49 -8.55
CA LEU A 300 -54.77 2.45 -7.66
C LEU A 300 -53.76 1.31 -7.55
N TRP A 301 -52.94 1.13 -8.58
CA TRP A 301 -51.93 0.09 -8.50
C TRP A 301 -50.87 0.57 -7.51
N ARG A 302 -50.62 1.88 -7.54
CA ARG A 302 -49.66 2.48 -6.64
C ARG A 302 -50.18 2.19 -5.22
N GLU A 303 -51.46 2.47 -4.99
CA GLU A 303 -52.05 2.23 -3.68
C GLU A 303 -51.92 0.77 -3.25
N PHE A 304 -52.23 -0.14 -4.16
CA PHE A 304 -52.16 -1.58 -3.87
C PHE A 304 -50.80 -2.04 -3.37
N PHE A 305 -49.73 -1.63 -4.05
CA PHE A 305 -48.39 -2.04 -3.64
C PHE A 305 -47.94 -1.38 -2.35
N TYR A 306 -48.29 -0.11 -2.18
CA TYR A 306 -47.93 0.61 -0.97
C TYR A 306 -48.53 -0.09 0.23
N THR A 307 -49.82 -0.40 0.14
CA THR A 307 -50.50 -1.08 1.25
C THR A 307 -49.90 -2.44 1.50
N THR A 308 -49.68 -3.20 0.43
CA THR A 308 -49.10 -4.52 0.57
C THR A 308 -47.67 -4.43 1.10
N ALA A 309 -46.90 -3.47 0.59
CA ALA A 309 -45.52 -3.27 1.04
C ALA A 309 -45.46 -2.90 2.52
N PHE A 310 -46.37 -2.03 2.95
CA PHE A 310 -46.38 -1.61 4.34
C PHE A 310 -46.79 -2.73 5.31
N GLY A 311 -47.52 -3.71 4.81
CA GLY A 311 -47.96 -4.80 5.68
C GLY A 311 -47.10 -6.04 5.57
N THR A 312 -46.03 -5.99 4.77
CA THR A 312 -45.19 -7.16 4.62
C THR A 312 -43.73 -7.01 5.05
N PRO A 313 -43.35 -7.66 6.16
CA PRO A 313 -41.97 -7.58 6.62
C PRO A 313 -41.03 -8.20 5.58
N ASN A 314 -39.81 -7.69 5.50
CA ASN A 314 -38.83 -8.20 4.54
C ASN A 314 -39.37 -8.12 3.10
N PHE A 315 -40.32 -7.21 2.88
CA PHE A 315 -40.95 -7.02 1.57
C PHE A 315 -39.92 -6.90 0.46
N ASP A 316 -38.83 -6.18 0.73
CA ASP A 316 -37.80 -5.97 -0.27
C ASP A 316 -36.81 -7.13 -0.42
N LYS A 317 -37.21 -8.32 0.02
CA LYS A 317 -36.35 -9.49 -0.12
C LYS A 317 -37.13 -10.80 -0.09
N MET A 318 -36.54 -11.84 -0.68
CA MET A 318 -37.16 -13.14 -0.71
C MET A 318 -37.16 -13.79 0.67
N LYS A 319 -35.99 -13.94 1.28
CA LYS A 319 -35.89 -14.58 2.60
C LYS A 319 -36.51 -13.77 3.74
N GLY A 320 -37.53 -14.36 4.36
CA GLY A 320 -38.22 -13.73 5.47
C GLY A 320 -39.54 -13.16 5.01
N ASN A 321 -39.72 -13.11 3.70
CA ASN A 321 -40.92 -12.56 3.08
C ASN A 321 -42.08 -13.55 3.09
N ARG A 322 -43.06 -13.29 3.93
CA ARG A 322 -44.25 -14.14 4.03
C ARG A 322 -44.91 -14.40 2.68
N ILE A 323 -44.95 -13.39 1.81
CA ILE A 323 -45.62 -13.53 0.52
C ILE A 323 -44.79 -13.91 -0.70
N CYS A 324 -43.48 -14.06 -0.53
CA CYS A 324 -42.63 -14.38 -1.68
C CYS A 324 -42.19 -15.82 -1.82
N LYS A 325 -42.47 -16.42 -2.96
CA LYS A 325 -42.06 -17.80 -3.19
C LYS A 325 -40.56 -17.95 -3.10
N GLN A 326 -40.11 -19.00 -2.43
CA GLN A 326 -38.68 -19.24 -2.28
C GLN A 326 -38.18 -19.94 -3.52
N ILE A 327 -37.29 -19.29 -4.23
CA ILE A 327 -36.77 -19.82 -5.47
C ILE A 327 -35.26 -19.71 -5.51
N PRO A 328 -34.59 -20.80 -5.92
CA PRO A 328 -33.13 -20.83 -6.00
C PRO A 328 -32.63 -20.12 -7.25
N TRP A 329 -32.66 -18.79 -7.23
CA TRP A 329 -32.20 -18.01 -8.36
C TRP A 329 -30.69 -18.12 -8.44
N ASN A 330 -30.14 -17.88 -9.62
CA ASN A 330 -28.69 -17.93 -9.76
C ASN A 330 -28.14 -16.56 -9.38
N GLU A 331 -26.82 -16.48 -9.35
CA GLU A 331 -26.11 -15.25 -9.07
C GLU A 331 -25.02 -15.35 -10.13
N ASP A 332 -24.70 -14.24 -10.78
CA ASP A 332 -23.69 -14.31 -11.83
C ASP A 332 -23.36 -12.90 -12.30
N HIS A 333 -22.48 -12.22 -11.57
CA HIS A 333 -22.13 -10.84 -11.91
C HIS A 333 -21.87 -10.61 -13.39
N ALA A 334 -21.51 -11.67 -14.12
CA ALA A 334 -21.25 -11.54 -15.56
C ALA A 334 -22.58 -11.44 -16.34
N MET A 335 -23.54 -12.27 -15.95
CA MET A 335 -24.84 -12.26 -16.59
C MET A 335 -25.61 -10.99 -16.20
N LEU A 336 -25.56 -10.64 -14.92
CA LEU A 336 -26.23 -9.45 -14.42
C LEU A 336 -25.67 -8.24 -15.15
N ALA A 337 -24.35 -8.20 -15.27
CA ALA A 337 -23.68 -7.10 -15.92
C ALA A 337 -24.10 -6.96 -17.39
N ALA A 338 -24.17 -8.08 -18.09
CA ALA A 338 -24.55 -8.09 -19.49
C ALA A 338 -25.94 -7.49 -19.65
N TRP A 339 -26.82 -7.82 -18.71
CA TRP A 339 -28.19 -7.33 -18.71
C TRP A 339 -28.24 -5.86 -18.29
N ARG A 340 -27.56 -5.54 -17.19
CA ARG A 340 -27.52 -4.18 -16.66
C ARG A 340 -27.03 -3.16 -17.67
N ASP A 341 -25.91 -3.43 -18.33
CA ASP A 341 -25.38 -2.47 -19.31
C ASP A 341 -26.00 -2.58 -20.70
N GLY A 342 -26.89 -3.55 -20.89
CA GLY A 342 -27.51 -3.72 -22.19
C GLY A 342 -26.56 -4.29 -23.24
N LYS A 343 -26.02 -5.46 -22.94
CA LYS A 343 -25.09 -6.16 -23.82
C LYS A 343 -25.51 -7.62 -23.87
N THR A 344 -26.82 -7.86 -23.79
CA THR A 344 -27.36 -9.22 -23.79
C THR A 344 -27.35 -9.85 -25.16
N GLY A 345 -27.38 -9.03 -26.20
CA GLY A 345 -27.38 -9.57 -27.55
C GLY A 345 -28.73 -9.42 -28.25
N TYR A 346 -29.81 -9.31 -27.48
CA TYR A 346 -31.12 -9.14 -28.06
C TYR A 346 -31.40 -7.64 -28.11
N PRO A 347 -31.36 -7.04 -29.32
CA PRO A 347 -31.59 -5.61 -29.52
C PRO A 347 -32.77 -5.02 -28.75
N TRP A 348 -33.89 -5.74 -28.68
CA TRP A 348 -35.06 -5.23 -27.96
C TRP A 348 -34.72 -5.00 -26.49
N ILE A 349 -34.20 -6.04 -25.84
CA ILE A 349 -33.83 -5.94 -24.44
C ILE A 349 -32.73 -4.91 -24.21
N ASP A 350 -31.69 -4.92 -25.05
CA ASP A 350 -30.61 -3.97 -24.88
C ASP A 350 -31.07 -2.53 -25.11
N ALA A 351 -31.96 -2.34 -26.08
CA ALA A 351 -32.47 -1.01 -26.36
C ALA A 351 -33.21 -0.48 -25.14
N ILE A 352 -33.99 -1.35 -24.50
CA ILE A 352 -34.76 -0.98 -23.33
C ILE A 352 -33.85 -0.66 -22.16
N MET A 353 -32.85 -1.51 -21.91
CA MET A 353 -31.93 -1.25 -20.80
C MET A 353 -31.16 0.04 -21.00
N VAL A 354 -30.97 0.46 -22.24
CA VAL A 354 -30.27 1.70 -22.50
C VAL A 354 -31.21 2.87 -22.21
N GLN A 355 -32.49 2.71 -22.48
CA GLN A 355 -33.41 3.80 -22.17
C GLN A 355 -33.46 3.98 -20.66
N LEU A 356 -33.30 2.89 -19.92
CA LEU A 356 -33.30 2.93 -18.47
C LEU A 356 -32.17 3.86 -18.07
N LEU A 357 -30.97 3.54 -18.53
CA LEU A 357 -29.79 4.32 -18.23
C LEU A 357 -29.81 5.77 -18.70
N LYS A 358 -30.40 6.03 -19.87
CA LYS A 358 -30.42 7.39 -20.38
C LYS A 358 -31.64 8.23 -20.00
N TRP A 359 -32.81 7.59 -19.89
CA TRP A 359 -34.02 8.29 -19.50
C TRP A 359 -34.39 8.08 -18.03
N GLY A 360 -34.04 6.92 -17.49
CA GLY A 360 -34.40 6.66 -16.11
C GLY A 360 -35.90 6.39 -16.08
N TRP A 361 -36.44 6.02 -17.23
CA TRP A 361 -37.87 5.72 -17.39
C TRP A 361 -38.10 4.94 -18.67
N MET A 362 -39.03 3.98 -18.62
CA MET A 362 -39.41 3.18 -19.78
C MET A 362 -40.87 2.82 -19.57
N HIS A 363 -41.58 2.57 -20.67
CA HIS A 363 -42.98 2.22 -20.59
C HIS A 363 -43.15 0.95 -19.75
N HIS A 364 -44.29 0.82 -19.09
CA HIS A 364 -44.56 -0.35 -18.26
C HIS A 364 -44.23 -1.71 -18.93
N LEU A 365 -44.71 -1.90 -20.16
CA LEU A 365 -44.45 -3.14 -20.86
C LEU A 365 -42.95 -3.38 -21.09
N ALA A 366 -42.19 -2.33 -21.39
CA ALA A 366 -40.75 -2.49 -21.58
C ALA A 366 -40.13 -3.00 -20.27
N ARG A 367 -40.53 -2.40 -19.15
CA ARG A 367 -40.04 -2.80 -17.84
C ARG A 367 -40.41 -4.27 -17.67
N HIS A 368 -41.55 -4.66 -18.19
CA HIS A 368 -41.98 -6.05 -18.11
C HIS A 368 -40.97 -7.01 -18.77
N CYS A 369 -40.71 -6.76 -20.05
CA CYS A 369 -39.81 -7.59 -20.83
C CYS A 369 -38.43 -7.85 -20.23
N VAL A 370 -37.72 -6.78 -19.90
CA VAL A 370 -36.38 -6.91 -19.33
C VAL A 370 -36.38 -7.55 -17.93
N ALA A 371 -37.47 -7.38 -17.19
CA ALA A 371 -37.53 -7.95 -15.86
C ALA A 371 -37.78 -9.44 -15.98
N CYS A 372 -38.55 -9.82 -17.00
CA CYS A 372 -38.85 -11.22 -17.25
C CYS A 372 -37.59 -11.91 -17.75
N PHE A 373 -36.99 -11.32 -18.78
CA PHE A 373 -35.77 -11.86 -19.37
C PHE A 373 -34.71 -12.12 -18.29
N LEU A 374 -34.58 -11.17 -17.37
CA LEU A 374 -33.59 -11.27 -16.31
C LEU A 374 -33.90 -12.31 -15.27
N THR A 375 -35.18 -12.51 -14.93
CA THR A 375 -35.50 -13.50 -13.91
C THR A 375 -36.02 -14.85 -14.44
N ARG A 376 -37.31 -15.12 -14.26
CA ARG A 376 -37.87 -16.40 -14.69
C ARG A 376 -38.13 -16.55 -16.19
N GLY A 377 -37.59 -15.62 -16.97
CA GLY A 377 -37.78 -15.70 -18.41
C GLY A 377 -36.62 -16.39 -19.13
N ASP A 378 -35.40 -15.92 -18.90
CA ASP A 378 -34.24 -16.50 -19.56
C ASP A 378 -32.98 -16.71 -18.69
N LEU A 379 -32.45 -15.63 -18.12
CA LEU A 379 -31.23 -15.69 -17.30
C LEU A 379 -31.34 -16.34 -15.92
N PHE A 380 -32.52 -16.23 -15.30
CA PHE A 380 -32.76 -16.79 -13.97
C PHE A 380 -31.92 -16.17 -12.86
N ILE A 381 -31.61 -14.88 -13.00
CA ILE A 381 -30.85 -14.12 -12.00
C ILE A 381 -31.84 -13.66 -10.93
N HIS A 382 -31.38 -13.55 -9.68
CA HIS A 382 -32.23 -13.11 -8.57
C HIS A 382 -32.95 -11.79 -8.85
N TRP A 383 -34.25 -11.73 -8.59
CA TRP A 383 -34.99 -10.50 -8.83
C TRP A 383 -34.47 -9.33 -8.00
N GLU A 384 -33.92 -9.63 -6.83
CA GLU A 384 -33.37 -8.59 -5.98
C GLU A 384 -32.27 -7.85 -6.76
N GLN A 385 -31.67 -8.54 -7.72
CA GLN A 385 -30.61 -7.95 -8.53
C GLN A 385 -31.17 -6.98 -9.57
N GLY A 386 -32.25 -7.37 -10.23
CA GLY A 386 -32.83 -6.46 -11.20
C GLY A 386 -33.39 -5.29 -10.42
N ARG A 387 -33.95 -5.61 -9.26
CA ARG A 387 -34.53 -4.61 -8.37
C ARG A 387 -33.48 -3.55 -8.02
N ASP A 388 -32.29 -3.99 -7.63
CA ASP A 388 -31.23 -3.04 -7.27
C ASP A 388 -30.82 -2.19 -8.46
N VAL A 389 -30.74 -2.79 -9.64
CA VAL A 389 -30.36 -2.04 -10.83
C VAL A 389 -31.41 -0.97 -11.12
N PHE A 390 -32.67 -1.38 -11.06
CA PHE A 390 -33.79 -0.48 -11.28
C PHE A 390 -33.82 0.61 -10.22
N GLU A 391 -33.62 0.24 -8.96
CA GLU A 391 -33.66 1.21 -7.86
C GLU A 391 -32.75 2.42 -8.02
N ARG A 392 -31.56 2.24 -8.58
CA ARG A 392 -30.74 3.42 -8.73
C ARG A 392 -30.82 4.07 -10.10
N LEU A 393 -31.27 3.34 -11.11
CA LEU A 393 -31.38 3.92 -12.43
C LEU A 393 -32.68 4.68 -12.71
N LEU A 394 -33.82 4.13 -12.28
CA LEU A 394 -35.10 4.79 -12.51
C LEU A 394 -35.19 6.14 -11.83
N ILE A 395 -35.66 7.16 -12.55
CA ILE A 395 -35.78 8.46 -11.92
C ILE A 395 -37.06 8.45 -11.11
N ASP A 396 -37.85 7.38 -11.23
CA ASP A 396 -39.09 7.27 -10.46
C ASP A 396 -38.99 6.12 -9.46
N SER A 397 -37.75 5.73 -9.15
CA SER A 397 -37.51 4.64 -8.22
C SER A 397 -38.35 4.79 -6.96
N ASP A 398 -39.20 3.81 -6.71
CA ASP A 398 -40.09 3.82 -5.56
C ASP A 398 -40.00 2.46 -4.86
N TRP A 399 -39.71 2.49 -3.57
CA TRP A 399 -39.55 1.27 -2.81
C TRP A 399 -40.72 0.30 -2.94
N ALA A 400 -41.90 0.72 -2.52
CA ALA A 400 -43.08 -0.16 -2.58
C ALA A 400 -43.38 -0.62 -4.00
N ILE A 401 -43.47 0.31 -4.93
CA ILE A 401 -43.78 -0.03 -6.31
C ILE A 401 -42.76 -0.94 -6.98
N ASN A 402 -41.48 -0.57 -6.92
CA ASN A 402 -40.43 -1.34 -7.55
C ASN A 402 -40.27 -2.78 -7.02
N ASN A 403 -40.31 -2.95 -5.70
CA ASN A 403 -40.18 -4.28 -5.13
C ASN A 403 -41.37 -5.13 -5.47
N GLY A 404 -42.55 -4.53 -5.37
CA GLY A 404 -43.78 -5.24 -5.66
C GLY A 404 -43.77 -5.74 -7.09
N ASN A 405 -43.38 -4.88 -8.03
CA ASN A 405 -43.36 -5.25 -9.43
C ASN A 405 -42.31 -6.28 -9.80
N TRP A 406 -41.15 -6.24 -9.15
CA TRP A 406 -40.15 -7.25 -9.46
C TRP A 406 -40.62 -8.60 -8.94
N MET A 407 -41.39 -8.61 -7.86
CA MET A 407 -41.86 -9.88 -7.34
C MET A 407 -42.94 -10.40 -8.27
N TRP A 408 -43.63 -9.48 -8.91
CA TRP A 408 -44.70 -9.82 -9.83
C TRP A 408 -44.13 -10.40 -11.11
N LEU A 409 -43.20 -9.66 -11.73
CA LEU A 409 -42.59 -10.12 -12.98
C LEU A 409 -41.71 -11.36 -12.83
N SER A 410 -41.32 -11.67 -11.60
CA SER A 410 -40.50 -12.86 -11.35
C SER A 410 -41.41 -13.99 -10.89
N CYS A 411 -42.72 -13.76 -10.95
CA CYS A 411 -43.69 -14.75 -10.51
C CYS A 411 -43.30 -15.29 -9.12
N SER A 412 -42.85 -14.39 -8.25
CA SER A 412 -42.49 -14.78 -6.90
C SER A 412 -43.71 -14.48 -6.02
N SER A 413 -44.58 -13.59 -6.49
CA SER A 413 -45.79 -13.26 -5.74
C SER A 413 -46.78 -12.53 -6.63
N PHE A 414 -48.04 -12.49 -6.20
CA PHE A 414 -49.11 -11.80 -6.93
C PHE A 414 -49.59 -12.48 -8.22
N PHE A 415 -48.64 -12.89 -9.04
CA PHE A 415 -48.90 -13.49 -10.34
C PHE A 415 -48.06 -14.77 -10.40
N TYR A 416 -48.66 -15.86 -10.86
CA TYR A 416 -47.93 -17.12 -10.89
C TYR A 416 -48.00 -17.94 -12.17
N GLN A 417 -48.45 -17.33 -13.26
CA GLN A 417 -48.55 -18.04 -14.54
C GLN A 417 -47.21 -17.88 -15.25
N PHE A 418 -46.17 -18.45 -14.63
CA PHE A 418 -44.81 -18.35 -15.15
C PHE A 418 -44.55 -18.95 -16.51
N ASN A 419 -45.57 -19.57 -17.11
CA ASN A 419 -45.40 -20.14 -18.44
C ASN A 419 -45.78 -19.13 -19.50
N ARG A 420 -46.10 -17.91 -19.04
CA ARG A 420 -46.44 -16.79 -19.92
C ARG A 420 -45.16 -15.96 -19.99
N ILE A 421 -44.29 -16.29 -20.93
CA ILE A 421 -43.01 -15.61 -21.07
C ILE A 421 -42.92 -14.67 -22.27
N TYR A 422 -42.40 -13.47 -22.06
CA TYR A 422 -42.24 -12.49 -23.13
C TYR A 422 -41.09 -12.99 -23.99
N SER A 423 -41.15 -12.69 -25.28
CA SER A 423 -40.07 -13.12 -26.17
C SER A 423 -39.15 -11.95 -26.50
N PRO A 424 -37.86 -12.06 -26.12
CA PRO A 424 -36.89 -11.00 -26.39
C PRO A 424 -36.82 -10.66 -27.88
N ILE A 425 -37.23 -11.61 -28.71
CA ILE A 425 -37.22 -11.46 -30.16
C ILE A 425 -38.52 -10.91 -30.78
N SER A 426 -39.62 -11.62 -30.58
CA SER A 426 -40.90 -11.25 -31.19
C SER A 426 -41.83 -10.22 -30.57
N PHE A 427 -41.66 -9.90 -29.29
CA PHE A 427 -42.55 -8.94 -28.64
C PHE A 427 -42.48 -7.54 -29.24
N GLY A 428 -41.27 -6.99 -29.36
CA GLY A 428 -41.14 -5.66 -29.93
C GLY A 428 -41.74 -5.49 -31.32
N LYS A 429 -41.63 -6.53 -32.15
CA LYS A 429 -42.16 -6.51 -33.52
C LYS A 429 -43.63 -6.17 -33.52
N LYS A 430 -44.35 -6.69 -32.53
CA LYS A 430 -45.79 -6.45 -32.39
C LYS A 430 -46.11 -4.95 -32.50
N TYR A 431 -45.13 -4.10 -32.21
CA TYR A 431 -45.35 -2.66 -32.25
C TYR A 431 -44.44 -1.90 -33.18
N ASP A 432 -43.21 -2.38 -33.30
CA ASP A 432 -42.22 -1.69 -34.09
C ASP A 432 -41.46 -2.64 -34.99
N PRO A 433 -42.11 -3.16 -36.04
CA PRO A 433 -41.45 -4.09 -36.96
C PRO A 433 -40.23 -3.49 -37.62
N ASP A 434 -40.30 -2.19 -37.92
CA ASP A 434 -39.15 -1.54 -38.54
C ASP A 434 -38.01 -1.50 -37.52
N GLY A 435 -38.35 -1.50 -36.23
CA GLY A 435 -37.33 -1.45 -35.19
C GLY A 435 -36.83 -0.05 -34.93
N LYS A 436 -37.73 0.92 -34.99
CA LYS A 436 -37.38 2.32 -34.76
C LYS A 436 -36.80 2.56 -33.36
N TYR A 437 -37.44 1.99 -32.34
CA TYR A 437 -37.00 2.12 -30.95
C TYR A 437 -35.56 1.65 -30.80
N ILE A 438 -35.30 0.44 -31.29
CA ILE A 438 -33.96 -0.16 -31.23
C ILE A 438 -32.90 0.74 -31.88
N ARG A 439 -33.13 1.10 -33.13
CA ARG A 439 -32.20 1.94 -33.85
C ARG A 439 -31.88 3.19 -33.07
N HIS A 440 -32.90 3.79 -32.47
CA HIS A 440 -32.70 5.01 -31.70
C HIS A 440 -31.78 4.85 -30.50
N PHE A 441 -32.08 3.90 -29.62
CA PHE A 441 -31.26 3.70 -28.43
C PHE A 441 -30.00 2.86 -28.65
N LEU A 442 -29.99 2.09 -29.74
CA LEU A 442 -28.85 1.25 -30.11
C LEU A 442 -28.39 1.64 -31.51
N PRO A 443 -27.87 2.86 -31.66
CA PRO A 443 -27.42 3.30 -32.99
C PRO A 443 -26.36 2.42 -33.65
N VAL A 444 -25.75 1.52 -32.90
CA VAL A 444 -24.75 0.64 -33.50
C VAL A 444 -25.44 -0.26 -34.55
N LEU A 445 -26.75 -0.47 -34.36
CA LEU A 445 -27.56 -1.26 -35.26
C LEU A 445 -28.38 -0.32 -36.14
N LYS A 446 -27.96 0.94 -36.16
CA LYS A 446 -28.62 1.98 -36.94
C LYS A 446 -29.00 1.58 -38.37
N ASP A 447 -28.09 0.91 -39.06
CA ASP A 447 -28.32 0.52 -40.45
C ASP A 447 -28.76 -0.89 -40.73
N MET A 448 -28.81 -1.74 -39.71
CA MET A 448 -29.21 -3.13 -39.90
C MET A 448 -30.59 -3.17 -40.54
N PRO A 449 -30.75 -4.00 -41.58
CA PRO A 449 -32.05 -4.12 -42.27
C PRO A 449 -33.11 -4.76 -41.37
N LYS A 450 -34.31 -4.16 -41.36
CA LYS A 450 -35.40 -4.64 -40.51
C LYS A 450 -35.57 -6.15 -40.43
N GLN A 451 -35.19 -6.86 -41.48
CA GLN A 451 -35.33 -8.31 -41.46
C GLN A 451 -34.51 -8.95 -40.35
N TYR A 452 -33.54 -8.20 -39.80
CA TYR A 452 -32.69 -8.74 -38.74
C TYR A 452 -32.56 -7.88 -37.49
N ILE A 453 -33.06 -6.65 -37.55
CA ILE A 453 -32.96 -5.72 -36.42
C ILE A 453 -33.25 -6.34 -35.04
N TYR A 454 -34.09 -7.37 -34.99
CA TYR A 454 -34.39 -7.99 -33.69
C TYR A 454 -33.55 -9.24 -33.46
N GLU A 455 -32.74 -9.60 -34.45
CA GLU A 455 -31.89 -10.78 -34.33
C GLU A 455 -30.68 -10.64 -35.24
N PRO A 456 -29.83 -9.64 -34.97
CA PRO A 456 -28.63 -9.40 -35.77
C PRO A 456 -27.74 -10.62 -35.97
N TRP A 457 -27.81 -11.57 -35.04
CA TRP A 457 -26.99 -12.77 -35.15
C TRP A 457 -27.44 -13.69 -36.29
N THR A 458 -28.60 -13.42 -36.88
CA THR A 458 -29.08 -14.24 -37.99
C THR A 458 -28.87 -13.53 -39.33
N ALA A 459 -28.40 -12.30 -39.27
CA ALA A 459 -28.14 -11.54 -40.49
C ALA A 459 -26.90 -12.13 -41.17
N PRO A 460 -27.01 -12.43 -42.47
CA PRO A 460 -25.85 -12.98 -43.17
C PRO A 460 -24.62 -12.11 -42.94
N LEU A 461 -23.48 -12.76 -42.73
CA LEU A 461 -22.22 -12.07 -42.48
C LEU A 461 -22.02 -10.88 -43.41
N SER A 462 -22.54 -10.97 -44.64
CA SER A 462 -22.40 -9.88 -45.59
C SER A 462 -23.29 -8.70 -45.22
N VAL A 463 -24.52 -8.99 -44.80
CA VAL A 463 -25.46 -7.95 -44.41
C VAL A 463 -24.84 -7.13 -43.28
N GLN A 464 -24.25 -7.85 -42.33
CA GLN A 464 -23.59 -7.22 -41.19
C GLN A 464 -22.56 -6.20 -41.62
N THR A 465 -21.45 -6.69 -42.19
CA THR A 465 -20.37 -5.83 -42.66
C THR A 465 -20.86 -4.61 -43.44
N LYS A 466 -21.96 -4.77 -44.17
CA LYS A 466 -22.51 -3.68 -44.94
C LYS A 466 -23.29 -2.76 -44.01
N ALA A 467 -23.97 -3.36 -43.04
CA ALA A 467 -24.75 -2.61 -42.07
C ALA A 467 -23.78 -2.01 -41.06
N ASN A 468 -22.51 -2.29 -41.29
CA ASN A 468 -21.44 -1.79 -40.44
C ASN A 468 -21.69 -2.13 -38.98
N CYS A 469 -22.00 -3.40 -38.75
CA CYS A 469 -22.28 -3.91 -37.42
C CYS A 469 -22.03 -5.43 -37.42
N ILE A 470 -20.89 -5.84 -36.85
CA ILE A 470 -20.57 -7.25 -36.83
C ILE A 470 -20.79 -7.89 -35.47
N VAL A 471 -21.78 -8.79 -35.39
CA VAL A 471 -22.09 -9.49 -34.15
C VAL A 471 -20.85 -10.19 -33.61
N GLY A 472 -20.50 -9.87 -32.37
CA GLY A 472 -19.32 -10.46 -31.78
C GLY A 472 -18.18 -9.45 -31.67
N LYS A 473 -18.33 -8.34 -32.39
CA LYS A 473 -17.31 -7.29 -32.37
C LYS A 473 -17.93 -5.95 -31.97
N ASP A 474 -18.84 -5.46 -32.79
CA ASP A 474 -19.50 -4.17 -32.54
C ASP A 474 -20.75 -4.32 -31.67
N TYR A 475 -21.49 -5.40 -31.89
CA TYR A 475 -22.68 -5.69 -31.10
C TYR A 475 -22.59 -7.16 -30.69
N PRO A 476 -22.72 -7.44 -29.39
CA PRO A 476 -22.64 -8.81 -28.86
C PRO A 476 -23.62 -9.80 -29.46
N LYS A 477 -23.33 -11.09 -29.28
CA LYS A 477 -24.21 -12.12 -29.78
C LYS A 477 -25.08 -12.57 -28.60
N PRO A 478 -26.24 -13.18 -28.88
CA PRO A 478 -27.13 -13.63 -27.81
C PRO A 478 -26.38 -14.24 -26.65
N MET A 479 -26.52 -13.65 -25.46
CA MET A 479 -25.85 -14.19 -24.29
C MET A 479 -26.48 -15.53 -23.97
N VAL A 480 -27.64 -15.78 -24.53
CA VAL A 480 -28.33 -17.04 -24.31
C VAL A 480 -29.39 -17.22 -25.39
N LEU A 481 -29.80 -18.47 -25.62
CA LEU A 481 -30.82 -18.76 -26.64
C LEU A 481 -32.16 -18.90 -25.96
N HIS A 482 -33.04 -17.95 -26.25
CA HIS A 482 -34.36 -17.92 -25.66
C HIS A 482 -35.04 -19.27 -25.45
N ASP A 483 -35.35 -19.96 -26.53
CA ASP A 483 -36.04 -21.25 -26.43
C ASP A 483 -35.56 -22.16 -25.32
N SER A 484 -34.32 -22.66 -25.42
CA SER A 484 -33.81 -23.55 -24.40
C SER A 484 -33.84 -22.88 -23.03
N ALA A 485 -33.30 -21.66 -22.98
CA ALA A 485 -33.26 -20.88 -21.75
C ALA A 485 -34.60 -20.81 -21.02
N SER A 486 -35.60 -20.25 -21.70
CA SER A 486 -36.93 -20.11 -21.10
C SER A 486 -37.55 -21.45 -20.77
N LYS A 487 -37.13 -22.50 -21.47
CA LYS A 487 -37.67 -23.83 -21.21
C LYS A 487 -37.04 -24.38 -19.93
N GLU A 488 -35.80 -24.01 -19.67
CA GLU A 488 -35.10 -24.47 -18.47
C GLU A 488 -35.61 -23.67 -17.28
N CYS A 489 -35.93 -22.40 -17.51
CA CYS A 489 -36.47 -21.55 -16.45
C CYS A 489 -37.84 -22.10 -16.06
N LYS A 490 -38.67 -22.38 -17.06
CA LYS A 490 -40.01 -22.92 -16.80
C LYS A 490 -39.92 -24.25 -16.06
N ARG A 491 -38.79 -24.93 -16.21
CA ARG A 491 -38.57 -26.21 -15.55
C ARG A 491 -38.27 -26.00 -14.09
N LYS A 492 -37.20 -25.25 -13.83
CA LYS A 492 -36.80 -24.93 -12.47
C LYS A 492 -37.99 -24.29 -11.76
N MET A 493 -38.60 -23.30 -12.41
CA MET A 493 -39.75 -22.63 -11.82
C MET A 493 -40.78 -23.64 -11.37
N GLY A 494 -40.93 -24.71 -12.15
CA GLY A 494 -41.90 -25.74 -11.81
C GLY A 494 -41.56 -26.46 -10.53
N GLU A 495 -40.33 -26.96 -10.43
CA GLU A 495 -39.94 -27.69 -9.22
C GLU A 495 -39.85 -26.79 -7.99
N ALA A 496 -39.57 -25.50 -8.21
CA ALA A 496 -39.47 -24.57 -7.10
C ALA A 496 -40.87 -24.43 -6.50
N TYR A 497 -41.87 -24.22 -7.36
CA TYR A 497 -43.24 -24.09 -6.90
C TYR A 497 -43.66 -25.38 -6.21
N ALA A 498 -43.25 -26.51 -6.78
CA ALA A 498 -43.57 -27.82 -6.22
C ALA A 498 -43.18 -27.87 -4.75
N LEU A 499 -41.94 -27.46 -4.47
CA LEU A 499 -41.38 -27.44 -3.12
C LEU A 499 -42.15 -26.45 -2.23
N ASN A 500 -42.41 -25.26 -2.76
CA ASN A 500 -43.13 -24.25 -2.01
C ASN A 500 -44.50 -24.79 -1.59
N LYS A 501 -45.13 -25.55 -2.48
CA LYS A 501 -46.45 -26.12 -2.18
C LYS A 501 -46.38 -27.28 -1.19
N LYS A 502 -45.36 -28.12 -1.33
CA LYS A 502 -45.16 -29.27 -0.45
C LYS A 502 -44.88 -28.83 0.99
N MET A 503 -44.27 -27.67 1.15
CA MET A 503 -43.94 -27.15 2.46
C MET A 503 -44.89 -26.04 2.90
N ASP A 504 -46.10 -26.06 2.34
CA ASP A 504 -47.11 -25.07 2.68
C ASP A 504 -46.51 -23.67 2.86
N GLY A 505 -46.02 -23.09 1.76
CA GLY A 505 -45.45 -21.75 1.79
C GLY A 505 -44.44 -21.47 2.88
N LYS A 506 -43.72 -22.48 3.32
CA LYS A 506 -42.73 -22.29 4.38
C LYS A 506 -41.43 -23.05 4.10
N VAL A 507 -40.88 -22.86 2.90
CA VAL A 507 -39.64 -23.51 2.51
C VAL A 507 -38.53 -23.07 3.46
N ASP A 508 -37.71 -24.03 3.87
CA ASP A 508 -36.61 -23.80 4.80
C ASP A 508 -35.28 -23.41 4.14
N GLU A 509 -34.36 -22.86 4.92
CA GLU A 509 -33.05 -22.49 4.38
C GLU A 509 -32.40 -23.76 3.86
N GLU A 510 -32.75 -24.87 4.50
CA GLU A 510 -32.24 -26.20 4.17
C GLU A 510 -32.80 -26.67 2.82
N ASN A 511 -34.09 -27.00 2.80
CA ASN A 511 -34.77 -27.47 1.60
C ASN A 511 -34.34 -26.70 0.36
N LEU A 512 -34.38 -25.38 0.47
CA LEU A 512 -34.01 -24.51 -0.63
C LEU A 512 -32.63 -24.91 -1.15
N ARG A 513 -31.66 -24.97 -0.24
CA ARG A 513 -30.29 -25.35 -0.58
C ARG A 513 -30.22 -26.70 -1.30
N ASP A 514 -31.01 -27.65 -0.84
CA ASP A 514 -31.04 -28.99 -1.43
C ASP A 514 -31.68 -28.98 -2.81
N LEU A 515 -32.58 -28.03 -3.04
CA LEU A 515 -33.23 -27.92 -4.33
C LEU A 515 -32.22 -27.33 -5.30
N ARG A 516 -31.51 -26.31 -4.82
CA ARG A 516 -30.50 -25.65 -5.62
C ARG A 516 -29.48 -26.68 -6.11
N ARG A 517 -29.10 -27.59 -5.22
CA ARG A 517 -28.14 -28.64 -5.56
C ARG A 517 -28.75 -29.60 -6.56
N LYS A 518 -29.97 -30.05 -6.24
CA LYS A 518 -30.72 -30.98 -7.07
C LYS A 518 -30.81 -30.45 -8.50
N LEU A 519 -31.29 -29.21 -8.64
CA LEU A 519 -31.43 -28.60 -9.95
C LEU A 519 -30.06 -28.50 -10.63
N GLN A 520 -29.01 -28.35 -9.84
CA GLN A 520 -27.67 -28.24 -10.40
C GLN A 520 -27.31 -29.50 -11.16
N LYS A 521 -27.58 -30.66 -10.56
CA LYS A 521 -27.29 -31.94 -11.21
C LYS A 521 -28.10 -32.07 -12.50
N ASP A 522 -29.42 -32.11 -12.37
CA ASP A 522 -30.33 -32.25 -13.50
C ASP A 522 -30.15 -31.24 -14.62
N GLU A 523 -29.39 -30.17 -14.38
CA GLU A 523 -29.19 -29.14 -15.39
C GLU A 523 -27.74 -28.80 -15.66
N HIS A 524 -26.85 -29.76 -15.40
CA HIS A 524 -25.43 -29.56 -15.63
C HIS A 524 -24.82 -30.88 -16.06
N GLU A 525 -25.44 -31.98 -15.63
CA GLU A 525 -24.96 -33.31 -15.97
C GLU A 525 -26.13 -34.28 -16.18
N GLY B 4 42.33 -49.53 38.81
CA GLY B 4 43.27 -49.12 39.91
C GLY B 4 43.34 -47.62 40.14
N SER B 5 43.03 -46.85 39.10
CA SER B 5 43.08 -45.40 39.21
C SER B 5 41.85 -44.72 38.59
N GLY B 6 41.87 -43.40 38.57
CA GLY B 6 40.76 -42.65 38.02
C GLY B 6 41.06 -41.81 36.80
N SER B 7 40.17 -40.86 36.52
CA SER B 7 40.31 -39.98 35.36
C SER B 7 40.33 -38.51 35.78
N LEU B 8 40.54 -37.65 34.79
CA LEU B 8 40.57 -36.20 35.01
C LEU B 8 39.92 -35.50 33.82
N ILE B 9 38.74 -34.94 34.07
CA ILE B 9 38.00 -34.18 33.06
C ILE B 9 38.43 -32.73 33.21
N TRP B 10 39.05 -32.20 32.18
CA TRP B 10 39.53 -30.83 32.21
C TRP B 10 38.63 -29.83 31.48
N PHE B 11 38.25 -28.78 32.20
CA PHE B 11 37.39 -27.75 31.63
C PHE B 11 38.16 -26.51 31.22
N ARG B 12 37.85 -26.05 30.02
CA ARG B 12 38.42 -24.84 29.42
C ARG B 12 37.18 -24.17 28.84
N LYS B 13 36.56 -24.83 27.86
CA LYS B 13 35.31 -24.35 27.28
C LYS B 13 34.34 -25.45 27.65
N GLY B 14 33.18 -25.51 27.01
CA GLY B 14 32.23 -26.54 27.38
C GLY B 14 31.94 -26.53 28.88
N LEU B 15 31.72 -25.35 29.44
CA LEU B 15 31.45 -25.26 30.87
C LEU B 15 30.01 -25.73 31.13
N ARG B 16 29.81 -27.04 30.96
CA ARG B 16 28.48 -27.63 31.14
C ARG B 16 28.53 -29.13 31.41
N VAL B 17 27.40 -29.66 31.87
CA VAL B 17 27.29 -31.08 32.13
C VAL B 17 26.53 -31.80 31.01
N HIS B 18 25.57 -31.12 30.40
CA HIS B 18 24.82 -31.77 29.31
C HIS B 18 25.69 -31.82 28.04
N ASP B 19 25.45 -32.81 27.20
CA ASP B 19 26.18 -33.01 25.96
C ASP B 19 27.68 -32.74 26.13
N ASN B 20 28.30 -33.47 27.04
CA ASN B 20 29.73 -33.34 27.31
C ASN B 20 30.42 -34.70 27.13
N PRO B 21 30.69 -35.10 25.87
CA PRO B 21 31.34 -36.38 25.61
C PRO B 21 32.57 -36.64 26.49
N ALA B 22 33.42 -35.63 26.63
CA ALA B 22 34.63 -35.76 27.44
C ALA B 22 34.26 -36.21 28.84
N LEU B 23 33.21 -35.61 29.41
CA LEU B 23 32.75 -35.95 30.75
C LEU B 23 32.23 -37.38 30.76
N GLU B 24 31.38 -37.69 29.79
CA GLU B 24 30.79 -39.02 29.67
C GLU B 24 31.88 -40.07 29.76
N TYR B 25 32.96 -39.88 28.99
CA TYR B 25 34.05 -40.83 28.97
C TYR B 25 34.79 -40.90 30.31
N ALA B 26 35.20 -39.75 30.82
CA ALA B 26 35.93 -39.67 32.07
C ALA B 26 35.12 -40.27 33.22
N SER B 27 33.80 -40.25 33.10
CA SER B 27 32.92 -40.78 34.15
C SER B 27 32.72 -42.28 33.99
N LYS B 28 33.04 -42.79 32.81
CA LYS B 28 32.87 -44.20 32.54
C LYS B 28 34.02 -45.05 33.08
N GLY B 29 33.65 -46.01 33.94
CA GLY B 29 34.61 -46.91 34.54
C GLY B 29 35.81 -46.27 35.20
N SER B 30 35.59 -45.61 36.32
CA SER B 30 36.67 -44.97 37.06
C SER B 30 36.31 -44.88 38.53
N GLU B 31 37.25 -45.27 39.39
CA GLU B 31 37.01 -45.20 40.82
C GLU B 31 36.79 -43.73 41.14
N PHE B 32 37.81 -42.93 40.83
CA PHE B 32 37.72 -41.49 41.07
C PHE B 32 37.83 -40.72 39.77
N MET B 33 37.39 -39.46 39.80
CA MET B 33 37.43 -38.58 38.64
C MET B 33 37.70 -37.16 39.14
N TYR B 34 38.65 -36.49 38.51
CA TYR B 34 38.99 -35.14 38.93
C TYR B 34 38.58 -34.07 37.91
N PRO B 35 37.54 -33.29 38.24
CA PRO B 35 37.11 -32.25 37.31
C PRO B 35 37.94 -31.01 37.65
N VAL B 36 38.65 -30.45 36.67
CA VAL B 36 39.43 -29.27 37.00
C VAL B 36 39.31 -28.15 35.98
N PHE B 37 39.54 -26.94 36.46
CA PHE B 37 39.51 -25.75 35.64
C PHE B 37 40.65 -24.91 36.15
N VAL B 38 41.44 -24.34 35.24
CA VAL B 38 42.57 -23.56 35.68
C VAL B 38 42.40 -22.07 35.42
N ILE B 39 42.41 -21.28 36.49
CA ILE B 39 42.29 -19.84 36.38
C ILE B 39 43.64 -19.29 35.93
N ASP B 40 43.68 -18.69 34.75
CA ASP B 40 44.95 -18.14 34.26
C ASP B 40 45.04 -16.67 34.63
N PRO B 41 45.99 -16.31 35.49
CA PRO B 41 46.20 -14.93 35.94
C PRO B 41 46.35 -13.90 34.83
N HIS B 42 46.87 -14.31 33.68
CA HIS B 42 47.05 -13.36 32.60
C HIS B 42 45.74 -12.91 31.94
N TYR B 43 44.72 -13.75 31.98
CA TYR B 43 43.45 -13.39 31.38
C TYR B 43 42.42 -13.04 32.45
N MET B 44 42.76 -13.32 33.71
CA MET B 44 41.81 -13.07 34.76
C MET B 44 42.13 -11.98 35.78
N GLU B 45 43.40 -11.79 36.11
CA GLU B 45 43.76 -10.78 37.12
C GLU B 45 43.67 -9.34 36.67
N SER B 46 43.33 -8.48 37.62
CA SER B 46 43.22 -7.06 37.38
C SER B 46 44.49 -6.48 36.75
N ASP B 47 44.32 -5.63 35.74
CA ASP B 47 45.45 -4.99 35.07
C ASP B 47 45.18 -3.48 35.07
N PRO B 48 45.92 -2.73 35.89
CA PRO B 48 45.75 -1.28 35.98
C PRO B 48 46.05 -0.51 34.70
N SER B 49 46.58 -1.19 33.69
CA SER B 49 46.93 -0.49 32.46
C SER B 49 45.80 -0.40 31.43
N ALA B 50 44.72 -1.14 31.67
CA ALA B 50 43.58 -1.14 30.75
C ALA B 50 42.72 0.11 30.93
N SER B 52 39.57 0.37 30.86
CA SER B 52 38.45 -0.11 31.66
C SER B 52 38.81 -1.33 32.50
N PRO B 53 38.11 -1.53 33.63
CA PRO B 53 38.32 -2.63 34.58
C PRO B 53 38.38 -4.02 33.98
N GLY B 54 39.39 -4.78 34.40
CA GLY B 54 39.55 -6.14 33.92
C GLY B 54 41.00 -6.46 33.69
N SER B 55 41.27 -7.50 32.92
CA SER B 55 42.64 -7.88 32.61
C SER B 55 43.03 -7.18 31.31
N SER B 56 44.15 -7.56 30.72
CA SER B 56 44.56 -6.91 29.49
C SER B 56 43.76 -7.43 28.29
N ARG B 57 43.01 -8.51 28.50
CA ARG B 57 42.25 -9.08 27.42
C ARG B 57 40.83 -9.47 27.77
N ALA B 58 40.37 -9.09 28.96
CA ALA B 58 39.02 -9.40 29.38
C ALA B 58 38.48 -8.37 30.35
N GLY B 59 37.32 -7.80 30.04
CA GLY B 59 36.70 -6.84 30.93
C GLY B 59 36.07 -7.57 32.08
N VAL B 60 35.82 -6.88 33.20
CA VAL B 60 35.23 -7.53 34.36
C VAL B 60 33.93 -8.26 34.00
N ASN B 61 33.13 -7.65 33.14
CA ASN B 61 31.87 -8.24 32.73
C ASN B 61 32.03 -9.69 32.29
N ARG B 62 32.98 -9.96 31.40
CA ARG B 62 33.15 -11.33 30.96
C ARG B 62 33.80 -12.19 32.04
N ILE B 63 34.63 -11.58 32.88
CA ILE B 63 35.26 -12.35 33.96
C ILE B 63 34.19 -12.79 34.96
N ARG B 64 33.23 -11.92 35.24
CA ARG B 64 32.14 -12.25 36.17
C ARG B 64 31.30 -13.36 35.53
N PHE B 65 31.00 -13.23 34.25
CA PHE B 65 30.20 -14.23 33.54
C PHE B 65 30.87 -15.58 33.68
N LEU B 66 32.18 -15.62 33.45
CA LEU B 66 32.96 -16.84 33.56
C LEU B 66 32.92 -17.37 34.99
N LEU B 67 33.27 -16.51 35.95
CA LEU B 67 33.27 -16.91 37.36
C LEU B 67 31.92 -17.49 37.73
N GLU B 68 30.85 -16.89 37.20
CA GLU B 68 29.51 -17.37 37.48
C GLU B 68 29.28 -18.72 36.80
N SER B 69 29.84 -18.88 35.61
CA SER B 69 29.69 -20.14 34.89
C SER B 69 30.32 -21.28 35.67
N LEU B 70 31.49 -21.01 36.25
CA LEU B 70 32.23 -22.00 37.03
C LEU B 70 31.45 -22.41 38.26
N LYS B 71 30.98 -21.44 39.04
CA LYS B 71 30.21 -21.75 40.24
C LYS B 71 29.04 -22.67 39.91
N ASP B 72 28.31 -22.35 38.84
CA ASP B 72 27.17 -23.16 38.43
C ASP B 72 27.66 -24.58 38.15
N LEU B 73 28.69 -24.69 37.31
CA LEU B 73 29.25 -25.99 36.99
C LEU B 73 29.59 -26.75 38.27
N ASP B 74 30.21 -26.04 39.21
CA ASP B 74 30.59 -26.63 40.48
C ASP B 74 29.33 -27.18 41.16
N SER B 75 28.32 -26.33 41.31
CA SER B 75 27.06 -26.74 41.93
C SER B 75 26.47 -27.95 41.22
N SER B 76 26.58 -27.98 39.90
CA SER B 76 26.06 -29.11 39.14
C SER B 76 26.79 -30.38 39.53
N LEU B 77 28.11 -30.31 39.61
CA LEU B 77 28.92 -31.46 39.97
C LEU B 77 28.65 -31.93 41.41
N LYS B 78 28.40 -30.98 42.31
CA LYS B 78 28.13 -31.37 43.69
C LYS B 78 26.86 -32.21 43.76
N LYS B 79 25.84 -31.81 43.00
CA LYS B 79 24.58 -32.55 42.99
C LYS B 79 24.82 -34.01 42.66
N LEU B 80 25.88 -34.28 41.90
CA LEU B 80 26.21 -35.65 41.51
C LEU B 80 27.28 -36.29 42.38
N GLY B 81 27.56 -35.67 43.53
CA GLY B 81 28.56 -36.21 44.43
C GLY B 81 29.97 -36.05 43.88
N SER B 82 30.21 -34.93 43.23
CA SER B 82 31.52 -34.62 42.68
C SER B 82 31.84 -33.19 43.09
N ARG B 83 32.70 -32.53 42.34
CA ARG B 83 33.08 -31.17 42.68
C ARG B 83 33.98 -30.59 41.61
N LEU B 84 34.16 -29.27 41.62
CA LEU B 84 35.03 -28.63 40.66
C LEU B 84 36.32 -28.22 41.36
N LEU B 85 37.44 -28.65 40.79
CA LEU B 85 38.75 -28.33 41.34
C LEU B 85 39.32 -27.16 40.55
N VAL B 86 39.33 -25.98 41.16
CA VAL B 86 39.81 -24.78 40.50
C VAL B 86 41.22 -24.47 40.95
N PHE B 87 42.10 -24.21 39.98
CA PHE B 87 43.48 -23.91 40.27
C PHE B 87 43.92 -22.63 39.59
N LYS B 88 45.05 -22.09 40.00
CA LYS B 88 45.56 -20.86 39.42
C LYS B 88 46.97 -21.11 38.88
N GLY B 89 47.33 -20.40 37.81
CA GLY B 89 48.63 -20.58 37.20
C GLY B 89 48.43 -20.83 35.72
N GLU B 90 49.50 -21.04 34.97
CA GLU B 90 49.33 -21.28 33.55
C GLU B 90 48.86 -22.74 33.41
N PRO B 91 47.74 -22.95 32.70
CA PRO B 91 47.12 -24.27 32.47
C PRO B 91 48.05 -25.44 32.26
N GLY B 92 48.99 -25.31 31.33
CA GLY B 92 49.93 -26.39 31.05
C GLY B 92 50.60 -26.92 32.31
N GLU B 93 51.36 -26.05 32.98
CA GLU B 93 52.05 -26.42 34.20
C GLU B 93 51.11 -27.06 35.21
N VAL B 94 49.95 -26.46 35.41
CA VAL B 94 48.99 -26.99 36.37
C VAL B 94 48.50 -28.38 35.98
N LEU B 95 48.12 -28.55 34.72
CA LEU B 95 47.66 -29.85 34.25
C LEU B 95 48.70 -30.95 34.47
N VAL B 96 49.95 -30.63 34.16
CA VAL B 96 51.07 -31.54 34.30
C VAL B 96 51.26 -31.91 35.78
N ARG B 97 51.20 -30.91 36.65
CA ARG B 97 51.36 -31.14 38.07
C ARG B 97 50.18 -31.97 38.59
N CYS B 98 49.03 -31.81 37.98
CA CYS B 98 47.86 -32.55 38.40
C CYS B 98 48.04 -33.99 38.01
N LEU B 99 48.67 -34.22 36.86
CA LEU B 99 48.90 -35.57 36.39
C LEU B 99 49.98 -36.25 37.23
N GLN B 100 50.92 -35.46 37.72
CA GLN B 100 52.00 -36.00 38.54
C GLN B 100 51.51 -36.34 39.93
N GLU B 101 50.77 -35.42 40.53
CA GLU B 101 50.26 -35.57 41.89
C GLU B 101 49.26 -36.70 42.05
N TRP B 102 48.26 -36.76 41.18
CA TRP B 102 47.28 -37.84 41.27
C TRP B 102 47.74 -38.84 40.24
N LYS B 103 47.06 -39.97 40.17
CA LYS B 103 47.43 -40.95 39.18
C LYS B 103 46.19 -41.27 38.39
N VAL B 104 46.08 -40.63 37.24
CA VAL B 104 44.94 -40.82 36.37
C VAL B 104 45.47 -41.44 35.09
N LYS B 105 44.79 -42.47 34.62
CA LYS B 105 45.19 -43.15 33.41
C LYS B 105 44.36 -42.60 32.26
N ARG B 106 43.45 -41.69 32.60
CA ARG B 106 42.57 -41.10 31.60
C ARG B 106 42.45 -39.59 31.73
N LEU B 107 42.78 -38.89 30.65
CA LEU B 107 42.69 -37.44 30.61
C LEU B 107 41.73 -37.02 29.50
N CYS B 108 40.62 -36.37 29.89
CA CYS B 108 39.63 -35.92 28.92
C CYS B 108 39.37 -34.42 28.93
N PHE B 109 39.10 -33.88 27.75
CA PHE B 109 38.80 -32.46 27.60
C PHE B 109 38.28 -32.16 26.20
N GLU B 110 37.21 -31.38 26.14
CA GLU B 110 36.61 -31.01 24.88
C GLU B 110 37.64 -30.27 24.01
N TYR B 111 37.76 -30.71 22.78
CA TYR B 111 38.71 -30.12 21.85
C TYR B 111 38.32 -28.69 21.48
N ASP B 112 39.31 -27.89 21.10
CA ASP B 112 39.08 -26.51 20.69
C ASP B 112 40.10 -26.08 19.65
N THR B 113 39.69 -25.11 18.84
CA THR B 113 40.50 -24.60 17.76
C THR B 113 41.29 -23.33 18.07
N ASP B 114 40.85 -22.55 19.06
CA ASP B 114 41.57 -21.31 19.37
C ASP B 114 43.07 -21.55 19.47
N PRO B 115 43.86 -20.70 18.81
CA PRO B 115 45.32 -20.82 18.81
C PRO B 115 45.87 -21.08 20.21
N TYR B 116 45.32 -20.38 21.19
CA TYR B 116 45.75 -20.54 22.58
C TYR B 116 45.61 -21.97 23.07
N TYR B 117 44.59 -22.67 22.60
CA TYR B 117 44.38 -24.05 23.04
C TYR B 117 45.08 -25.07 22.16
N GLN B 118 45.45 -24.69 20.96
CA GLN B 118 46.16 -25.65 20.11
C GLN B 118 47.57 -25.78 20.63
N ALA B 119 48.12 -24.65 21.08
CA ALA B 119 49.47 -24.62 21.62
C ALA B 119 49.47 -25.37 22.95
N LEU B 120 48.46 -25.07 23.76
CA LEU B 120 48.34 -25.72 25.05
C LEU B 120 48.06 -27.20 24.90
N ASP B 121 47.20 -27.56 23.94
CA ASP B 121 46.85 -28.96 23.74
C ASP B 121 47.95 -29.82 23.13
N VAL B 122 48.89 -29.22 22.42
CA VAL B 122 49.96 -29.99 21.85
C VAL B 122 50.93 -30.38 22.98
N LYS B 123 51.23 -29.43 23.86
CA LYS B 123 52.13 -29.71 24.97
C LYS B 123 51.57 -30.77 25.91
N VAL B 124 50.26 -30.72 26.13
CA VAL B 124 49.59 -31.65 27.03
C VAL B 124 49.48 -33.06 26.49
N LYS B 125 49.09 -33.20 25.22
CA LYS B 125 48.96 -34.52 24.62
C LYS B 125 50.32 -35.23 24.57
N ASP B 126 51.38 -34.46 24.41
CA ASP B 126 52.72 -35.04 24.38
C ASP B 126 53.10 -35.59 25.75
N TYR B 127 52.80 -34.83 26.80
CA TYR B 127 53.12 -35.28 28.14
C TYR B 127 52.23 -36.42 28.58
N ALA B 128 51.00 -36.43 28.09
CA ALA B 128 50.07 -37.49 28.47
C ALA B 128 50.50 -38.83 27.90
N SER B 129 50.72 -38.88 26.59
CA SER B 129 51.12 -40.13 25.97
C SER B 129 52.51 -40.52 26.46
N SER B 130 53.36 -39.51 26.64
CA SER B 130 54.72 -39.72 27.09
C SER B 130 54.76 -40.35 28.48
N THR B 131 53.72 -40.12 29.28
CA THR B 131 53.67 -40.67 30.64
C THR B 131 52.64 -41.78 30.76
N GLY B 132 52.21 -42.31 29.62
CA GLY B 132 51.26 -43.41 29.62
C GLY B 132 49.82 -43.05 29.96
N VAL B 133 49.40 -41.83 29.65
CA VAL B 133 48.04 -41.42 29.95
C VAL B 133 47.20 -41.26 28.69
N GLU B 134 46.02 -41.86 28.71
CA GLU B 134 45.10 -41.80 27.58
C GLU B 134 44.52 -40.41 27.43
N VAL B 135 44.35 -39.99 26.18
CA VAL B 135 43.78 -38.68 25.93
C VAL B 135 42.58 -38.74 25.00
N PHE B 136 41.45 -38.27 25.50
CA PHE B 136 40.23 -38.23 24.71
C PHE B 136 39.78 -36.79 24.58
N SER B 137 39.78 -36.27 23.35
CA SER B 137 39.37 -34.89 23.13
C SER B 137 38.45 -34.80 21.92
N PRO B 138 37.15 -34.99 22.14
CA PRO B 138 36.05 -34.97 21.16
C PRO B 138 35.65 -33.59 20.69
N VAL B 139 35.07 -33.50 19.49
CA VAL B 139 34.62 -32.23 18.94
C VAL B 139 33.18 -31.99 19.35
N SER B 140 32.96 -31.25 20.43
CA SER B 140 31.59 -30.97 20.87
C SER B 140 31.38 -29.50 21.23
N HIS B 141 32.15 -28.62 20.61
CA HIS B 141 32.03 -27.19 20.84
C HIS B 141 31.49 -26.56 19.56
N THR B 142 31.57 -27.33 18.48
CA THR B 142 31.08 -26.91 17.18
C THR B 142 30.37 -28.10 16.56
N LEU B 143 29.58 -27.84 15.52
CA LEU B 143 28.83 -28.88 14.83
C LEU B 143 29.69 -29.61 13.80
N PHE B 144 30.84 -29.04 13.45
CA PHE B 144 31.71 -29.66 12.46
C PHE B 144 33.18 -29.57 12.83
N ASN B 145 33.94 -30.57 12.44
CA ASN B 145 35.37 -30.57 12.71
C ASN B 145 36.01 -29.83 11.53
N PRO B 146 36.50 -28.60 11.75
CA PRO B 146 37.13 -27.80 10.70
C PRO B 146 38.06 -28.61 9.80
N ALA B 147 38.74 -29.59 10.39
CA ALA B 147 39.65 -30.43 9.62
C ALA B 147 38.91 -31.67 9.12
N ILE B 149 36.26 -30.86 7.11
CA ILE B 149 35.73 -29.87 6.17
C ILE B 149 36.83 -29.36 5.25
N ILE B 150 37.94 -28.91 5.83
CA ILE B 150 39.04 -28.41 5.02
C ILE B 150 39.62 -29.55 4.19
N GLU B 151 39.34 -30.77 4.62
CA GLU B 151 39.83 -31.94 3.93
C GLU B 151 38.86 -32.28 2.82
N LYS B 152 37.59 -32.39 3.17
CA LYS B 152 36.58 -32.72 2.19
C LYS B 152 36.56 -31.65 1.07
N ASN B 153 37.18 -30.51 1.33
CA ASN B 153 37.21 -29.43 0.34
C ASN B 153 38.57 -29.31 -0.34
N GLY B 154 39.35 -30.36 -0.26
CA GLY B 154 40.66 -30.32 -0.88
C GLY B 154 41.74 -30.00 0.13
N GLY B 155 42.31 -28.80 0.05
CA GLY B 155 43.36 -28.44 0.99
C GLY B 155 43.05 -27.23 1.85
N LYS B 156 42.20 -26.34 1.33
CA LYS B 156 41.85 -25.14 2.08
C LYS B 156 40.38 -25.15 2.48
N PRO B 157 39.95 -24.15 3.26
CA PRO B 157 38.55 -24.10 3.68
C PRO B 157 37.66 -23.40 2.65
N PRO B 158 36.38 -23.76 2.60
CA PRO B 158 35.41 -23.16 1.67
C PRO B 158 35.42 -21.64 1.77
N LEU B 159 35.45 -20.98 0.61
CA LEU B 159 35.51 -19.52 0.56
C LEU B 159 34.24 -18.74 0.87
N SER B 160 33.11 -19.43 1.03
CA SER B 160 31.87 -18.74 1.33
C SER B 160 30.89 -19.58 2.13
N TYR B 161 29.92 -18.89 2.73
CA TYR B 161 28.89 -19.54 3.52
C TYR B 161 28.25 -20.67 2.71
N GLN B 162 27.72 -20.33 1.53
CA GLN B 162 27.09 -21.33 0.67
C GLN B 162 28.05 -22.47 0.35
N SER B 163 29.27 -22.11 -0.02
CA SER B 163 30.29 -23.10 -0.33
C SER B 163 30.53 -23.98 0.88
N PHE B 164 30.68 -23.37 2.05
CA PHE B 164 30.92 -24.11 3.29
C PHE B 164 29.76 -25.01 3.62
N LEU B 165 28.56 -24.45 3.62
CA LEU B 165 27.34 -25.19 3.92
C LEU B 165 27.16 -26.40 3.03
N LYS B 166 27.72 -26.33 1.83
CA LYS B 166 27.63 -27.41 0.86
C LYS B 166 28.61 -28.53 1.21
N VAL B 167 29.86 -28.18 1.41
CA VAL B 167 30.88 -29.16 1.74
C VAL B 167 30.60 -29.85 3.08
N ALA B 168 29.94 -29.14 3.98
CA ALA B 168 29.65 -29.68 5.30
C ALA B 168 28.38 -30.50 5.35
N GLY B 169 27.34 -30.02 4.69
CA GLY B 169 26.08 -30.75 4.71
C GLY B 169 25.50 -30.87 6.11
N GLU B 170 24.83 -31.99 6.35
CA GLU B 170 24.19 -32.23 7.65
C GLU B 170 25.22 -32.62 8.72
N PRO B 171 25.20 -31.94 9.87
CA PRO B 171 26.12 -32.20 10.98
C PRO B 171 25.89 -33.55 11.68
N SER B 172 26.98 -34.28 11.90
CA SER B 172 26.91 -35.59 12.55
C SER B 172 26.39 -35.55 13.98
N CYS B 173 25.23 -34.97 14.17
CA CYS B 173 24.63 -34.88 15.50
C CYS B 173 23.12 -34.73 15.33
N ALA B 174 22.69 -34.66 14.07
CA ALA B 174 21.27 -34.53 13.75
C ALA B 174 20.56 -35.79 14.22
N LYS B 175 21.10 -36.94 13.87
CA LYS B 175 20.53 -38.22 14.25
C LYS B 175 20.85 -38.53 15.71
N SER B 176 22.13 -38.51 16.02
CA SER B 176 22.64 -38.78 17.36
C SER B 176 21.70 -38.37 18.49
N GLU B 177 21.77 -39.12 19.60
CA GLU B 177 20.93 -38.83 20.77
C GLU B 177 21.87 -38.42 21.90
N LEU B 178 22.07 -37.12 22.06
CA LEU B 178 22.98 -36.57 23.07
C LEU B 178 22.66 -36.99 24.51
N VAL B 179 23.69 -36.97 25.37
CA VAL B 179 23.56 -37.32 26.78
C VAL B 179 23.38 -36.05 27.59
N MET B 180 22.13 -35.76 27.95
CA MET B 180 21.77 -34.54 28.69
C MET B 180 21.86 -34.56 30.21
N SER B 181 21.94 -35.73 30.83
CA SER B 181 22.04 -35.78 32.29
C SER B 181 22.72 -37.02 32.84
N TYR B 182 22.95 -37.03 34.15
CA TYR B 182 23.61 -38.15 34.83
C TYR B 182 22.94 -38.57 36.13
N SER B 183 22.78 -39.88 36.32
CA SER B 183 22.18 -40.37 37.57
C SER B 183 23.17 -40.10 38.69
N SER B 184 24.46 -40.24 38.40
CA SER B 184 25.50 -39.99 39.39
C SER B 184 26.85 -39.85 38.70
N LEU B 185 27.86 -39.46 39.47
CA LEU B 185 29.20 -39.26 38.92
C LEU B 185 30.29 -39.78 39.88
N PRO B 186 31.39 -40.31 39.31
CA PRO B 186 32.50 -40.83 40.13
C PRO B 186 33.02 -39.75 41.07
N PRO B 187 33.19 -40.09 42.35
CA PRO B 187 33.68 -39.08 43.28
C PRO B 187 35.12 -38.67 42.96
N ILE B 188 35.67 -37.78 43.77
CA ILE B 188 37.03 -37.30 43.60
C ILE B 188 37.97 -38.17 44.45
N GLY B 189 39.23 -38.26 44.03
CA GLY B 189 40.20 -39.03 44.77
C GLY B 189 40.95 -38.14 45.76
N ASP B 190 42.07 -38.62 46.30
CA ASP B 190 42.85 -37.81 47.25
C ASP B 190 43.41 -36.60 46.51
N ILE B 191 43.20 -35.42 47.09
CA ILE B 191 43.67 -34.18 46.49
C ILE B 191 45.19 -34.08 46.58
N GLY B 192 45.75 -34.63 47.65
CA GLY B 192 47.19 -34.64 47.83
C GLY B 192 47.93 -33.35 48.11
N ASN B 193 49.10 -33.23 47.48
CA ASN B 193 49.99 -32.09 47.64
C ASN B 193 49.59 -30.88 46.78
N LEU B 194 48.39 -30.91 46.22
CA LEU B 194 47.94 -29.80 45.39
C LEU B 194 47.16 -28.75 46.18
N GLY B 195 47.24 -27.51 45.71
CA GLY B 195 46.57 -26.41 46.38
C GLY B 195 45.07 -26.40 46.24
N ILE B 196 44.41 -27.41 46.80
CA ILE B 196 42.94 -27.53 46.76
C ILE B 196 42.33 -26.12 46.78
N SER B 197 41.57 -25.77 45.74
CA SER B 197 41.00 -24.43 45.68
C SER B 197 39.56 -24.24 45.20
N GLU B 198 38.98 -23.10 45.57
CA GLU B 198 37.61 -22.69 45.23
C GLU B 198 37.58 -21.67 44.09
N VAL B 199 36.41 -21.50 43.49
CA VAL B 199 36.27 -20.53 42.42
C VAL B 199 36.51 -19.16 43.03
N PRO B 200 37.52 -18.43 42.54
CA PRO B 200 37.85 -17.10 43.05
C PRO B 200 36.76 -16.04 42.92
N SER B 201 36.91 -14.97 43.70
CA SER B 201 35.98 -13.85 43.68
C SER B 201 36.63 -12.76 42.84
N LEU B 202 35.87 -11.75 42.43
CA LEU B 202 36.45 -10.67 41.66
C LEU B 202 37.50 -10.01 42.54
N GLU B 203 37.14 -9.85 43.81
CA GLU B 203 38.02 -9.24 44.80
C GLU B 203 39.29 -10.06 44.90
N GLU B 204 39.15 -11.39 44.96
CA GLU B 204 40.29 -12.27 45.05
C GLU B 204 41.17 -12.17 43.81
N LEU B 205 40.56 -11.78 42.70
CA LEU B 205 41.31 -11.62 41.45
C LEU B 205 41.94 -10.24 41.38
N GLY B 206 41.81 -9.47 42.45
CA GLY B 206 42.40 -8.15 42.50
C GLY B 206 41.55 -6.95 42.13
N TYR B 207 40.25 -7.13 41.93
CA TYR B 207 39.39 -6.01 41.54
C TYR B 207 38.80 -5.31 42.75
N LYS B 208 38.71 -3.99 42.65
CA LYS B 208 38.16 -3.18 43.73
C LYS B 208 36.64 -3.28 43.75
N ASP B 209 36.04 -2.87 44.87
CA ASP B 209 34.60 -2.95 44.99
C ASP B 209 33.88 -2.04 44.02
N ASP B 210 34.51 -0.92 43.67
CA ASP B 210 33.89 0.01 42.75
C ASP B 210 34.07 -0.44 41.30
N GLU B 211 35.05 -1.30 41.06
CA GLU B 211 35.29 -1.80 39.72
C GLU B 211 34.26 -2.87 39.35
N GLN B 212 33.35 -3.16 40.27
CA GLN B 212 32.33 -4.17 40.05
C GLN B 212 30.94 -3.75 40.52
N ALA B 213 30.67 -2.45 40.47
CA ALA B 213 29.39 -1.91 40.89
C ALA B 213 28.32 -2.12 39.83
N ASP B 214 28.72 -2.05 38.56
CA ASP B 214 27.80 -2.24 37.45
C ASP B 214 27.77 -3.71 37.06
N TRP B 215 26.64 -4.17 36.55
CA TRP B 215 26.54 -5.57 36.17
C TRP B 215 25.91 -5.69 34.81
N THR B 216 26.47 -6.56 33.99
CA THR B 216 25.89 -6.84 32.68
C THR B 216 24.57 -7.55 33.04
N PRO B 217 23.52 -7.37 32.24
CA PRO B 217 22.27 -8.05 32.59
C PRO B 217 22.20 -9.56 32.37
N PHE B 218 23.30 -10.21 32.02
CA PHE B 218 23.22 -11.65 31.78
C PHE B 218 24.09 -12.52 32.68
N ARG B 219 23.44 -13.28 33.55
CA ARG B 219 24.12 -14.18 34.48
C ARG B 219 24.67 -15.37 33.71
N GLY B 220 25.91 -15.76 34.00
CA GLY B 220 26.50 -16.88 33.31
C GLY B 220 26.13 -18.23 33.90
N GLY B 221 26.46 -19.31 33.19
CA GLY B 221 26.17 -20.63 33.70
C GLY B 221 25.24 -21.45 32.83
N GLU B 222 25.44 -22.77 32.88
CA GLU B 222 24.66 -23.73 32.14
C GLU B 222 23.18 -23.64 32.50
N SER B 223 22.90 -23.36 33.76
CA SER B 223 21.53 -23.22 34.21
C SER B 223 20.90 -22.05 33.47
N GLU B 224 21.52 -20.88 33.56
CA GLU B 224 21.01 -19.72 32.87
C GLU B 224 20.89 -19.98 31.38
N ALA B 225 21.83 -20.74 30.84
CA ALA B 225 21.79 -21.03 29.42
C ALA B 225 20.53 -21.80 29.03
N LEU B 226 20.34 -22.96 29.65
CA LEU B 226 19.19 -23.79 29.36
C LEU B 226 17.89 -23.10 29.71
N LYS B 227 17.91 -22.25 30.72
CA LYS B 227 16.69 -21.56 31.11
C LYS B 227 16.35 -20.49 30.05
N ARG B 228 17.38 -19.90 29.45
CA ARG B 228 17.16 -18.89 28.44
C ARG B 228 16.85 -19.51 27.09
N LEU B 229 17.44 -20.65 26.80
CA LEU B 229 17.19 -21.31 25.52
C LEU B 229 15.72 -21.65 25.44
N THR B 230 15.14 -21.92 26.61
CA THR B 230 13.73 -22.27 26.69
C THR B 230 12.89 -21.06 26.35
N LYS B 231 13.13 -19.95 27.02
CA LYS B 231 12.37 -18.73 26.77
C LYS B 231 12.59 -18.19 25.36
N SER B 232 13.77 -18.41 24.81
CA SER B 232 14.08 -17.91 23.48
C SER B 232 13.45 -18.65 22.31
N ILE B 233 13.13 -19.92 22.49
CA ILE B 233 12.52 -20.68 21.40
C ILE B 233 11.12 -21.19 21.75
N SER B 234 10.45 -20.49 22.67
CA SER B 234 9.10 -20.87 23.07
C SER B 234 8.09 -20.48 22.01
N ASP B 235 8.26 -19.30 21.42
CA ASP B 235 7.37 -18.82 20.39
C ASP B 235 7.77 -19.48 19.07
N LYS B 236 7.33 -20.73 18.91
CA LYS B 236 7.66 -21.51 17.72
C LYS B 236 7.44 -20.74 16.41
N ALA B 237 6.55 -19.76 16.44
CA ALA B 237 6.28 -18.97 15.25
C ALA B 237 7.44 -18.02 14.99
N TRP B 238 7.86 -17.31 16.03
CA TRP B 238 8.97 -16.37 15.93
C TRP B 238 10.20 -17.14 15.43
N VAL B 239 10.50 -18.25 16.09
CA VAL B 239 11.63 -19.07 15.72
C VAL B 239 11.50 -19.52 14.28
N ALA B 240 10.33 -20.00 13.90
CA ALA B 240 10.10 -20.47 12.54
C ALA B 240 10.25 -19.40 11.48
N ASN B 241 9.86 -18.17 11.82
CA ASN B 241 9.93 -17.07 10.86
C ASN B 241 11.19 -16.23 10.98
N PHE B 242 12.14 -16.69 11.79
CA PHE B 242 13.39 -15.98 12.01
C PHE B 242 14.11 -15.51 10.76
N GLU B 243 14.46 -14.22 10.74
CA GLU B 243 15.19 -13.61 9.64
C GLU B 243 16.15 -12.57 10.20
N LYS B 244 17.40 -12.98 10.41
CA LYS B 244 18.41 -12.12 10.99
C LYS B 244 18.43 -10.65 10.55
N PRO B 245 18.60 -10.39 9.24
CA PRO B 245 18.65 -9.00 8.77
C PRO B 245 17.48 -8.10 9.18
N LYS B 246 16.35 -8.72 9.51
CA LYS B 246 15.17 -7.97 9.89
C LYS B 246 15.08 -7.55 11.36
N GLY B 247 16.06 -7.94 12.17
CA GLY B 247 16.04 -7.57 13.58
C GLY B 247 16.21 -6.09 13.83
N ASP B 248 15.71 -5.63 14.98
CA ASP B 248 15.80 -4.23 15.38
C ASP B 248 16.96 -4.01 16.37
N PRO B 249 18.04 -3.36 15.93
CA PRO B 249 19.20 -3.11 16.81
C PRO B 249 18.95 -2.11 17.94
N SER B 250 17.79 -1.46 17.93
CA SER B 250 17.48 -0.49 18.98
C SER B 250 16.68 -1.14 20.11
N ALA B 251 16.17 -2.34 19.86
CA ALA B 251 15.40 -3.03 20.87
C ALA B 251 16.34 -3.49 21.98
N PHE B 252 16.20 -2.91 23.17
CA PHE B 252 17.05 -3.32 24.26
C PHE B 252 16.23 -3.85 25.44
N LEU B 253 15.07 -3.25 25.70
CA LEU B 253 14.22 -3.74 26.80
C LEU B 253 13.92 -5.20 26.48
N LYS B 254 13.80 -5.51 25.21
CA LYS B 254 13.56 -6.87 24.77
C LYS B 254 14.36 -7.13 23.49
N PRO B 255 15.62 -7.59 23.64
CA PRO B 255 16.51 -7.88 22.52
C PRO B 255 15.84 -8.53 21.29
N ALA B 256 16.24 -8.10 20.11
CA ALA B 256 15.70 -8.64 18.88
C ALA B 256 16.11 -10.09 18.64
N THR B 257 17.26 -10.48 19.15
CA THR B 257 17.71 -11.86 18.99
C THR B 257 17.75 -12.57 20.34
N THR B 258 18.20 -13.83 20.34
CA THR B 258 18.24 -14.68 21.53
C THR B 258 19.28 -14.41 22.63
N VAL B 259 20.38 -13.77 22.28
CA VAL B 259 21.45 -13.50 23.23
C VAL B 259 21.98 -14.80 23.85
N MET B 260 22.13 -15.85 23.05
CA MET B 260 22.66 -17.10 23.57
C MET B 260 24.18 -17.09 23.34
N SER B 261 24.65 -16.10 22.58
CA SER B 261 26.08 -16.01 22.23
C SER B 261 27.07 -16.17 23.39
N PRO B 262 26.80 -15.51 24.52
CA PRO B 262 27.76 -15.67 25.62
C PRO B 262 27.74 -17.08 26.20
N TYR B 263 26.61 -17.77 26.12
CA TYR B 263 26.53 -19.12 26.65
C TYR B 263 27.20 -20.13 25.72
N LEU B 264 27.12 -19.87 24.42
CA LEU B 264 27.77 -20.75 23.46
C LEU B 264 29.28 -20.57 23.55
N LYS B 265 29.72 -19.32 23.71
CA LYS B 265 31.16 -19.02 23.79
C LYS B 265 31.85 -19.83 24.89
N PHE B 266 31.30 -19.82 26.10
CA PHE B 266 31.89 -20.55 27.21
C PHE B 266 31.48 -22.02 27.27
N GLY B 267 30.63 -22.44 26.33
CA GLY B 267 30.22 -23.82 26.33
C GLY B 267 29.13 -24.13 27.34
N CYS B 268 28.55 -23.09 27.94
CA CYS B 268 27.48 -23.27 28.91
C CYS B 268 26.31 -23.96 28.19
N LEU B 269 26.13 -23.65 26.92
CA LEU B 269 25.09 -24.28 26.12
C LEU B 269 25.77 -25.04 25.00
N SER B 270 25.29 -26.26 24.75
CA SER B 270 25.83 -27.08 23.69
C SER B 270 25.25 -26.58 22.38
N SER B 271 26.11 -26.30 21.40
CA SER B 271 25.61 -25.84 20.13
C SER B 271 24.94 -27.02 19.44
N ARG B 272 25.31 -28.22 19.84
CA ARG B 272 24.73 -29.42 19.25
C ARG B 272 23.30 -29.55 19.72
N TYR B 273 23.07 -29.41 21.02
CA TYR B 273 21.74 -29.49 21.58
C TYR B 273 20.86 -28.41 20.98
N PHE B 274 21.37 -27.19 20.91
CA PHE B 274 20.64 -26.05 20.35
C PHE B 274 20.24 -26.39 18.92
N TYR B 275 21.16 -26.96 18.16
CA TYR B 275 20.90 -27.33 16.78
C TYR B 275 19.68 -28.24 16.66
N GLN B 276 19.66 -29.30 17.47
CA GLN B 276 18.56 -30.25 17.46
C GLN B 276 17.27 -29.56 17.87
N CYS B 277 17.31 -28.87 19.01
CA CYS B 277 16.12 -28.15 19.48
C CYS B 277 15.48 -27.40 18.31
N LEU B 278 16.30 -26.73 17.52
CA LEU B 278 15.83 -25.96 16.36
C LEU B 278 15.30 -26.92 15.31
N GLN B 279 16.00 -28.03 15.12
CA GLN B 279 15.59 -29.01 14.14
C GLN B 279 14.20 -29.54 14.47
N ASN B 280 13.91 -29.74 15.75
CA ASN B 280 12.59 -30.24 16.15
C ASN B 280 11.50 -29.24 15.86
N ILE B 281 11.78 -27.96 16.09
CA ILE B 281 10.80 -26.94 15.83
C ILE B 281 10.57 -26.82 14.33
N TYR B 282 11.63 -26.98 13.55
CA TYR B 282 11.55 -26.90 12.10
C TYR B 282 10.71 -27.99 11.45
N LYS B 283 10.60 -29.14 12.09
CA LYS B 283 9.82 -30.24 11.52
C LYS B 283 8.38 -30.21 11.99
N ASP B 284 8.16 -29.75 13.22
CA ASP B 284 6.81 -29.68 13.77
C ASP B 284 6.08 -28.45 13.26
N VAL B 285 6.61 -27.83 12.21
CA VAL B 285 6.00 -26.64 11.63
C VAL B 285 5.96 -26.82 10.11
N LYS B 286 5.05 -26.11 9.47
CA LYS B 286 4.92 -26.17 8.02
C LYS B 286 6.21 -25.62 7.40
N LYS B 287 6.23 -24.32 7.16
CA LYS B 287 7.39 -23.66 6.58
C LYS B 287 8.13 -22.79 7.57
N HIS B 288 9.40 -22.56 7.28
CA HIS B 288 10.26 -21.75 8.12
C HIS B 288 11.40 -21.21 7.28
N THR B 289 12.16 -20.28 7.84
CA THR B 289 13.28 -19.66 7.13
C THR B 289 14.44 -20.62 6.92
N SER B 290 15.38 -20.25 6.07
CA SER B 290 16.52 -21.09 5.81
C SER B 290 17.83 -20.32 5.92
N PRO B 291 18.94 -21.03 6.11
CA PRO B 291 20.20 -20.29 6.20
C PRO B 291 20.34 -19.58 4.88
N PRO B 292 21.05 -18.45 4.85
CA PRO B 292 21.72 -17.83 6.00
C PRO B 292 20.84 -17.10 7.02
N VAL B 293 19.70 -16.58 6.59
CA VAL B 293 18.86 -15.81 7.50
C VAL B 293 18.23 -16.54 8.68
N SER B 294 17.94 -17.84 8.52
CA SER B 294 17.30 -18.62 9.60
C SER B 294 18.06 -18.62 10.93
N LEU B 295 17.33 -18.83 12.04
CA LEU B 295 17.97 -18.88 13.34
C LEU B 295 19.01 -19.99 13.32
N LEU B 296 18.67 -21.12 12.72
CA LEU B 296 19.62 -22.20 12.62
C LEU B 296 20.77 -21.69 11.78
N GLY B 297 20.46 -20.85 10.79
CA GLY B 297 21.48 -20.29 9.94
C GLY B 297 22.50 -19.47 10.71
N GLN B 298 22.12 -18.99 11.89
CA GLN B 298 23.04 -18.22 12.69
C GLN B 298 24.12 -19.11 13.25
N LEU B 299 23.75 -20.33 13.64
CA LEU B 299 24.72 -21.28 14.16
C LEU B 299 25.69 -21.64 13.05
N LEU B 300 25.23 -21.64 11.80
CA LEU B 300 26.11 -21.95 10.68
C LEU B 300 27.18 -20.88 10.51
N TRP B 301 26.83 -19.63 10.82
CA TRP B 301 27.83 -18.59 10.70
C TRP B 301 28.96 -18.91 11.67
N ARG B 302 28.59 -19.34 12.87
CA ARG B 302 29.57 -19.69 13.87
C ARG B 302 30.49 -20.77 13.30
N GLU B 303 29.89 -21.78 12.67
CA GLU B 303 30.66 -22.87 12.07
C GLU B 303 31.52 -22.36 10.92
N PHE B 304 30.96 -21.43 10.15
CA PHE B 304 31.68 -20.89 9.00
C PHE B 304 32.97 -20.19 9.42
N PHE B 305 32.90 -19.34 10.42
CA PHE B 305 34.08 -18.63 10.87
C PHE B 305 35.07 -19.52 11.60
N TYR B 306 34.57 -20.50 12.36
CA TYR B 306 35.46 -21.40 13.07
C TYR B 306 36.32 -22.18 12.07
N THR B 307 35.67 -22.77 11.07
CA THR B 307 36.40 -23.53 10.07
C THR B 307 37.36 -22.64 9.30
N THR B 308 36.89 -21.46 8.89
CA THR B 308 37.75 -20.55 8.14
C THR B 308 38.92 -20.04 8.97
N ALA B 309 38.68 -19.85 10.28
CA ALA B 309 39.73 -19.36 11.16
C ALA B 309 40.79 -20.45 11.33
N PHE B 310 40.35 -21.65 11.68
CA PHE B 310 41.26 -22.78 11.88
C PHE B 310 42.19 -23.06 10.72
N GLY B 311 41.71 -22.85 9.50
CA GLY B 311 42.51 -23.11 8.31
C GLY B 311 43.24 -21.93 7.73
N THR B 312 43.24 -20.79 8.43
CA THR B 312 43.93 -19.61 7.94
C THR B 312 45.02 -19.11 8.88
N PRO B 313 46.29 -19.17 8.42
CA PRO B 313 47.41 -18.71 9.25
C PRO B 313 47.29 -17.20 9.44
N ASN B 314 47.59 -16.72 10.63
CA ASN B 314 47.50 -15.29 10.93
C ASN B 314 46.08 -14.73 10.71
N PHE B 315 45.09 -15.59 10.84
CA PHE B 315 43.70 -15.18 10.67
C PHE B 315 43.36 -13.94 11.47
N ASP B 316 44.00 -13.76 12.62
CA ASP B 316 43.67 -12.62 13.47
C ASP B 316 44.55 -11.40 13.32
N LYS B 317 45.02 -11.15 12.10
CA LYS B 317 45.83 -9.98 11.80
C LYS B 317 45.88 -9.71 10.32
N MET B 318 46.26 -8.50 9.94
CA MET B 318 46.32 -8.16 8.54
C MET B 318 47.62 -8.67 7.94
N LYS B 319 48.76 -8.22 8.47
CA LYS B 319 50.06 -8.65 7.97
C LYS B 319 50.21 -10.17 7.97
N GLY B 320 50.50 -10.72 6.78
CA GLY B 320 50.69 -12.15 6.66
C GLY B 320 49.43 -12.97 6.56
N ASN B 321 48.28 -12.31 6.45
CA ASN B 321 47.02 -13.03 6.32
C ASN B 321 46.72 -13.24 4.84
N ARG B 322 46.73 -14.51 4.46
CA ARG B 322 46.49 -14.93 3.08
C ARG B 322 45.17 -14.47 2.49
N ILE B 323 44.19 -14.21 3.34
CA ILE B 323 42.88 -13.80 2.85
C ILE B 323 42.48 -12.37 3.20
N CYS B 324 43.40 -11.62 3.79
CA CYS B 324 43.08 -10.25 4.20
C CYS B 324 43.64 -9.15 3.31
N LYS B 325 42.75 -8.34 2.77
CA LYS B 325 43.14 -7.22 1.92
C LYS B 325 44.16 -6.35 2.66
N GLN B 326 45.25 -6.00 1.98
CA GLN B 326 46.30 -5.17 2.57
C GLN B 326 45.93 -3.69 2.45
N ILE B 327 45.44 -3.13 3.55
CA ILE B 327 45.02 -1.73 3.58
C ILE B 327 45.88 -0.89 4.52
N PRO B 328 46.24 0.33 4.08
CA PRO B 328 47.06 1.23 4.90
C PRO B 328 46.23 1.98 5.94
N TRP B 329 45.71 1.26 6.93
CA TRP B 329 44.89 1.90 7.97
C TRP B 329 45.66 2.96 8.75
N ASN B 330 44.94 3.73 9.55
CA ASN B 330 45.57 4.75 10.37
C ASN B 330 45.56 4.27 11.81
N GLU B 331 46.54 4.70 12.57
CA GLU B 331 46.62 4.36 13.98
C GLU B 331 46.51 5.75 14.56
N ASP B 332 45.73 5.90 15.62
CA ASP B 332 45.54 7.23 16.21
C ASP B 332 44.84 7.08 17.55
N HIS B 333 45.63 6.95 18.62
CA HIS B 333 45.07 6.75 19.95
C HIS B 333 43.99 7.74 20.34
N ALA B 334 44.07 8.97 19.84
CA ALA B 334 43.07 9.98 20.17
C ALA B 334 41.69 9.55 19.67
N MET B 335 41.60 9.28 18.38
CA MET B 335 40.35 8.89 17.76
C MET B 335 39.86 7.53 18.24
N LEU B 336 40.80 6.62 18.47
CA LEU B 336 40.45 5.29 18.93
C LEU B 336 39.79 5.42 20.30
N ALA B 337 40.35 6.29 21.14
CA ALA B 337 39.80 6.51 22.47
C ALA B 337 38.41 7.11 22.33
N ALA B 338 38.27 8.10 21.46
CA ALA B 338 36.99 8.75 21.22
C ALA B 338 35.95 7.68 20.88
N TRP B 339 36.30 6.81 19.93
CA TRP B 339 35.42 5.72 19.52
C TRP B 339 35.17 4.74 20.67
N ARG B 340 36.26 4.22 21.24
CA ARG B 340 36.17 3.26 22.33
C ARG B 340 35.30 3.65 23.52
N ASP B 341 35.40 4.90 23.95
CA ASP B 341 34.61 5.31 25.11
C ASP B 341 33.30 5.98 24.76
N GLY B 342 32.93 5.93 23.48
CA GLY B 342 31.69 6.55 23.08
C GLY B 342 31.68 8.06 23.21
N LYS B 343 32.64 8.70 22.56
CA LYS B 343 32.76 10.16 22.58
C LYS B 343 32.95 10.61 21.15
N THR B 344 32.32 9.92 20.21
CA THR B 344 32.44 10.29 18.81
C THR B 344 31.60 11.53 18.50
N GLY B 345 30.56 11.72 19.31
CA GLY B 345 29.69 12.85 19.10
C GLY B 345 28.45 12.47 18.31
N TYR B 346 28.37 11.20 17.93
CA TYR B 346 27.22 10.70 17.18
C TYR B 346 26.42 9.79 18.12
N PRO B 347 25.38 10.34 18.76
CA PRO B 347 24.52 9.62 19.70
C PRO B 347 24.31 8.14 19.38
N TRP B 348 23.97 7.83 18.14
CA TRP B 348 23.74 6.43 17.77
C TRP B 348 24.97 5.58 18.04
N ILE B 349 26.12 6.00 17.51
CA ILE B 349 27.38 5.29 17.70
C ILE B 349 27.75 5.25 19.17
N ASP B 350 27.74 6.41 19.81
CA ASP B 350 28.09 6.51 21.22
C ASP B 350 27.17 5.67 22.12
N ALA B 351 25.88 5.64 21.79
CA ALA B 351 24.94 4.85 22.59
C ALA B 351 25.32 3.37 22.52
N ILE B 352 25.54 2.87 21.31
CA ILE B 352 25.93 1.48 21.10
C ILE B 352 27.20 1.14 21.88
N MET B 353 28.22 2.01 21.78
CA MET B 353 29.48 1.78 22.48
C MET B 353 29.29 1.74 23.99
N VAL B 354 28.29 2.43 24.50
CA VAL B 354 28.06 2.38 25.95
C VAL B 354 27.41 1.03 26.26
N GLN B 355 26.52 0.57 25.40
CA GLN B 355 25.89 -0.71 25.67
C GLN B 355 26.97 -1.78 25.63
N LEU B 356 28.00 -1.56 24.81
CA LEU B 356 29.09 -2.51 24.71
C LEU B 356 29.75 -2.67 26.07
N LEU B 357 30.07 -1.55 26.69
CA LEU B 357 30.72 -1.52 27.98
C LEU B 357 29.82 -1.99 29.14
N LYS B 358 28.57 -1.54 29.14
CA LYS B 358 27.66 -1.89 30.22
C LYS B 358 27.08 -3.30 30.16
N TRP B 359 26.64 -3.71 28.97
CA TRP B 359 26.04 -5.02 28.80
C TRP B 359 27.05 -6.09 28.36
N GLY B 360 28.08 -5.67 27.65
CA GLY B 360 29.03 -6.64 27.18
C GLY B 360 28.43 -7.36 25.99
N TRP B 361 27.35 -6.79 25.45
CA TRP B 361 26.65 -7.38 24.30
C TRP B 361 25.77 -6.36 23.56
N MET B 362 25.70 -6.48 22.24
CA MET B 362 24.84 -5.62 21.42
C MET B 362 24.34 -6.47 20.27
N HIS B 363 23.32 -5.97 19.58
CA HIS B 363 22.73 -6.67 18.44
C HIS B 363 23.65 -6.61 17.21
N HIS B 364 23.62 -7.66 16.41
CA HIS B 364 24.45 -7.76 15.22
C HIS B 364 24.54 -6.47 14.41
N LEU B 365 23.41 -5.83 14.13
CA LEU B 365 23.41 -4.58 13.36
C LEU B 365 24.01 -3.43 14.14
N ALA B 366 23.94 -3.48 15.46
CA ALA B 366 24.53 -2.42 16.25
C ALA B 366 26.05 -2.52 16.13
N ARG B 367 26.54 -3.77 16.13
CA ARG B 367 27.96 -4.05 16.02
C ARG B 367 28.44 -3.58 14.65
N HIS B 368 27.65 -3.89 13.62
CA HIS B 368 27.97 -3.49 12.25
C HIS B 368 28.25 -2.00 12.21
N CYS B 369 27.29 -1.23 12.71
CA CYS B 369 27.38 0.21 12.72
C CYS B 369 28.68 0.77 13.30
N VAL B 370 29.07 0.28 14.47
CA VAL B 370 30.29 0.79 15.10
C VAL B 370 31.57 0.28 14.43
N ALA B 371 31.54 -0.94 13.93
CA ALA B 371 32.71 -1.51 13.25
C ALA B 371 32.95 -0.74 11.95
N CYS B 372 31.85 -0.46 11.24
CA CYS B 372 31.95 0.28 10.00
C CYS B 372 32.51 1.68 10.31
N PHE B 373 31.84 2.38 11.21
CA PHE B 373 32.26 3.73 11.58
C PHE B 373 33.76 3.83 11.84
N LEU B 374 34.25 2.95 12.71
CA LEU B 374 35.66 2.93 13.10
C LEU B 374 36.66 2.64 11.99
N THR B 375 36.27 1.81 11.04
CA THR B 375 37.18 1.41 9.97
C THR B 375 37.01 2.09 8.61
N ARG B 376 36.38 1.39 7.67
CA ARG B 376 36.18 1.90 6.31
C ARG B 376 35.02 2.88 6.15
N GLY B 377 34.20 3.00 7.19
CA GLY B 377 33.07 3.90 7.12
C GLY B 377 33.37 5.36 7.41
N ASP B 378 34.16 5.64 8.44
CA ASP B 378 34.45 7.02 8.81
C ASP B 378 35.87 7.37 9.28
N LEU B 379 36.34 6.68 10.31
CA LEU B 379 37.65 6.94 10.91
C LEU B 379 38.88 6.29 10.26
N PHE B 380 38.68 5.19 9.55
CA PHE B 380 39.80 4.51 8.91
C PHE B 380 40.87 4.02 9.90
N ILE B 381 40.45 3.61 11.10
CA ILE B 381 41.37 3.11 12.11
C ILE B 381 41.52 1.61 11.84
N HIS B 382 42.72 1.09 12.02
CA HIS B 382 42.96 -0.33 11.77
C HIS B 382 41.91 -1.20 12.44
N TRP B 383 41.38 -2.18 11.72
CA TRP B 383 40.36 -3.04 12.32
C TRP B 383 40.91 -3.87 13.48
N GLU B 384 42.23 -3.95 13.60
CA GLU B 384 42.79 -4.73 14.70
C GLU B 384 42.55 -4.02 16.03
N GLN B 385 42.39 -2.69 15.98
CA GLN B 385 42.13 -1.95 17.19
C GLN B 385 40.68 -2.11 17.61
N GLY B 386 39.77 -2.17 16.65
CA GLY B 386 38.37 -2.35 16.99
C GLY B 386 38.22 -3.76 17.55
N ARG B 387 38.88 -4.71 16.89
CA ARG B 387 38.84 -6.09 17.31
C ARG B 387 39.34 -6.25 18.74
N ASP B 388 40.38 -5.49 19.13
CA ASP B 388 40.89 -5.59 20.49
C ASP B 388 39.87 -5.09 21.51
N VAL B 389 39.26 -3.94 21.22
CA VAL B 389 38.26 -3.36 22.12
C VAL B 389 37.09 -4.34 22.32
N PHE B 390 36.63 -4.95 21.22
CA PHE B 390 35.55 -5.92 21.30
C PHE B 390 36.01 -7.16 22.01
N GLU B 391 37.29 -7.49 21.85
CA GLU B 391 37.82 -8.69 22.49
C GLU B 391 37.75 -8.66 23.99
N ARG B 392 37.93 -7.50 24.61
CA ARG B 392 37.82 -7.50 26.05
C ARG B 392 36.47 -7.07 26.60
N LEU B 393 35.77 -6.18 25.89
CA LEU B 393 34.47 -5.73 26.36
C LEU B 393 33.30 -6.70 26.11
N LEU B 394 33.30 -7.44 24.99
CA LEU B 394 32.21 -8.38 24.73
C LEU B 394 32.23 -9.57 25.70
N ILE B 395 31.07 -9.92 26.26
CA ILE B 395 31.01 -11.06 27.16
C ILE B 395 30.90 -12.37 26.35
N ASP B 396 30.69 -12.25 25.04
CA ASP B 396 30.63 -13.42 24.18
C ASP B 396 31.90 -13.45 23.30
N SER B 397 32.92 -12.71 23.72
CA SER B 397 34.18 -12.60 23.00
C SER B 397 34.67 -13.95 22.48
N ASP B 398 34.63 -14.12 21.16
CA ASP B 398 35.01 -15.37 20.50
C ASP B 398 36.08 -15.10 19.45
N TRP B 399 37.29 -15.57 19.72
CA TRP B 399 38.41 -15.35 18.81
C TRP B 399 38.08 -15.52 17.32
N ALA B 400 37.56 -16.69 16.95
CA ALA B 400 37.22 -16.96 15.55
C ALA B 400 36.16 -16.02 15.00
N ILE B 401 35.03 -15.92 15.71
CA ILE B 401 33.93 -15.08 15.27
C ILE B 401 34.28 -13.59 15.26
N ASN B 402 34.88 -13.10 16.34
CA ASN B 402 35.22 -11.69 16.42
C ASN B 402 36.17 -11.25 15.31
N ASN B 403 37.15 -12.07 14.97
CA ASN B 403 38.10 -11.69 13.92
C ASN B 403 37.49 -11.78 12.54
N GLY B 404 36.71 -12.83 12.32
CA GLY B 404 36.06 -12.99 11.02
C GLY B 404 35.15 -11.80 10.78
N ASN B 405 34.30 -11.51 11.74
CA ASN B 405 33.38 -10.39 11.59
C ASN B 405 34.03 -9.03 11.46
N TRP B 406 35.18 -8.83 12.10
CA TRP B 406 35.85 -7.54 11.97
C TRP B 406 36.44 -7.39 10.58
N MET B 407 37.01 -8.47 10.04
CA MET B 407 37.55 -8.41 8.69
C MET B 407 36.42 -8.19 7.70
N TRP B 408 35.24 -8.71 8.03
CA TRP B 408 34.07 -8.56 7.19
C TRP B 408 33.62 -7.10 7.14
N LEU B 409 33.33 -6.51 8.30
CA LEU B 409 32.87 -5.14 8.35
C LEU B 409 33.88 -4.11 7.86
N SER B 410 35.17 -4.46 7.92
CA SER B 410 36.19 -3.54 7.46
C SER B 410 36.43 -3.74 5.97
N CYS B 411 35.75 -4.75 5.40
CA CYS B 411 35.88 -5.09 3.99
C CYS B 411 37.28 -5.53 3.64
N SER B 412 37.92 -6.24 4.57
CA SER B 412 39.27 -6.74 4.36
C SER B 412 39.20 -8.14 3.78
N SER B 413 38.09 -8.82 4.04
CA SER B 413 37.88 -10.18 3.56
C SER B 413 36.40 -10.56 3.65
N PHE B 414 36.00 -11.54 2.82
CA PHE B 414 34.63 -12.02 2.79
C PHE B 414 33.69 -11.10 2.02
N PHE B 415 33.50 -9.91 2.56
CA PHE B 415 32.61 -8.90 1.99
C PHE B 415 33.48 -7.79 1.40
N TYR B 416 33.22 -7.43 0.14
CA TYR B 416 34.05 -6.42 -0.49
C TYR B 416 33.36 -5.17 -1.04
N GLN B 417 32.11 -4.93 -0.64
CA GLN B 417 31.40 -3.75 -1.13
C GLN B 417 31.57 -2.56 -0.17
N PHE B 418 32.77 -1.98 -0.20
CA PHE B 418 33.06 -0.88 0.70
C PHE B 418 32.29 0.41 0.51
N ASN B 419 31.47 0.51 -0.54
CA ASN B 419 30.69 1.73 -0.73
C ASN B 419 29.31 1.64 -0.11
N ARG B 420 29.02 0.52 0.56
CA ARG B 420 27.75 0.34 1.25
C ARG B 420 28.09 0.71 2.69
N ILE B 421 28.06 2.00 3.00
CA ILE B 421 28.42 2.49 4.33
C ILE B 421 27.27 2.93 5.22
N TYR B 422 27.28 2.44 6.46
CA TYR B 422 26.24 2.78 7.44
C TYR B 422 26.35 4.25 7.86
N SER B 423 25.21 4.92 8.00
CA SER B 423 25.20 6.32 8.41
C SER B 423 25.01 6.41 9.91
N PRO B 424 25.96 7.08 10.60
CA PRO B 424 25.95 7.28 12.06
C PRO B 424 24.72 8.07 12.42
N ILE B 425 24.25 8.85 11.46
CA ILE B 425 23.08 9.70 11.62
C ILE B 425 21.72 9.07 11.32
N SER B 426 21.55 8.53 10.11
CA SER B 426 20.28 7.97 9.70
C SER B 426 19.90 6.55 10.07
N PHE B 427 20.86 5.64 10.05
CA PHE B 427 20.53 4.24 10.35
C PHE B 427 19.65 4.01 11.56
N GLY B 428 19.98 4.61 12.70
CA GLY B 428 19.16 4.41 13.88
C GLY B 428 17.72 4.87 13.68
N LYS B 429 17.53 6.00 13.00
CA LYS B 429 16.18 6.51 12.77
C LYS B 429 15.31 5.46 12.13
N LYS B 430 15.90 4.66 11.25
CA LYS B 430 15.18 3.61 10.56
C LYS B 430 14.33 2.79 11.54
N TYR B 431 14.86 2.56 12.74
CA TYR B 431 14.16 1.76 13.74
C TYR B 431 13.68 2.55 14.97
N ASP B 432 14.45 3.53 15.40
CA ASP B 432 14.09 4.28 16.60
C ASP B 432 14.16 5.79 16.42
N PRO B 433 13.23 6.35 15.63
CA PRO B 433 13.14 7.79 15.34
C PRO B 433 13.03 8.66 16.59
N ASP B 434 12.35 8.15 17.61
CA ASP B 434 12.19 8.89 18.85
C ASP B 434 13.50 8.97 19.60
N GLY B 435 14.31 7.91 19.48
CA GLY B 435 15.59 7.87 20.15
C GLY B 435 15.55 7.22 21.52
N LYS B 436 14.62 6.29 21.71
CA LYS B 436 14.51 5.60 22.99
C LYS B 436 15.84 4.96 23.39
N TYR B 437 16.43 4.21 22.46
CA TYR B 437 17.71 3.55 22.70
C TYR B 437 18.75 4.57 23.16
N ILE B 438 18.97 5.60 22.34
CA ILE B 438 19.92 6.65 22.65
C ILE B 438 19.68 7.30 24.02
N ARG B 439 18.43 7.63 24.32
CA ARG B 439 18.09 8.25 25.59
C ARG B 439 18.47 7.39 26.77
N HIS B 440 18.22 6.09 26.65
CA HIS B 440 18.53 5.13 27.69
C HIS B 440 20.03 5.04 28.00
N PHE B 441 20.84 4.74 26.99
CA PHE B 441 22.27 4.60 27.19
C PHE B 441 23.02 5.91 27.32
N LEU B 442 22.45 6.99 26.79
CA LEU B 442 23.09 8.31 26.87
C LEU B 442 22.11 9.26 27.55
N PRO B 443 21.89 9.09 28.87
CA PRO B 443 20.97 9.96 29.59
C PRO B 443 21.24 11.47 29.51
N VAL B 444 22.44 11.87 29.11
CA VAL B 444 22.72 13.30 29.00
C VAL B 444 21.94 13.93 27.83
N LEU B 445 21.32 13.07 27.00
CA LEU B 445 20.52 13.50 25.86
C LEU B 445 19.06 13.14 26.12
N LYS B 446 18.80 12.68 27.34
CA LYS B 446 17.47 12.28 27.78
C LYS B 446 16.35 13.20 27.35
N ASP B 447 16.59 14.51 27.38
CA ASP B 447 15.56 15.48 27.03
C ASP B 447 15.71 16.21 25.71
N MET B 448 16.74 15.85 24.94
CA MET B 448 16.97 16.46 23.64
C MET B 448 15.80 16.04 22.75
N PRO B 449 15.10 17.01 22.15
CA PRO B 449 13.95 16.73 21.27
C PRO B 449 14.29 15.86 20.08
N LYS B 450 13.42 14.87 19.82
CA LYS B 450 13.59 13.93 18.71
C LYS B 450 14.40 14.54 17.58
N GLN B 451 13.83 15.60 17.01
CA GLN B 451 14.40 16.34 15.90
C GLN B 451 15.93 16.38 15.79
N TYR B 452 16.63 16.47 16.93
CA TYR B 452 18.08 16.56 16.90
C TYR B 452 18.79 15.44 17.69
N ILE B 453 18.01 14.52 18.23
CA ILE B 453 18.56 13.43 19.03
C ILE B 453 19.71 12.67 18.36
N TYR B 454 19.63 12.47 17.05
CA TYR B 454 20.68 11.77 16.30
C TYR B 454 21.73 12.73 15.75
N GLU B 455 21.60 14.00 16.05
CA GLU B 455 22.54 15.00 15.56
C GLU B 455 22.33 16.28 16.34
N PRO B 456 22.58 16.22 17.66
CA PRO B 456 22.42 17.35 18.57
C PRO B 456 23.22 18.60 18.21
N TRP B 457 24.38 18.44 17.59
CA TRP B 457 25.19 19.61 17.25
C TRP B 457 24.44 20.58 16.34
N THR B 458 23.29 20.14 15.82
CA THR B 458 22.49 21.00 14.95
C THR B 458 21.33 21.62 15.72
N ALA B 459 21.15 21.22 16.97
CA ALA B 459 20.09 21.77 17.80
C ALA B 459 20.43 23.20 18.16
N PRO B 460 19.42 24.09 18.16
CA PRO B 460 19.65 25.50 18.49
C PRO B 460 20.24 25.61 19.90
N LEU B 461 21.22 26.51 20.06
CA LEU B 461 21.86 26.69 21.36
C LEU B 461 20.82 26.83 22.46
N SER B 462 19.69 27.45 22.13
CA SER B 462 18.61 27.63 23.09
C SER B 462 17.95 26.28 23.40
N VAL B 463 17.82 25.44 22.37
CA VAL B 463 17.22 24.11 22.53
C VAL B 463 18.15 23.23 23.38
N GLN B 464 19.46 23.36 23.15
CA GLN B 464 20.44 22.62 23.90
C GLN B 464 20.31 23.05 25.34
N THR B 465 20.65 24.31 25.61
CA THR B 465 20.57 24.86 26.96
C THR B 465 19.24 24.56 27.62
N LYS B 466 18.19 24.49 26.81
CA LYS B 466 16.87 24.19 27.33
C LYS B 466 16.84 22.76 27.80
N ALA B 467 17.28 21.85 26.92
CA ALA B 467 17.32 20.41 27.23
C ALA B 467 18.47 20.08 28.19
N ASN B 468 19.12 21.12 28.68
CA ASN B 468 20.22 20.94 29.62
C ASN B 468 21.27 19.97 29.09
N CYS B 469 21.77 20.25 27.90
CA CYS B 469 22.78 19.42 27.27
C CYS B 469 23.44 20.23 26.18
N ILE B 470 24.45 21.02 26.56
CA ILE B 470 25.17 21.84 25.62
C ILE B 470 26.35 21.12 24.96
N VAL B 471 26.22 20.91 23.66
CA VAL B 471 27.26 20.25 22.88
C VAL B 471 28.55 21.00 23.08
N GLY B 472 29.67 20.28 23.08
CA GLY B 472 30.95 20.92 23.29
C GLY B 472 31.20 20.97 24.79
N LYS B 473 30.17 20.64 25.56
CA LYS B 473 30.27 20.64 27.02
C LYS B 473 29.72 19.35 27.63
N ASP B 474 28.40 19.23 27.69
CA ASP B 474 27.74 18.04 28.25
C ASP B 474 27.90 16.79 27.39
N TYR B 475 28.05 17.00 26.09
CA TYR B 475 28.21 15.92 25.12
C TYR B 475 29.12 16.49 24.04
N PRO B 476 30.16 15.75 23.63
CA PRO B 476 31.09 16.24 22.61
C PRO B 476 30.45 16.47 21.25
N LYS B 477 31.16 17.16 20.36
CA LYS B 477 30.66 17.41 19.02
C LYS B 477 31.28 16.37 18.07
N PRO B 478 30.65 16.13 16.92
CA PRO B 478 31.13 15.16 15.93
C PRO B 478 32.63 15.18 15.71
N MET B 479 33.29 14.08 16.03
CA MET B 479 34.74 14.00 15.88
C MET B 479 35.13 14.09 14.42
N VAL B 480 34.17 13.84 13.54
CA VAL B 480 34.43 13.92 12.11
C VAL B 480 33.11 14.22 11.41
N LEU B 481 33.19 14.65 10.15
CA LEU B 481 31.99 14.97 9.36
C LEU B 481 31.70 13.78 8.45
N HIS B 482 30.66 13.02 8.80
CA HIS B 482 30.33 11.83 8.05
C HIS B 482 30.49 11.87 6.53
N ASP B 483 29.93 12.90 5.89
CA ASP B 483 30.03 13.01 4.44
C ASP B 483 31.45 13.03 3.91
N SER B 484 32.27 13.97 4.37
CA SER B 484 33.64 14.05 3.90
C SER B 484 34.45 12.86 4.41
N ALA B 485 34.15 12.41 5.63
CA ALA B 485 34.85 11.28 6.22
C ALA B 485 34.65 9.98 5.43
N SER B 486 33.40 9.68 5.10
CA SER B 486 33.10 8.47 4.35
C SER B 486 33.55 8.56 2.90
N LYS B 487 33.56 9.75 2.33
CA LYS B 487 34.00 9.92 0.94
C LYS B 487 35.51 9.64 0.90
N GLU B 488 36.22 10.12 1.93
CA GLU B 488 37.66 9.93 2.03
C GLU B 488 38.02 8.46 2.21
N CYS B 489 37.21 7.72 2.96
CA CYS B 489 37.46 6.30 3.16
C CYS B 489 37.20 5.54 1.86
N LYS B 490 36.04 5.83 1.25
CA LYS B 490 35.66 5.20 -0.01
C LYS B 490 36.79 5.40 -1.02
N ARG B 491 37.44 6.55 -0.94
CA ARG B 491 38.52 6.89 -1.85
C ARG B 491 39.79 6.08 -1.59
N LYS B 492 40.29 6.14 -0.36
CA LYS B 492 41.49 5.39 0.00
C LYS B 492 41.24 3.88 -0.16
N MET B 493 40.07 3.43 0.26
CA MET B 493 39.73 2.03 0.12
C MET B 493 39.88 1.61 -1.33
N GLY B 494 39.36 2.45 -2.22
CA GLY B 494 39.42 2.16 -3.64
C GLY B 494 40.85 2.01 -4.12
N GLU B 495 41.70 2.95 -3.73
CA GLU B 495 43.09 2.89 -4.14
C GLU B 495 43.78 1.67 -3.54
N ALA B 496 43.49 1.42 -2.25
CA ALA B 496 44.08 0.29 -1.56
C ALA B 496 43.65 -1.00 -2.25
N TYR B 497 42.42 -1.01 -2.75
CA TYR B 497 41.87 -2.17 -3.43
C TYR B 497 42.54 -2.44 -4.78
N ALA B 498 42.79 -1.37 -5.54
CA ALA B 498 43.42 -1.48 -6.85
C ALA B 498 44.84 -2.03 -6.71
N LEU B 499 45.56 -1.56 -5.70
CA LEU B 499 46.91 -2.02 -5.46
C LEU B 499 46.87 -3.52 -5.24
N ASN B 500 46.09 -3.96 -4.25
CA ASN B 500 45.95 -5.38 -3.96
C ASN B 500 45.62 -6.16 -5.23
N LYS B 501 45.01 -5.51 -6.21
CA LYS B 501 44.67 -6.19 -7.46
C LYS B 501 45.93 -6.32 -8.31
N LYS B 502 46.63 -5.19 -8.48
CA LYS B 502 47.87 -5.17 -9.25
C LYS B 502 48.82 -6.25 -8.78
N MET B 503 49.31 -6.10 -7.55
CA MET B 503 50.23 -7.08 -6.99
C MET B 503 49.61 -8.45 -6.75
N ASP B 504 48.53 -8.72 -7.46
CA ASP B 504 47.86 -10.01 -7.37
C ASP B 504 47.66 -10.47 -5.93
N GLY B 505 47.24 -9.56 -5.06
CA GLY B 505 47.00 -9.89 -3.66
C GLY B 505 48.25 -9.98 -2.80
N LYS B 506 49.39 -10.19 -3.42
CA LYS B 506 50.65 -10.32 -2.69
C LYS B 506 51.25 -8.99 -2.23
N VAL B 507 50.41 -7.97 -2.02
CA VAL B 507 50.90 -6.66 -1.57
C VAL B 507 51.81 -6.80 -0.36
N ASP B 508 53.00 -6.22 -0.45
CA ASP B 508 53.99 -6.31 0.63
C ASP B 508 54.14 -5.06 1.48
N GLU B 509 55.18 -5.04 2.30
CA GLU B 509 55.47 -3.93 3.21
C GLU B 509 55.66 -2.56 2.57
N GLU B 510 56.71 -2.42 1.76
CA GLU B 510 56.99 -1.15 1.13
C GLU B 510 55.93 -0.66 0.16
N ASN B 511 55.28 -1.58 -0.56
CA ASN B 511 54.23 -1.17 -1.48
C ASN B 511 53.12 -0.50 -0.69
N LEU B 512 52.85 -1.02 0.51
CA LEU B 512 51.82 -0.45 1.37
C LEU B 512 52.39 0.85 1.92
N ARG B 513 53.70 0.83 2.19
CA ARG B 513 54.40 2.00 2.71
C ARG B 513 54.24 3.18 1.78
N ASP B 514 54.42 2.91 0.49
CA ASP B 514 54.31 3.96 -0.54
C ASP B 514 52.87 4.41 -0.71
N LEU B 515 51.93 3.47 -0.72
CA LEU B 515 50.52 3.83 -0.87
C LEU B 515 50.17 4.71 0.31
N ARG B 516 50.68 4.35 1.48
CA ARG B 516 50.42 5.11 2.69
C ARG B 516 51.01 6.51 2.52
N ARG B 517 52.15 6.60 1.85
CA ARG B 517 52.79 7.88 1.62
C ARG B 517 52.05 8.65 0.52
N LYS B 518 51.52 7.92 -0.45
CA LYS B 518 50.77 8.53 -1.53
C LYS B 518 49.56 9.24 -0.92
N LEU B 519 48.77 8.49 -0.16
CA LEU B 519 47.59 9.04 0.50
C LEU B 519 48.01 10.12 1.49
N GLN B 520 49.30 10.22 1.74
CA GLN B 520 49.82 11.24 2.67
C GLN B 520 49.99 12.57 1.94
N LYS B 521 50.56 12.52 0.74
CA LYS B 521 50.76 13.71 -0.07
C LYS B 521 49.40 14.35 -0.32
N ASP B 522 48.46 13.54 -0.78
CA ASP B 522 47.10 13.98 -1.08
C ASP B 522 46.41 14.67 0.09
N GLU B 523 46.49 14.06 1.27
CA GLU B 523 45.85 14.61 2.47
C GLU B 523 46.55 15.87 2.97
N HIS B 524 47.87 15.94 2.78
CA HIS B 524 48.65 17.09 3.22
C HIS B 524 48.48 18.25 2.23
N GLU B 525 47.49 18.12 1.35
CA GLU B 525 47.20 19.15 0.35
C GLU B 525 45.88 19.84 0.69
N GLU B 526 44.77 19.18 0.35
CA GLU B 526 43.43 19.69 0.60
C GLU B 526 42.41 18.73 0.00
N SER C 5 38.94 20.53 -31.69
CA SER C 5 37.65 20.73 -32.41
C SER C 5 36.65 19.66 -31.96
N GLY C 6 36.88 19.11 -30.77
CA GLY C 6 36.00 18.08 -30.25
C GLY C 6 34.79 18.62 -29.49
N SER C 7 33.74 17.83 -29.44
CA SER C 7 32.52 18.19 -28.72
C SER C 7 32.29 17.19 -27.59
N LEU C 8 31.30 17.45 -26.77
CA LEU C 8 30.98 16.58 -25.64
C LEU C 8 29.47 16.53 -25.49
N ILE C 9 28.88 15.37 -25.71
CA ILE C 9 27.43 15.23 -25.57
C ILE C 9 27.19 14.64 -24.18
N TRP C 10 26.59 15.43 -23.32
CA TRP C 10 26.34 15.03 -21.95
C TRP C 10 24.93 14.52 -21.73
N PHE C 11 24.83 13.26 -21.30
CA PHE C 11 23.53 12.66 -21.06
C PHE C 11 23.10 12.77 -19.61
N ARG C 12 21.81 13.00 -19.43
CA ARG C 12 21.19 13.08 -18.11
C ARG C 12 19.81 12.45 -18.32
N LYS C 13 19.00 13.05 -19.20
CA LYS C 13 17.68 12.53 -19.52
C LYS C 13 17.44 12.31 -21.01
N GLY C 14 18.47 12.34 -21.82
CA GLY C 14 18.19 12.11 -23.23
C GLY C 14 18.84 10.79 -23.57
N LEU C 15 18.42 9.74 -22.88
CA LEU C 15 19.03 8.42 -23.06
C LEU C 15 18.56 7.69 -24.33
N ARG C 16 18.69 8.36 -25.46
CA ARG C 16 18.29 7.81 -26.75
C ARG C 16 19.11 8.50 -27.82
N VAL C 17 19.21 7.89 -29.01
CA VAL C 17 19.94 8.54 -30.09
C VAL C 17 18.93 9.16 -31.04
N HIS C 18 17.72 8.61 -31.08
CA HIS C 18 16.69 9.15 -31.96
C HIS C 18 16.18 10.47 -31.37
N ASP C 19 15.71 11.34 -32.24
CA ASP C 19 15.23 12.66 -31.86
C ASP C 19 16.06 13.30 -30.73
N ASN C 20 17.37 13.37 -30.93
CA ASN C 20 18.24 13.97 -29.92
C ASN C 20 18.94 15.20 -30.50
N PRO C 21 18.23 16.35 -30.55
CA PRO C 21 18.79 17.58 -31.08
C PRO C 21 20.22 17.77 -30.58
N ALA C 22 20.38 17.63 -29.26
CA ALA C 22 21.67 17.78 -28.61
C ALA C 22 22.71 16.91 -29.29
N LEU C 23 22.41 15.62 -29.46
CA LEU C 23 23.34 14.70 -30.09
C LEU C 23 23.64 15.08 -31.53
N GLU C 24 22.63 15.54 -32.25
CA GLU C 24 22.83 15.93 -33.64
C GLU C 24 23.90 17.01 -33.78
N TYR C 25 23.73 18.12 -33.06
CA TYR C 25 24.67 19.22 -33.10
C TYR C 25 26.07 18.78 -32.68
N ALA C 26 26.15 18.04 -31.59
CA ALA C 26 27.42 17.58 -31.08
C ALA C 26 28.18 16.75 -32.11
N SER C 27 27.46 16.05 -32.98
CA SER C 27 28.10 15.22 -34.00
C SER C 27 28.58 15.99 -35.22
N LYS C 28 28.09 17.22 -35.38
CA LYS C 28 28.47 18.06 -36.50
C LYS C 28 29.75 18.89 -36.27
N GLY C 29 30.54 19.01 -37.34
CA GLY C 29 31.78 19.77 -37.30
C GLY C 29 32.73 19.43 -36.17
N SER C 30 32.89 18.15 -35.86
CA SER C 30 33.79 17.74 -34.79
C SER C 30 34.62 16.53 -35.19
N GLU C 31 35.92 16.66 -35.02
CA GLU C 31 36.87 15.60 -35.34
C GLU C 31 36.61 14.41 -34.42
N PHE C 32 36.14 14.71 -33.21
CA PHE C 32 35.84 13.68 -32.24
C PHE C 32 34.78 14.17 -31.25
N MET C 33 34.04 13.22 -30.67
CA MET C 33 32.98 13.54 -29.72
C MET C 33 33.02 12.62 -28.49
N TYR C 34 32.81 13.21 -27.30
CA TYR C 34 32.82 12.43 -26.07
C TYR C 34 31.43 12.30 -25.44
N PRO C 35 30.79 11.12 -25.57
CA PRO C 35 29.46 10.93 -24.98
C PRO C 35 29.68 10.58 -23.52
N VAL C 36 29.10 11.37 -22.62
CA VAL C 36 29.28 11.14 -21.20
C VAL C 36 28.01 11.12 -20.35
N PHE C 37 28.04 10.27 -19.33
CA PHE C 37 26.97 10.14 -18.35
C PHE C 37 27.69 10.03 -17.01
N VAL C 38 27.21 10.73 -15.99
CA VAL C 38 27.87 10.65 -14.70
C VAL C 38 26.95 10.11 -13.62
N ILE C 39 27.44 9.09 -12.92
CA ILE C 39 26.68 8.44 -11.84
C ILE C 39 26.84 9.20 -10.52
N ASP C 40 25.77 9.85 -10.07
CA ASP C 40 25.82 10.55 -8.80
C ASP C 40 25.60 9.53 -7.69
N PRO C 41 26.63 9.29 -6.88
CA PRO C 41 26.59 8.32 -5.76
C PRO C 41 25.44 8.47 -4.77
N HIS C 42 25.04 9.71 -4.51
CA HIS C 42 23.98 9.99 -3.56
C HIS C 42 22.60 9.54 -4.04
N TYR C 43 22.43 9.45 -5.35
CA TYR C 43 21.16 9.02 -5.91
C TYR C 43 21.24 7.57 -6.31
N MET C 44 22.46 7.09 -6.53
CA MET C 44 22.66 5.74 -7.00
C MET C 44 23.13 4.67 -6.02
N GLU C 45 24.11 4.98 -5.19
CA GLU C 45 24.65 3.98 -4.27
C GLU C 45 23.77 3.55 -3.09
N SER C 46 23.84 2.26 -2.80
CA SER C 46 23.08 1.63 -1.73
C SER C 46 23.09 2.37 -0.40
N ASP C 47 21.91 2.64 0.13
CA ASP C 47 21.79 3.31 1.42
C ASP C 47 21.11 2.38 2.43
N PRO C 48 21.88 1.84 3.40
CA PRO C 48 21.34 0.93 4.40
C PRO C 48 20.14 1.48 5.21
N SER C 49 20.05 2.79 5.31
CA SER C 49 18.96 3.43 6.05
C SER C 49 17.61 3.36 5.35
N ALA C 50 17.63 3.22 4.04
CA ALA C 50 16.38 3.16 3.27
C ALA C 50 15.52 2.01 3.74
N PHE C 51 14.20 2.14 3.52
CA PHE C 51 13.26 1.10 3.94
C PHE C 51 13.18 -0.09 2.99
N SER C 52 13.85 0.03 1.84
CA SER C 52 13.89 -1.03 0.85
C SER C 52 15.11 -0.78 -0.02
N PRO C 53 15.73 -1.85 -0.52
CA PRO C 53 16.92 -1.75 -1.38
C PRO C 53 16.89 -0.56 -2.33
N GLY C 54 17.97 0.21 -2.32
CA GLY C 54 18.05 1.37 -3.18
C GLY C 54 18.84 2.46 -2.50
N SER C 55 18.84 3.64 -3.11
CA SER C 55 19.55 4.79 -2.54
C SER C 55 18.55 5.49 -1.63
N SER C 56 18.90 6.67 -1.16
CA SER C 56 17.96 7.37 -0.31
C SER C 56 16.82 7.93 -1.18
N ARG C 57 17.10 8.15 -2.46
CA ARG C 57 16.11 8.71 -3.39
C ARG C 57 15.54 7.77 -4.45
N ALA C 58 16.20 6.65 -4.72
CA ALA C 58 15.73 5.74 -5.73
C ALA C 58 15.83 4.30 -5.30
N GLY C 59 14.83 3.50 -5.69
CA GLY C 59 14.80 2.09 -5.37
C GLY C 59 15.65 1.34 -6.36
N VAL C 60 16.05 0.13 -5.98
CA VAL C 60 16.90 -0.71 -6.83
C VAL C 60 16.21 -0.95 -8.18
N ASN C 61 14.90 -0.89 -8.18
CA ASN C 61 14.17 -1.12 -9.41
C ASN C 61 14.39 -0.03 -10.43
N ARG C 62 14.34 1.23 -10.02
CA ARG C 62 14.54 2.31 -10.97
C ARG C 62 16.03 2.41 -11.30
N ILE C 63 16.87 2.11 -10.32
CA ILE C 63 18.30 2.18 -10.54
C ILE C 63 18.62 1.14 -11.62
N ARG C 64 18.13 -0.09 -11.44
CA ARG C 64 18.37 -1.15 -12.41
C ARG C 64 17.93 -0.69 -13.81
N PHE C 65 16.78 -0.03 -13.85
CA PHE C 65 16.23 0.46 -15.11
C PHE C 65 17.18 1.47 -15.72
N LEU C 66 17.76 2.34 -14.89
CA LEU C 66 18.70 3.34 -15.37
C LEU C 66 19.93 2.67 -15.95
N LEU C 67 20.53 1.76 -15.17
CA LEU C 67 21.71 1.04 -15.61
C LEU C 67 21.47 0.34 -16.95
N GLU C 68 20.30 -0.26 -17.12
CA GLU C 68 19.99 -0.94 -18.35
C GLU C 68 19.90 0.06 -19.50
N SER C 69 19.37 1.24 -19.22
CA SER C 69 19.26 2.26 -20.25
C SER C 69 20.65 2.75 -20.63
N LEU C 70 21.53 2.88 -19.65
CA LEU C 70 22.90 3.30 -19.95
C LEU C 70 23.54 2.23 -20.82
N LYS C 71 23.41 0.98 -20.41
CA LYS C 71 23.97 -0.12 -21.17
C LYS C 71 23.47 -0.11 -22.63
N ASP C 72 22.18 0.13 -22.84
CA ASP C 72 21.66 0.14 -24.20
C ASP C 72 22.27 1.32 -24.98
N LEU C 73 22.35 2.48 -24.33
CA LEU C 73 22.92 3.67 -24.96
C LEU C 73 24.32 3.35 -25.44
N ASP C 74 25.15 2.88 -24.52
CA ASP C 74 26.54 2.53 -24.84
C ASP C 74 26.53 1.62 -26.05
N SER C 75 25.63 0.65 -26.05
CA SER C 75 25.52 -0.28 -27.16
C SER C 75 25.22 0.42 -28.47
N SER C 76 24.19 1.27 -28.49
CA SER C 76 23.82 1.98 -29.69
C SER C 76 24.95 2.83 -30.21
N LEU C 77 25.63 3.54 -29.30
CA LEU C 77 26.75 4.39 -29.68
C LEU C 77 27.84 3.54 -30.32
N LYS C 78 28.25 2.47 -29.64
CA LYS C 78 29.28 1.58 -30.16
C LYS C 78 28.97 1.14 -31.59
N LYS C 79 27.68 0.94 -31.88
CA LYS C 79 27.26 0.53 -33.22
C LYS C 79 27.59 1.58 -34.26
N LEU C 80 27.76 2.83 -33.82
CA LEU C 80 28.08 3.92 -34.72
C LEU C 80 29.51 4.37 -34.51
N GLY C 81 30.36 3.47 -34.04
CA GLY C 81 31.77 3.78 -33.83
C GLY C 81 32.04 4.77 -32.71
N SER C 82 31.16 4.76 -31.71
CA SER C 82 31.32 5.65 -30.57
C SER C 82 31.28 4.82 -29.31
N ARG C 83 31.06 5.48 -28.17
CA ARG C 83 31.00 4.81 -26.90
C ARG C 83 30.42 5.77 -25.87
N LEU C 84 29.85 5.23 -24.79
CA LEU C 84 29.28 6.06 -23.74
C LEU C 84 30.26 6.07 -22.58
N LEU C 85 30.79 7.24 -22.27
CA LEU C 85 31.75 7.38 -21.17
C LEU C 85 31.01 7.67 -19.86
N VAL C 86 31.05 6.71 -18.93
CA VAL C 86 30.38 6.85 -17.66
C VAL C 86 31.36 7.15 -16.54
N PHE C 87 30.99 8.08 -15.65
CA PHE C 87 31.85 8.46 -14.53
C PHE C 87 31.11 8.40 -13.19
N LYS C 88 31.78 8.80 -12.11
CA LYS C 88 31.16 8.78 -10.79
C LYS C 88 31.57 9.98 -9.95
N GLY C 89 30.60 10.62 -9.30
CA GLY C 89 30.88 11.76 -8.47
C GLY C 89 29.79 12.79 -8.66
N GLU C 90 30.07 14.05 -8.32
CA GLU C 90 29.05 15.09 -8.50
C GLU C 90 29.19 15.50 -9.97
N PRO C 91 28.07 15.50 -10.71
CA PRO C 91 28.03 15.86 -12.14
C PRO C 91 28.80 17.12 -12.50
N GLY C 92 28.51 18.21 -11.79
CA GLY C 92 29.20 19.46 -12.04
C GLY C 92 30.71 19.31 -12.00
N GLU C 93 31.22 18.79 -10.88
CA GLU C 93 32.64 18.57 -10.72
C GLU C 93 33.21 17.73 -11.85
N VAL C 94 32.55 16.62 -12.16
CA VAL C 94 33.01 15.75 -13.22
C VAL C 94 33.02 16.44 -14.58
N LEU C 95 31.97 17.19 -14.89
CA LEU C 95 31.92 17.88 -16.16
C LEU C 95 33.10 18.86 -16.32
N VAL C 96 33.37 19.69 -15.31
CA VAL C 96 34.48 20.63 -15.40
C VAL C 96 35.82 19.90 -15.49
N ARG C 97 35.87 18.70 -14.94
CA ARG C 97 37.09 17.88 -14.96
C ARG C 97 37.30 17.38 -16.40
N CYS C 98 36.21 17.01 -17.06
CA CYS C 98 36.29 16.52 -18.43
C CYS C 98 36.53 17.70 -19.34
N LEU C 99 35.66 18.70 -19.21
CA LEU C 99 35.74 19.92 -19.99
C LEU C 99 37.18 20.46 -20.05
N GLN C 100 37.92 20.36 -18.94
CA GLN C 100 39.28 20.85 -18.95
C GLN C 100 40.29 19.81 -19.40
N GLU C 101 40.03 18.54 -19.12
CA GLU C 101 40.95 17.49 -19.51
C GLU C 101 40.97 17.24 -21.03
N TRP C 102 39.85 17.48 -21.70
CA TRP C 102 39.77 17.24 -23.14
C TRP C 102 39.88 18.47 -24.04
N LYS C 103 39.78 19.66 -23.47
CA LYS C 103 39.88 20.90 -24.24
C LYS C 103 38.76 21.00 -25.28
N VAL C 104 37.56 20.59 -24.90
CA VAL C 104 36.39 20.62 -25.78
C VAL C 104 35.93 22.05 -26.07
N LYS C 105 35.40 22.26 -27.26
CA LYS C 105 34.93 23.59 -27.63
C LYS C 105 33.41 23.72 -27.74
N ARG C 106 32.72 22.58 -27.79
CA ARG C 106 31.26 22.58 -27.90
C ARG C 106 30.65 21.59 -26.91
N LEU C 107 29.91 22.10 -25.93
CA LEU C 107 29.27 21.27 -24.92
C LEU C 107 27.79 21.12 -25.24
N CYS C 108 27.29 19.89 -25.25
CA CYS C 108 25.87 19.66 -25.55
C CYS C 108 25.12 18.78 -24.57
N PHE C 109 23.95 19.24 -24.15
CA PHE C 109 23.10 18.47 -23.25
C PHE C 109 21.65 18.92 -23.39
N GLU C 110 20.74 17.95 -23.37
CA GLU C 110 19.32 18.25 -23.49
C GLU C 110 18.86 19.05 -22.28
N TYR C 111 18.08 20.09 -22.52
CA TYR C 111 17.60 20.91 -21.43
C TYR C 111 16.67 20.13 -20.51
N ASP C 112 16.64 20.50 -19.25
CA ASP C 112 15.75 19.87 -18.30
C ASP C 112 15.25 20.88 -17.29
N THR C 113 14.02 20.67 -16.85
CA THR C 113 13.38 21.58 -15.92
C THR C 113 13.40 21.20 -14.44
N ASP C 114 13.96 20.04 -14.11
CA ASP C 114 13.98 19.63 -12.71
C ASP C 114 14.95 20.48 -11.90
N PRO C 115 14.53 20.91 -10.71
CA PRO C 115 15.35 21.74 -9.82
C PRO C 115 16.81 21.25 -9.75
N TYR C 116 16.98 19.95 -9.62
CA TYR C 116 18.32 19.35 -9.57
C TYR C 116 19.11 19.82 -10.77
N TYR C 117 18.53 19.68 -11.96
CA TYR C 117 19.23 20.08 -13.18
C TYR C 117 19.33 21.57 -13.45
N GLN C 118 18.39 22.36 -12.94
CA GLN C 118 18.46 23.81 -13.14
C GLN C 118 19.67 24.35 -12.36
N ALA C 119 19.97 23.73 -11.23
CA ALA C 119 21.08 24.14 -10.40
C ALA C 119 22.39 23.76 -11.06
N LEU C 120 22.42 22.59 -11.70
CA LEU C 120 23.62 22.11 -12.37
C LEU C 120 23.95 22.91 -13.62
N ASP C 121 22.95 23.07 -14.49
CA ASP C 121 23.14 23.78 -15.75
C ASP C 121 23.61 25.22 -15.54
N VAL C 122 23.11 25.89 -14.50
CA VAL C 122 23.52 27.25 -14.23
C VAL C 122 25.02 27.29 -13.97
N LYS C 123 25.50 26.37 -13.12
CA LYS C 123 26.93 26.32 -12.82
C LYS C 123 27.78 25.84 -14.00
N VAL C 124 27.31 24.81 -14.68
CA VAL C 124 28.06 24.31 -15.83
C VAL C 124 28.12 25.36 -16.93
N LYS C 125 27.00 25.99 -17.23
CA LYS C 125 26.98 27.01 -18.28
C LYS C 125 27.96 28.13 -17.96
N ASP C 126 27.96 28.56 -16.70
CA ASP C 126 28.86 29.61 -16.26
C ASP C 126 30.31 29.22 -16.51
N TYR C 127 30.67 28.01 -16.12
CA TYR C 127 32.03 27.55 -16.31
C TYR C 127 32.35 27.53 -17.80
N ALA C 128 31.42 27.04 -18.60
CA ALA C 128 31.61 26.97 -20.03
C ALA C 128 31.98 28.35 -20.58
N SER C 129 31.19 29.34 -20.17
CA SER C 129 31.40 30.71 -20.60
C SER C 129 32.77 31.23 -20.20
N SER C 130 33.21 30.86 -19.00
CA SER C 130 34.51 31.31 -18.48
C SER C 130 35.70 30.62 -19.14
N THR C 131 35.43 29.66 -20.02
CA THR C 131 36.50 28.95 -20.67
C THR C 131 36.25 28.98 -22.17
N GLY C 132 35.31 29.84 -22.55
CA GLY C 132 34.98 29.98 -23.96
C GLY C 132 34.55 28.68 -24.58
N VAL C 133 33.61 27.99 -23.94
CA VAL C 133 33.07 26.74 -24.44
C VAL C 133 31.61 26.96 -24.84
N GLU C 134 31.31 26.74 -26.12
CA GLU C 134 29.94 26.90 -26.59
C GLU C 134 29.05 25.83 -25.97
N VAL C 135 27.87 26.25 -25.53
CA VAL C 135 26.93 25.32 -24.94
C VAL C 135 25.61 25.31 -25.70
N PHE C 136 25.16 24.12 -26.06
CA PHE C 136 23.91 23.97 -26.76
C PHE C 136 23.01 23.11 -25.88
N SER C 137 21.84 23.64 -25.53
CA SER C 137 20.92 22.90 -24.67
C SER C 137 19.47 23.06 -25.13
N PRO C 138 19.11 22.34 -26.21
CA PRO C 138 17.76 22.35 -26.81
C PRO C 138 16.68 21.75 -25.94
N VAL C 139 15.43 22.04 -26.28
CA VAL C 139 14.31 21.49 -25.54
C VAL C 139 13.78 20.28 -26.31
N SER C 140 13.99 19.08 -25.78
CA SER C 140 13.53 17.87 -26.43
C SER C 140 13.08 16.76 -25.48
N HIS C 141 12.90 17.09 -24.21
CA HIS C 141 12.42 16.13 -23.22
C HIS C 141 10.92 16.34 -23.12
N THR C 142 10.48 17.56 -23.45
CA THR C 142 9.06 17.90 -23.41
C THR C 142 8.57 18.42 -24.76
N LEU C 143 7.25 18.45 -24.94
CA LEU C 143 6.66 18.92 -26.19
C LEU C 143 6.73 20.43 -26.31
N PHE C 144 6.54 21.13 -25.20
CA PHE C 144 6.59 22.59 -25.20
C PHE C 144 7.64 23.07 -24.20
N ASN C 145 8.05 24.33 -24.35
CA ASN C 145 9.04 24.91 -23.45
C ASN C 145 8.27 25.61 -22.32
N PRO C 146 8.26 25.02 -21.12
CA PRO C 146 7.54 25.64 -20.01
C PRO C 146 7.69 27.16 -19.94
N ALA C 147 8.93 27.64 -20.06
CA ALA C 147 9.21 29.06 -20.00
C ALA C 147 8.49 29.85 -21.11
N HIS C 148 8.52 29.34 -22.34
CA HIS C 148 7.84 30.02 -23.45
C HIS C 148 6.32 29.95 -23.30
N ILE C 149 5.81 28.88 -22.71
CA ILE C 149 4.37 28.76 -22.49
C ILE C 149 3.94 29.76 -21.43
N ILE C 150 4.71 29.85 -20.36
CA ILE C 150 4.39 30.78 -19.29
C ILE C 150 4.43 32.22 -19.80
N GLU C 151 5.49 32.55 -20.52
CA GLU C 151 5.63 33.89 -21.09
C GLU C 151 4.40 34.16 -21.96
N LYS C 152 4.17 33.27 -22.91
CA LYS C 152 3.03 33.36 -23.83
C LYS C 152 1.68 33.43 -23.11
N ASN C 153 1.69 33.21 -21.80
CA ASN C 153 0.47 33.24 -21.03
C ASN C 153 0.49 34.43 -20.06
N GLY C 154 1.26 35.46 -20.40
CA GLY C 154 1.33 36.63 -19.55
C GLY C 154 2.48 36.62 -18.57
N GLY C 155 2.97 35.44 -18.20
CA GLY C 155 4.07 35.37 -17.28
C GLY C 155 3.72 34.60 -16.01
N LYS C 156 2.82 33.64 -16.16
CA LYS C 156 2.39 32.83 -15.02
C LYS C 156 1.77 31.58 -15.62
N PRO C 157 2.07 30.41 -15.05
CA PRO C 157 1.51 29.16 -15.58
C PRO C 157 -0.02 29.11 -15.68
N PRO C 158 -0.55 28.61 -16.81
CA PRO C 158 -2.00 28.49 -17.02
C PRO C 158 -2.62 27.64 -15.90
N LEU C 159 -3.76 28.09 -15.38
CA LEU C 159 -4.40 27.39 -14.27
C LEU C 159 -5.03 26.02 -14.49
N SER C 160 -5.36 25.65 -15.73
CA SER C 160 -6.00 24.37 -15.97
C SER C 160 -5.54 23.60 -17.21
N TYR C 161 -5.72 22.29 -17.17
CA TYR C 161 -5.35 21.45 -18.31
C TYR C 161 -5.98 22.06 -19.55
N GLN C 162 -7.19 22.60 -19.37
CA GLN C 162 -7.94 23.21 -20.47
C GLN C 162 -7.30 24.48 -20.97
N SER C 163 -6.89 25.34 -20.04
CA SER C 163 -6.23 26.59 -20.39
C SER C 163 -4.87 26.29 -20.99
N PHE C 164 -4.22 25.23 -20.50
CA PHE C 164 -2.92 24.88 -21.01
C PHE C 164 -2.94 24.59 -22.50
N LEU C 165 -3.84 23.70 -22.93
CA LEU C 165 -3.94 23.38 -24.35
C LEU C 165 -4.26 24.65 -25.09
N LYS C 166 -5.15 25.44 -24.52
CA LYS C 166 -5.56 26.72 -25.07
C LYS C 166 -4.32 27.48 -25.50
N VAL C 167 -3.49 27.83 -24.53
CA VAL C 167 -2.26 28.56 -24.76
C VAL C 167 -1.22 27.78 -25.58
N ALA C 168 -0.82 26.63 -25.08
CA ALA C 168 0.19 25.82 -25.75
C ALA C 168 0.03 25.69 -27.26
N GLY C 169 -1.15 25.28 -27.71
CA GLY C 169 -1.35 25.09 -29.12
C GLY C 169 -0.62 23.83 -29.54
N GLU C 170 -0.13 23.78 -30.78
CA GLU C 170 0.57 22.59 -31.25
C GLU C 170 2.07 22.64 -31.03
N PRO C 171 2.67 21.53 -30.59
CA PRO C 171 4.11 21.46 -30.35
C PRO C 171 4.93 21.73 -31.61
N SER C 172 5.99 22.51 -31.46
CA SER C 172 6.86 22.86 -32.57
C SER C 172 7.31 21.67 -33.40
N CYS C 173 7.20 20.47 -32.85
CA CYS C 173 7.61 19.25 -33.54
C CYS C 173 6.50 18.65 -34.41
N ALA C 174 5.31 19.22 -34.33
CA ALA C 174 4.17 18.73 -35.08
C ALA C 174 4.55 18.37 -36.53
N LYS C 175 5.21 19.31 -37.20
CA LYS C 175 5.61 19.10 -38.60
C LYS C 175 7.09 18.78 -38.78
N SER C 176 7.84 18.77 -37.68
CA SER C 176 9.27 18.51 -37.76
C SER C 176 9.67 17.16 -38.33
N GLU C 177 10.80 17.14 -39.00
CA GLU C 177 11.33 15.90 -39.55
C GLU C 177 12.34 15.48 -38.48
N LEU C 178 11.96 14.52 -37.66
CA LEU C 178 12.82 14.08 -36.57
C LEU C 178 13.97 13.20 -37.00
N VAL C 179 15.16 13.50 -36.51
CA VAL C 179 16.33 12.72 -36.85
C VAL C 179 16.35 11.44 -36.02
N MET C 180 15.78 10.38 -36.60
CA MET C 180 15.68 9.09 -35.94
C MET C 180 16.92 8.21 -36.03
N SER C 181 17.88 8.58 -36.87
CA SER C 181 19.07 7.75 -37.01
C SER C 181 20.31 8.43 -37.55
N TYR C 182 21.44 7.75 -37.45
CA TYR C 182 22.72 8.27 -37.94
C TYR C 182 23.49 7.20 -38.70
N SER C 183 24.00 7.58 -39.86
CA SER C 183 24.80 6.69 -40.69
C SER C 183 26.17 6.49 -40.06
N SER C 184 26.66 7.54 -39.42
CA SER C 184 27.96 7.51 -38.76
C SER C 184 27.97 8.41 -37.52
N LEU C 185 29.10 8.43 -36.81
CA LEU C 185 29.20 9.26 -35.61
C LEU C 185 30.67 9.52 -35.27
N PRO C 186 31.05 10.79 -35.05
CA PRO C 186 32.44 11.11 -34.72
C PRO C 186 32.97 10.17 -33.65
N PRO C 187 34.17 9.61 -33.83
CA PRO C 187 34.71 8.69 -32.83
C PRO C 187 35.10 9.44 -31.56
N ILE C 188 35.62 8.73 -30.58
CA ILE C 188 36.01 9.34 -29.31
C ILE C 188 37.45 9.81 -29.21
N GLY C 189 37.64 11.04 -28.73
CA GLY C 189 38.98 11.58 -28.57
C GLY C 189 39.69 10.85 -27.45
N ASP C 190 41.01 10.91 -27.43
CA ASP C 190 41.75 10.20 -26.38
C ASP C 190 41.32 10.70 -25.00
N ILE C 191 41.01 9.75 -24.12
CA ILE C 191 40.58 10.08 -22.78
C ILE C 191 41.77 10.51 -21.94
N GLY C 192 41.62 11.62 -21.23
CA GLY C 192 42.71 12.08 -20.40
C GLY C 192 42.88 11.10 -19.25
N ASN C 193 43.67 11.48 -18.24
CA ASN C 193 43.88 10.60 -17.10
C ASN C 193 42.62 10.73 -16.23
N LEU C 194 41.48 10.31 -16.79
CA LEU C 194 40.19 10.37 -16.11
C LEU C 194 39.77 9.01 -15.57
N GLY C 195 38.78 9.02 -14.68
CA GLY C 195 38.29 7.78 -14.11
C GLY C 195 37.60 6.86 -15.11
N ILE C 196 38.31 6.53 -16.20
CA ILE C 196 37.80 5.66 -17.26
C ILE C 196 36.85 4.63 -16.64
N SER C 197 35.58 4.64 -17.05
CA SER C 197 34.63 3.72 -16.48
C SER C 197 33.50 3.23 -17.39
N GLU C 198 33.06 2.00 -17.14
CA GLU C 198 32.00 1.37 -17.89
C GLU C 198 30.73 1.63 -17.09
N VAL C 199 29.60 1.07 -17.55
CA VAL C 199 28.36 1.24 -16.82
C VAL C 199 28.46 0.30 -15.63
N PRO C 200 28.32 0.82 -14.39
CA PRO C 200 28.41 -0.04 -13.21
C PRO C 200 27.29 -1.06 -13.10
N SER C 201 27.52 -2.06 -12.26
CA SER C 201 26.55 -3.12 -12.00
C SER C 201 25.91 -2.77 -10.66
N LEU C 202 24.74 -3.36 -10.37
CA LEU C 202 24.09 -3.09 -9.08
C LEU C 202 25.07 -3.47 -7.96
N GLU C 203 25.93 -4.43 -8.23
CA GLU C 203 26.89 -4.89 -7.25
C GLU C 203 27.93 -3.82 -6.93
N GLU C 204 28.55 -3.27 -7.97
CA GLU C 204 29.56 -2.23 -7.80
C GLU C 204 28.93 -1.00 -7.17
N LEU C 205 27.61 -0.90 -7.32
CA LEU C 205 26.87 0.21 -6.76
C LEU C 205 26.64 -0.02 -5.28
N GLY C 206 26.89 -1.25 -4.84
CA GLY C 206 26.75 -1.57 -3.43
C GLY C 206 25.65 -2.52 -3.03
N TYR C 207 24.75 -2.86 -3.96
CA TYR C 207 23.66 -3.75 -3.63
C TYR C 207 24.07 -5.21 -3.58
N LYS C 208 23.60 -5.89 -2.54
CA LYS C 208 23.88 -7.31 -2.31
C LYS C 208 23.03 -8.22 -3.20
N ASP C 209 23.37 -9.51 -3.21
CA ASP C 209 22.65 -10.48 -4.03
C ASP C 209 21.18 -10.66 -3.66
N ASP C 210 20.86 -10.59 -2.38
CA ASP C 210 19.47 -10.75 -1.97
C ASP C 210 18.64 -9.51 -2.35
N GLU C 211 19.32 -8.40 -2.63
CA GLU C 211 18.65 -7.17 -3.02
C GLU C 211 18.42 -7.12 -4.53
N GLN C 212 18.82 -8.17 -5.22
CA GLN C 212 18.68 -8.25 -6.68
C GLN C 212 17.86 -9.47 -7.09
N ALA C 213 17.34 -10.19 -6.10
CA ALA C 213 16.54 -11.39 -6.34
C ALA C 213 15.37 -11.16 -7.26
N ASP C 214 14.58 -10.12 -7.00
CA ASP C 214 13.43 -9.84 -7.84
C ASP C 214 13.60 -8.69 -8.80
N TRP C 215 13.01 -8.86 -9.97
CA TRP C 215 13.09 -7.89 -11.04
C TRP C 215 11.75 -7.27 -11.36
N THR C 216 11.79 -5.99 -11.74
CA THR C 216 10.57 -5.33 -12.18
C THR C 216 10.41 -6.00 -13.54
N PRO C 217 9.17 -6.14 -14.03
CA PRO C 217 9.01 -6.77 -15.34
C PRO C 217 9.29 -5.87 -16.54
N PHE C 218 9.83 -4.68 -16.32
CA PHE C 218 10.10 -3.77 -17.44
C PHE C 218 11.57 -3.39 -17.61
N ARG C 219 12.15 -3.83 -18.71
CA ARG C 219 13.55 -3.57 -19.02
C ARG C 219 13.67 -2.15 -19.58
N GLY C 220 14.77 -1.48 -19.26
CA GLY C 220 14.97 -0.12 -19.75
C GLY C 220 15.78 0.00 -21.03
N GLY C 221 15.89 1.22 -21.53
CA GLY C 221 16.65 1.43 -22.75
C GLY C 221 15.82 1.93 -23.90
N GLU C 222 16.50 2.47 -24.90
CA GLU C 222 15.87 3.02 -26.09
C GLU C 222 15.29 1.87 -26.93
N SER C 223 16.03 0.76 -26.99
CA SER C 223 15.57 -0.39 -27.76
C SER C 223 14.23 -0.89 -27.22
N GLU C 224 14.17 -1.13 -25.91
CA GLU C 224 12.92 -1.58 -25.29
C GLU C 224 11.86 -0.51 -25.51
N ALA C 225 12.24 0.74 -25.28
CA ALA C 225 11.32 1.83 -25.44
C ALA C 225 10.64 1.75 -26.80
N LEU C 226 11.44 1.71 -27.85
CA LEU C 226 10.91 1.64 -29.21
C LEU C 226 10.15 0.35 -29.45
N LYS C 227 10.67 -0.76 -28.92
CA LYS C 227 9.99 -2.03 -29.08
C LYS C 227 8.58 -1.98 -28.49
N ARG C 228 8.45 -1.53 -27.25
CA ARG C 228 7.12 -1.47 -26.61
C ARG C 228 6.17 -0.46 -27.23
N LEU C 229 6.70 0.66 -27.74
CA LEU C 229 5.85 1.67 -28.36
C LEU C 229 5.14 1.04 -29.56
N THR C 230 5.91 0.31 -30.37
CA THR C 230 5.39 -0.36 -31.55
C THR C 230 4.20 -1.23 -31.19
N LYS C 231 4.33 -2.03 -30.13
CA LYS C 231 3.24 -2.88 -29.70
C LYS C 231 2.10 -2.07 -29.10
N SER C 232 2.45 -1.14 -28.23
CA SER C 232 1.44 -0.30 -27.59
C SER C 232 0.46 0.35 -28.57
N ILE C 233 0.95 0.83 -29.71
CA ILE C 233 0.06 1.47 -30.65
C ILE C 233 -0.24 0.64 -31.92
N SER C 234 0.20 -0.61 -31.94
CA SER C 234 -0.02 -1.50 -33.07
C SER C 234 -1.51 -1.70 -33.40
N ASP C 235 -2.35 -1.68 -32.37
CA ASP C 235 -3.79 -1.82 -32.57
C ASP C 235 -4.39 -0.41 -32.74
N LYS C 236 -4.29 0.11 -33.95
CA LYS C 236 -4.81 1.44 -34.28
C LYS C 236 -6.18 1.74 -33.71
N ALA C 237 -7.04 0.72 -33.66
CA ALA C 237 -8.39 0.90 -33.15
C ALA C 237 -8.37 1.18 -31.65
N TRP C 238 -7.51 0.46 -30.94
CA TRP C 238 -7.40 0.64 -29.49
C TRP C 238 -6.95 2.07 -29.15
N VAL C 239 -5.96 2.57 -29.87
CA VAL C 239 -5.44 3.92 -29.61
C VAL C 239 -6.43 5.03 -29.95
N ALA C 240 -7.26 4.81 -30.96
CA ALA C 240 -8.26 5.78 -31.37
C ALA C 240 -9.39 5.86 -30.35
N ASN C 241 -9.80 4.71 -29.84
CA ASN C 241 -10.89 4.66 -28.86
C ASN C 241 -10.42 4.91 -27.42
N PHE C 242 -9.10 5.04 -27.25
CA PHE C 242 -8.50 5.23 -25.94
C PHE C 242 -9.12 6.26 -25.01
N GLU C 243 -9.49 5.82 -23.81
CA GLU C 243 -10.07 6.68 -22.79
C GLU C 243 -9.48 6.33 -21.41
N LYS C 244 -8.56 7.16 -20.95
CA LYS C 244 -7.91 6.93 -19.67
C LYS C 244 -8.85 6.52 -18.54
N PRO C 245 -9.91 7.28 -18.31
CA PRO C 245 -10.88 7.01 -17.24
C PRO C 245 -11.49 5.61 -17.26
N LYS C 246 -11.60 5.01 -18.43
CA LYS C 246 -12.22 3.69 -18.51
C LYS C 246 -11.31 2.46 -18.39
N GLY C 247 -10.01 2.66 -18.17
CA GLY C 247 -9.10 1.55 -18.05
C GLY C 247 -9.37 0.71 -16.83
N ASP C 248 -8.78 -0.48 -16.77
CA ASP C 248 -8.95 -1.37 -15.62
C ASP C 248 -7.69 -1.42 -14.78
N PRO C 249 -7.74 -0.88 -13.55
CA PRO C 249 -6.58 -0.89 -12.66
C PRO C 249 -6.12 -2.28 -12.21
N SER C 250 -7.03 -3.25 -12.25
CA SER C 250 -6.73 -4.62 -11.81
C SER C 250 -6.04 -5.47 -12.84
N ALA C 251 -5.99 -5.01 -14.08
CA ALA C 251 -5.34 -5.76 -15.14
C ALA C 251 -3.82 -5.64 -14.97
N PHE C 252 -3.15 -6.78 -14.80
CA PHE C 252 -1.70 -6.76 -14.66
C PHE C 252 -1.05 -7.68 -15.69
N LEU C 253 -1.66 -8.83 -15.95
CA LEU C 253 -1.12 -9.74 -16.95
C LEU C 253 -0.93 -8.93 -18.22
N LYS C 254 -1.91 -8.10 -18.51
CA LYS C 254 -1.89 -7.23 -19.67
C LYS C 254 -2.35 -5.83 -19.21
N PRO C 255 -1.39 -4.97 -18.80
CA PRO C 255 -1.72 -3.61 -18.33
C PRO C 255 -2.71 -2.88 -19.22
N ALA C 256 -3.65 -2.17 -18.60
CA ALA C 256 -4.66 -1.43 -19.32
C ALA C 256 -4.10 -0.34 -20.21
N THR C 257 -2.97 0.25 -19.81
CA THR C 257 -2.38 1.31 -20.61
C THR C 257 -1.00 0.95 -21.17
N THR C 258 -0.41 1.85 -21.95
CA THR C 258 0.89 1.61 -22.61
C THR C 258 2.12 1.28 -21.76
N VAL C 259 2.17 1.79 -20.53
CA VAL C 259 3.30 1.62 -19.62
C VAL C 259 4.57 2.16 -20.30
N MET C 260 4.43 3.28 -21.00
CA MET C 260 5.58 3.91 -21.66
C MET C 260 6.26 4.85 -20.67
N SER C 261 5.54 5.19 -19.60
CA SER C 261 6.05 6.12 -18.57
C SER C 261 7.52 6.05 -18.14
N PRO C 262 8.03 4.87 -17.81
CA PRO C 262 9.44 4.89 -17.41
C PRO C 262 10.38 5.27 -18.55
N TYR C 263 9.99 4.94 -19.78
CA TYR C 263 10.81 5.26 -20.95
C TYR C 263 10.75 6.75 -21.22
N LEU C 264 9.59 7.35 -21.01
CA LEU C 264 9.46 8.78 -21.22
C LEU C 264 10.25 9.51 -20.13
N LYS C 265 10.10 9.08 -18.88
CA LYS C 265 10.79 9.74 -17.77
C LYS C 265 12.30 9.85 -17.96
N PHE C 266 12.94 8.79 -18.46
CA PHE C 266 14.38 8.80 -18.68
C PHE C 266 14.74 9.30 -20.06
N GLY C 267 13.73 9.53 -20.88
CA GLY C 267 14.00 9.98 -22.23
C GLY C 267 14.43 8.83 -23.14
N CYS C 268 14.11 7.60 -22.77
CA CYS C 268 14.45 6.44 -23.61
C CYS C 268 13.61 6.57 -24.88
N LEU C 269 12.46 7.21 -24.75
CA LEU C 269 11.56 7.43 -25.86
C LEU C 269 11.33 8.93 -25.92
N SER C 270 11.39 9.49 -27.11
CA SER C 270 11.13 10.91 -27.27
C SER C 270 9.62 11.10 -27.23
N SER C 271 9.17 12.09 -26.49
CA SER C 271 7.74 12.36 -26.37
C SER C 271 7.27 12.98 -27.68
N ARG C 272 8.20 13.61 -28.38
CA ARG C 272 7.88 14.25 -29.64
C ARG C 272 7.58 13.18 -30.68
N TYR C 273 8.42 12.14 -30.73
CA TYR C 273 8.22 11.07 -31.69
C TYR C 273 6.92 10.34 -31.36
N PHE C 274 6.68 10.11 -30.08
CA PHE C 274 5.48 9.42 -29.62
C PHE C 274 4.26 10.22 -30.07
N TYR C 275 4.39 11.54 -30.01
CA TYR C 275 3.33 12.45 -30.42
C TYR C 275 3.02 12.32 -31.91
N GLN C 276 4.08 12.33 -32.72
CA GLN C 276 3.91 12.23 -34.17
C GLN C 276 3.25 10.92 -34.52
N CYS C 277 3.72 9.83 -33.90
CA CYS C 277 3.14 8.52 -34.16
C CYS C 277 1.64 8.57 -33.90
N LEU C 278 1.25 9.15 -32.76
CA LEU C 278 -0.15 9.24 -32.41
C LEU C 278 -0.84 10.14 -33.42
N GLN C 279 -0.13 11.18 -33.83
CA GLN C 279 -0.66 12.13 -34.79
C GLN C 279 -0.99 11.37 -36.08
N ASN C 280 -0.04 10.56 -36.55
CA ASN C 280 -0.24 9.80 -37.76
C ASN C 280 -1.45 8.87 -37.70
N ILE C 281 -1.54 8.04 -36.66
CA ILE C 281 -2.65 7.13 -36.52
C ILE C 281 -3.99 7.85 -36.63
N TYR C 282 -4.12 8.95 -35.88
CA TYR C 282 -5.34 9.75 -35.86
C TYR C 282 -5.80 10.21 -37.24
N LYS C 283 -4.86 10.66 -38.07
CA LYS C 283 -5.22 11.13 -39.40
C LYS C 283 -5.70 9.97 -40.28
N ASP C 284 -5.13 8.79 -40.07
CA ASP C 284 -5.51 7.62 -40.87
C ASP C 284 -6.76 6.96 -40.32
N VAL C 285 -7.37 7.59 -39.31
CA VAL C 285 -8.59 7.05 -38.71
C VAL C 285 -9.68 8.11 -38.72
N LYS C 286 -10.87 7.69 -39.12
CA LYS C 286 -12.02 8.59 -39.18
C LYS C 286 -12.19 9.34 -37.86
N LYS C 287 -12.66 8.63 -36.84
CA LYS C 287 -12.85 9.25 -35.54
C LYS C 287 -11.96 8.66 -34.47
N HIS C 288 -11.74 9.45 -33.43
CA HIS C 288 -10.91 9.07 -32.29
C HIS C 288 -11.19 10.03 -31.15
N THR C 289 -10.74 9.64 -29.98
CA THR C 289 -10.94 10.45 -28.78
C THR C 289 -10.06 11.69 -28.77
N SER C 290 -10.51 12.72 -28.05
CA SER C 290 -9.73 13.94 -27.97
C SER C 290 -9.24 14.16 -26.54
N PRO C 291 -8.36 15.15 -26.33
CA PRO C 291 -7.95 15.30 -24.94
C PRO C 291 -9.14 15.78 -24.11
N PRO C 292 -9.12 15.58 -22.79
CA PRO C 292 -8.08 14.91 -22.00
C PRO C 292 -8.00 13.38 -22.07
N VAL C 293 -9.14 12.70 -22.20
CA VAL C 293 -9.13 11.24 -22.21
C VAL C 293 -8.27 10.51 -23.25
N SER C 294 -8.13 11.08 -24.44
CA SER C 294 -7.35 10.46 -25.52
C SER C 294 -5.93 10.09 -25.08
N LEU C 295 -5.31 9.17 -25.80
CA LEU C 295 -3.96 8.75 -25.46
C LEU C 295 -3.00 9.89 -25.74
N LEU C 296 -3.32 10.73 -26.73
CA LEU C 296 -2.46 11.86 -27.02
C LEU C 296 -2.64 12.83 -25.86
N GLY C 297 -3.85 12.85 -25.32
CA GLY C 297 -4.15 13.72 -24.18
C GLY C 297 -3.28 13.40 -22.98
N GLN C 298 -2.85 12.14 -22.84
CA GLN C 298 -1.99 11.76 -21.73
C GLN C 298 -0.65 12.47 -21.83
N LEU C 299 -0.09 12.55 -23.02
CA LEU C 299 1.19 13.24 -23.19
C LEU C 299 1.04 14.72 -22.86
N LEU C 300 -0.20 15.20 -22.84
CA LEU C 300 -0.46 16.60 -22.51
C LEU C 300 -0.57 16.82 -20.99
N TRP C 301 -1.00 15.80 -20.25
CA TRP C 301 -1.08 15.93 -18.80
C TRP C 301 0.34 16.12 -18.32
N ARG C 302 1.27 15.40 -18.95
CA ARG C 302 2.68 15.49 -18.62
C ARG C 302 3.13 16.93 -18.84
N GLU C 303 2.85 17.45 -20.03
CA GLU C 303 3.20 18.82 -20.39
C GLU C 303 2.66 19.82 -19.38
N PHE C 304 1.39 19.63 -19.02
CA PHE C 304 0.71 20.50 -18.07
C PHE C 304 1.34 20.53 -16.66
N PHE C 305 1.71 19.37 -16.13
CA PHE C 305 2.30 19.36 -14.80
C PHE C 305 3.73 19.88 -14.87
N TYR C 306 4.39 19.66 -16.01
CA TYR C 306 5.75 20.12 -16.20
C TYR C 306 5.78 21.63 -16.22
N THR C 307 4.84 22.24 -16.93
CA THR C 307 4.78 23.69 -17.02
C THR C 307 4.37 24.30 -15.69
N THR C 308 3.38 23.71 -15.02
CA THR C 308 2.94 24.25 -13.75
C THR C 308 4.08 24.20 -12.75
N ALA C 309 4.71 23.05 -12.65
CA ALA C 309 5.84 22.87 -11.73
C ALA C 309 6.92 23.91 -11.99
N PHE C 310 7.28 24.10 -13.26
CA PHE C 310 8.32 25.05 -13.61
C PHE C 310 8.00 26.47 -13.19
N GLY C 311 6.74 26.85 -13.26
CA GLY C 311 6.38 28.21 -12.90
C GLY C 311 5.88 28.36 -11.50
N THR C 312 6.09 27.35 -10.66
CA THR C 312 5.63 27.41 -9.28
C THR C 312 6.69 27.15 -8.22
N PRO C 313 6.95 28.16 -7.38
CA PRO C 313 7.93 28.12 -6.29
C PRO C 313 7.50 27.14 -5.20
N ASN C 314 8.42 26.27 -4.79
CA ASN C 314 8.13 25.29 -3.75
C ASN C 314 7.08 24.28 -4.17
N PHE C 315 6.99 24.05 -5.48
CA PHE C 315 6.03 23.12 -6.05
C PHE C 315 5.97 21.79 -5.29
N ASP C 316 7.12 21.31 -4.85
CA ASP C 316 7.18 20.02 -4.15
C ASP C 316 6.98 20.03 -2.63
N LYS C 317 6.43 21.11 -2.10
CA LYS C 317 6.17 21.17 -0.67
C LYS C 317 4.93 22.02 -0.45
N MET C 318 4.25 21.80 0.67
CA MET C 318 3.05 22.55 0.99
C MET C 318 3.35 23.99 1.42
N LYS C 319 4.32 24.16 2.31
CA LYS C 319 4.71 25.47 2.82
C LYS C 319 5.46 26.31 1.79
N GLY C 320 4.93 27.50 1.54
CA GLY C 320 5.56 28.41 0.59
C GLY C 320 5.02 28.24 -0.82
N ASN C 321 4.15 27.23 -0.99
CA ASN C 321 3.55 26.92 -2.28
C ASN C 321 2.25 27.74 -2.46
N ARG C 322 2.28 28.69 -3.39
CA ARG C 322 1.14 29.54 -3.64
C ARG C 322 -0.10 28.81 -4.15
N ILE C 323 0.09 27.72 -4.89
CA ILE C 323 -1.04 26.98 -5.44
C ILE C 323 -1.55 25.83 -4.56
N CYS C 324 -0.90 25.61 -3.43
CA CYS C 324 -1.29 24.51 -2.56
C CYS C 324 -2.04 24.94 -1.31
N LYS C 325 -3.13 24.25 -1.01
CA LYS C 325 -3.91 24.57 0.17
C LYS C 325 -3.17 24.09 1.40
N GLN C 326 -3.18 24.90 2.45
CA GLN C 326 -2.52 24.54 3.69
C GLN C 326 -3.49 23.69 4.51
N ILE C 327 -3.14 22.42 4.69
CA ILE C 327 -3.98 21.47 5.41
C ILE C 327 -3.17 20.81 6.52
N PRO C 328 -3.72 20.78 7.75
CA PRO C 328 -3.07 20.18 8.93
C PRO C 328 -2.96 18.66 8.91
N TRP C 329 -2.12 18.14 8.01
CA TRP C 329 -1.91 16.70 7.88
C TRP C 329 -1.22 16.11 9.09
N ASN C 330 -1.50 14.84 9.38
CA ASN C 330 -0.85 14.18 10.50
C ASN C 330 0.49 13.60 10.03
N GLU C 331 1.45 13.55 10.94
CA GLU C 331 2.75 12.95 10.66
C GLU C 331 2.59 11.74 11.58
N ASP C 332 3.03 10.56 11.17
CA ASP C 332 2.83 9.37 12.02
C ASP C 332 3.51 8.16 11.41
N HIS C 333 4.81 8.02 11.65
CA HIS C 333 5.58 6.92 11.07
C HIS C 333 4.89 5.56 11.12
N ALA C 334 4.29 5.20 12.25
CA ALA C 334 3.62 3.90 12.36
C ALA C 334 2.63 3.72 11.22
N MET C 335 1.75 4.71 11.04
CA MET C 335 0.74 4.66 9.99
C MET C 335 1.38 4.64 8.60
N LEU C 336 2.25 5.61 8.33
CA LEU C 336 2.92 5.71 7.06
C LEU C 336 3.50 4.35 6.65
N ALA C 337 4.27 3.75 7.53
CA ALA C 337 4.89 2.46 7.29
C ALA C 337 3.85 1.42 6.87
N ALA C 338 2.78 1.30 7.64
CA ALA C 338 1.73 0.34 7.32
C ALA C 338 1.30 0.48 5.87
N TRP C 339 1.05 1.73 5.48
CA TRP C 339 0.62 2.06 4.13
C TRP C 339 1.75 1.73 3.16
N ARG C 340 2.90 2.33 3.42
CA ARG C 340 4.09 2.15 2.59
C ARG C 340 4.45 0.70 2.33
N ASP C 341 4.28 -0.16 3.33
CA ASP C 341 4.64 -1.57 3.16
C ASP C 341 3.48 -2.47 2.81
N GLY C 342 2.31 -1.89 2.56
CA GLY C 342 1.18 -2.72 2.23
C GLY C 342 0.77 -3.61 3.40
N LYS C 343 0.50 -2.98 4.54
CA LYS C 343 0.10 -3.67 5.75
C LYS C 343 -1.05 -2.89 6.36
N THR C 344 -1.91 -2.34 5.51
CA THR C 344 -3.05 -1.55 5.95
C THR C 344 -4.23 -2.43 6.29
N GLY C 345 -4.16 -3.69 5.91
CA GLY C 345 -5.26 -4.59 6.19
C GLY C 345 -6.32 -4.60 5.09
N TYR C 346 -6.20 -3.68 4.14
CA TYR C 346 -7.15 -3.63 3.04
C TYR C 346 -6.45 -4.23 1.81
N PRO C 347 -6.80 -5.46 1.45
CA PRO C 347 -6.21 -6.15 0.29
C PRO C 347 -6.04 -5.30 -0.98
N TRP C 348 -7.04 -4.48 -1.30
CA TRP C 348 -6.96 -3.65 -2.50
C TRP C 348 -5.77 -2.69 -2.38
N ILE C 349 -5.74 -1.93 -1.28
CA ILE C 349 -4.65 -1.00 -1.02
C ILE C 349 -3.31 -1.75 -0.92
N ASP C 350 -3.29 -2.87 -0.19
CA ASP C 350 -2.05 -3.63 -0.03
C ASP C 350 -1.54 -4.28 -1.33
N ALA C 351 -2.45 -4.74 -2.18
CA ALA C 351 -2.00 -5.36 -3.42
C ALA C 351 -1.34 -4.29 -4.30
N ILE C 352 -1.95 -3.10 -4.33
CA ILE C 352 -1.40 -2.00 -5.11
C ILE C 352 -0.01 -1.61 -4.58
N MET C 353 0.10 -1.43 -3.27
CA MET C 353 1.37 -1.05 -2.68
C MET C 353 2.44 -2.11 -2.93
N VAL C 354 2.05 -3.38 -2.98
CA VAL C 354 3.04 -4.40 -3.26
C VAL C 354 3.45 -4.32 -4.72
N GLN C 355 2.52 -4.05 -5.61
CA GLN C 355 2.87 -3.93 -7.01
C GLN C 355 3.76 -2.70 -7.16
N LEU C 356 3.56 -1.71 -6.30
CA LEU C 356 4.40 -0.52 -6.34
C LEU C 356 5.84 -0.94 -6.04
N LEU C 357 5.98 -1.84 -5.07
CA LEU C 357 7.29 -2.34 -4.65
C LEU C 357 7.93 -3.37 -5.58
N LYS C 358 7.12 -4.18 -6.24
CA LYS C 358 7.66 -5.21 -7.11
C LYS C 358 7.86 -4.77 -8.56
N TRP C 359 6.86 -4.11 -9.14
CA TRP C 359 6.94 -3.64 -10.53
C TRP C 359 7.49 -2.22 -10.65
N GLY C 360 7.16 -1.37 -9.71
CA GLY C 360 7.63 0.00 -9.76
C GLY C 360 6.67 0.76 -10.65
N TRP C 361 5.49 0.17 -10.86
CA TRP C 361 4.47 0.77 -11.70
C TRP C 361 3.10 0.20 -11.37
N MET C 362 2.07 1.05 -11.44
CA MET C 362 0.68 0.62 -11.24
C MET C 362 -0.12 1.51 -12.17
N HIS C 363 -1.29 1.02 -12.59
CA HIS C 363 -2.16 1.78 -13.47
C HIS C 363 -2.59 3.07 -12.78
N HIS C 364 -2.94 4.08 -13.56
CA HIS C 364 -3.33 5.37 -13.01
C HIS C 364 -4.34 5.28 -11.88
N LEU C 365 -5.44 4.59 -12.12
CA LEU C 365 -6.50 4.44 -11.14
C LEU C 365 -6.02 3.76 -9.85
N ALA C 366 -5.02 2.89 -9.95
CA ALA C 366 -4.52 2.25 -8.75
C ALA C 366 -3.85 3.33 -7.92
N ARG C 367 -3.02 4.15 -8.57
CA ARG C 367 -2.31 5.22 -7.86
C ARG C 367 -3.28 6.14 -7.16
N HIS C 368 -4.45 6.37 -7.76
CA HIS C 368 -5.47 7.23 -7.12
C HIS C 368 -5.87 6.67 -5.76
N CYS C 369 -6.32 5.42 -5.78
CA CYS C 369 -6.76 4.74 -4.56
C CYS C 369 -5.80 4.88 -3.39
N VAL C 370 -4.56 4.42 -3.56
CA VAL C 370 -3.58 4.48 -2.48
C VAL C 370 -3.23 5.90 -2.07
N ALA C 371 -3.23 6.82 -3.03
CA ALA C 371 -2.92 8.22 -2.74
C ALA C 371 -4.04 8.85 -1.92
N CYS C 372 -5.27 8.52 -2.29
CA CYS C 372 -6.45 9.02 -1.60
C CYS C 372 -6.51 8.40 -0.21
N PHE C 373 -6.32 7.08 -0.14
CA PHE C 373 -6.36 6.37 1.11
C PHE C 373 -5.43 7.02 2.15
N LEU C 374 -4.16 7.15 1.78
CA LEU C 374 -3.14 7.71 2.65
C LEU C 374 -3.38 9.15 3.12
N THR C 375 -3.96 9.98 2.24
CA THR C 375 -4.20 11.38 2.60
C THR C 375 -5.63 11.77 3.01
N ARG C 376 -6.31 12.54 2.15
CA ARG C 376 -7.65 13.02 2.47
C ARG C 376 -8.81 12.04 2.46
N GLY C 377 -8.53 10.76 2.21
CA GLY C 377 -9.61 9.77 2.17
C GLY C 377 -9.68 8.80 3.34
N ASP C 378 -8.58 8.64 4.08
CA ASP C 378 -8.56 7.73 5.22
C ASP C 378 -7.58 8.07 6.32
N LEU C 379 -6.29 7.97 6.05
CA LEU C 379 -5.26 8.23 7.05
C LEU C 379 -4.91 9.69 7.34
N PHE C 380 -5.29 10.58 6.45
CA PHE C 380 -5.01 12.01 6.62
C PHE C 380 -3.53 12.30 6.90
N ILE C 381 -2.64 11.58 6.24
CA ILE C 381 -1.20 11.79 6.40
C ILE C 381 -0.69 12.69 5.29
N HIS C 382 0.34 13.48 5.58
CA HIS C 382 0.91 14.43 4.63
C HIS C 382 1.23 13.83 3.24
N TRP C 383 0.76 14.51 2.20
CA TRP C 383 1.03 14.03 0.85
C TRP C 383 2.52 13.96 0.60
N GLU C 384 3.28 14.85 1.23
CA GLU C 384 4.73 14.84 1.06
C GLU C 384 5.31 13.47 1.43
N GLN C 385 4.71 12.81 2.40
CA GLN C 385 5.20 11.50 2.80
C GLN C 385 4.83 10.48 1.73
N GLY C 386 3.63 10.61 1.18
CA GLY C 386 3.19 9.70 0.13
C GLY C 386 4.05 9.89 -1.12
N ARG C 387 4.34 11.16 -1.43
CA ARG C 387 5.15 11.55 -2.57
C ARG C 387 6.54 10.93 -2.44
N ASP C 388 7.09 10.95 -1.22
CA ASP C 388 8.43 10.41 -1.00
C ASP C 388 8.49 8.92 -1.28
N VAL C 389 7.51 8.16 -0.81
CA VAL C 389 7.54 6.72 -1.06
C VAL C 389 7.43 6.45 -2.56
N PHE C 390 6.53 7.16 -3.24
CA PHE C 390 6.35 7.01 -4.67
C PHE C 390 7.63 7.41 -5.39
N GLU C 391 8.20 8.53 -4.96
CA GLU C 391 9.40 9.04 -5.58
C GLU C 391 10.55 8.05 -5.63
N ARG C 392 10.66 7.16 -4.65
CA ARG C 392 11.76 6.22 -4.75
C ARG C 392 11.40 4.84 -5.25
N LEU C 393 10.13 4.46 -5.19
CA LEU C 393 9.73 3.14 -5.67
C LEU C 393 9.30 3.09 -7.15
N LEU C 394 8.76 4.19 -7.66
CA LEU C 394 8.33 4.22 -9.06
C LEU C 394 9.49 4.19 -10.00
N ILE C 395 9.40 3.38 -11.05
CA ILE C 395 10.48 3.35 -12.01
C ILE C 395 10.26 4.46 -13.02
N ASP C 396 9.07 5.04 -13.02
CA ASP C 396 8.76 6.14 -13.93
C ASP C 396 8.78 7.44 -13.12
N SER C 397 9.31 7.34 -11.90
CA SER C 397 9.43 8.47 -10.96
C SER C 397 9.85 9.77 -11.66
N ASP C 398 8.92 10.73 -11.69
CA ASP C 398 9.13 12.01 -12.35
C ASP C 398 8.71 13.16 -11.43
N TRP C 399 9.69 13.93 -10.98
CA TRP C 399 9.46 15.05 -10.07
C TRP C 399 8.22 15.90 -10.30
N ALA C 400 8.05 16.44 -11.52
CA ALA C 400 6.91 17.31 -11.80
C ALA C 400 5.57 16.58 -11.81
N ILE C 401 5.52 15.47 -12.53
CA ILE C 401 4.31 14.69 -12.63
C ILE C 401 3.87 14.17 -11.25
N ASN C 402 4.83 13.57 -10.53
CA ASN C 402 4.56 13.01 -9.22
C ASN C 402 4.10 14.03 -8.16
N ASN C 403 4.74 15.20 -8.12
CA ASN C 403 4.32 16.20 -7.13
C ASN C 403 2.99 16.78 -7.55
N GLY C 404 2.82 16.98 -8.84
CA GLY C 404 1.57 17.52 -9.34
C GLY C 404 0.40 16.62 -9.03
N ASN C 405 0.57 15.32 -9.25
CA ASN C 405 -0.52 14.37 -8.99
C ASN C 405 -0.81 14.16 -7.50
N TRP C 406 0.21 14.21 -6.65
CA TRP C 406 -0.03 14.03 -5.23
C TRP C 406 -0.81 15.18 -4.62
N MET C 407 -0.70 16.35 -5.23
CA MET C 407 -1.46 17.48 -4.72
C MET C 407 -2.90 17.33 -5.19
N TRP C 408 -3.05 16.80 -6.40
CA TRP C 408 -4.36 16.56 -7.01
C TRP C 408 -5.17 15.53 -6.20
N LEU C 409 -4.61 14.34 -6.02
CA LEU C 409 -5.32 13.30 -5.28
C LEU C 409 -5.55 13.65 -3.81
N SER C 410 -4.82 14.62 -3.30
CA SER C 410 -5.01 14.98 -1.89
C SER C 410 -5.85 16.24 -1.83
N CYS C 411 -6.28 16.72 -2.99
CA CYS C 411 -7.09 17.93 -3.10
C CYS C 411 -6.38 19.11 -2.47
N SER C 412 -5.08 19.21 -2.73
CA SER C 412 -4.30 20.30 -2.19
C SER C 412 -4.25 21.40 -3.24
N SER C 413 -4.60 21.05 -4.47
CA SER C 413 -4.61 21.97 -5.60
C SER C 413 -5.16 21.23 -6.81
N PHE C 414 -5.53 21.99 -7.84
CA PHE C 414 -6.04 21.46 -9.10
C PHE C 414 -7.45 20.89 -9.02
N PHE C 415 -7.64 19.94 -8.10
CA PHE C 415 -8.92 19.25 -7.91
C PHE C 415 -9.39 19.43 -6.48
N TYR C 416 -10.64 19.86 -6.28
CA TYR C 416 -11.14 20.10 -4.93
C TYR C 416 -12.39 19.37 -4.44
N GLN C 417 -12.88 18.40 -5.20
CA GLN C 417 -14.07 17.67 -4.77
C GLN C 417 -13.65 16.57 -3.80
N PHE C 418 -13.29 16.95 -2.58
CA PHE C 418 -12.81 16.00 -1.61
C PHE C 418 -13.82 15.04 -0.98
N ASN C 419 -15.11 15.22 -1.29
CA ASN C 419 -16.11 14.32 -0.75
C ASN C 419 -16.29 13.13 -1.69
N ARG C 420 -15.52 13.15 -2.78
CA ARG C 420 -15.50 12.07 -3.75
C ARG C 420 -14.34 11.21 -3.25
N ILE C 421 -14.66 10.13 -2.55
CA ILE C 421 -13.65 9.26 -1.97
C ILE C 421 -13.68 7.83 -2.50
N TYR C 422 -12.49 7.24 -2.64
CA TYR C 422 -12.38 5.88 -3.12
C TYR C 422 -12.55 4.93 -1.96
N SER C 423 -13.35 3.89 -2.14
CA SER C 423 -13.51 2.90 -1.08
C SER C 423 -12.39 1.90 -1.28
N PRO C 424 -11.62 1.62 -0.21
CA PRO C 424 -10.51 0.66 -0.27
C PRO C 424 -11.11 -0.73 -0.31
N ILE C 425 -12.41 -0.80 -0.05
CA ILE C 425 -13.18 -2.03 -0.01
C ILE C 425 -13.96 -2.34 -1.29
N SER C 426 -14.71 -1.37 -1.79
CA SER C 426 -15.54 -1.62 -2.95
C SER C 426 -15.04 -1.27 -4.34
N PHE C 427 -14.08 -0.35 -4.45
CA PHE C 427 -13.61 0.06 -5.77
C PHE C 427 -13.09 -1.07 -6.66
N GLY C 428 -12.15 -1.85 -6.14
CA GLY C 428 -11.59 -2.96 -6.91
C GLY C 428 -12.62 -3.99 -7.34
N LYS C 429 -13.66 -4.18 -6.52
CA LYS C 429 -14.73 -5.15 -6.81
C LYS C 429 -15.30 -4.89 -8.19
N LYS C 430 -15.48 -3.61 -8.49
CA LYS C 430 -16.01 -3.14 -9.76
C LYS C 430 -15.33 -3.79 -10.99
N TYR C 431 -14.02 -4.01 -10.92
CA TYR C 431 -13.30 -4.61 -12.04
C TYR C 431 -12.93 -6.04 -11.83
N ASP C 432 -12.51 -6.34 -10.61
CA ASP C 432 -12.06 -7.68 -10.28
C ASP C 432 -12.73 -8.22 -9.03
N PRO C 433 -14.01 -8.60 -9.14
CA PRO C 433 -14.78 -9.13 -8.01
C PRO C 433 -14.22 -10.44 -7.43
N ASP C 434 -13.56 -11.23 -8.27
CA ASP C 434 -12.96 -12.49 -7.80
C ASP C 434 -11.69 -12.28 -7.00
N GLY C 435 -11.00 -11.16 -7.26
CA GLY C 435 -9.78 -10.83 -6.54
C GLY C 435 -8.49 -11.35 -7.17
N LYS C 436 -8.46 -11.52 -8.49
CA LYS C 436 -7.27 -12.03 -9.15
C LYS C 436 -6.03 -11.16 -8.91
N TYR C 437 -6.21 -9.84 -8.98
CA TYR C 437 -5.12 -8.91 -8.76
C TYR C 437 -4.64 -9.17 -7.35
N ILE C 438 -5.55 -9.06 -6.39
CA ILE C 438 -5.21 -9.27 -4.98
C ILE C 438 -4.50 -10.61 -4.72
N ARG C 439 -5.04 -11.71 -5.23
CA ARG C 439 -4.40 -13.00 -5.00
C ARG C 439 -2.99 -13.00 -5.55
N HIS C 440 -2.82 -12.40 -6.71
CA HIS C 440 -1.50 -12.37 -7.33
C HIS C 440 -0.45 -11.60 -6.54
N PHE C 441 -0.78 -10.40 -6.09
CA PHE C 441 0.20 -9.61 -5.36
C PHE C 441 0.21 -9.88 -3.86
N LEU C 442 -0.79 -10.62 -3.40
CA LEU C 442 -0.90 -10.98 -1.99
C LEU C 442 -1.22 -12.47 -1.91
N PRO C 443 -0.25 -13.32 -2.29
CA PRO C 443 -0.46 -14.77 -2.27
C PRO C 443 -0.91 -15.33 -0.92
N VAL C 444 -0.78 -14.56 0.15
CA VAL C 444 -1.21 -15.02 1.48
C VAL C 444 -2.73 -15.22 1.43
N LEU C 445 -3.42 -14.31 0.76
CA LEU C 445 -4.87 -14.38 0.64
C LEU C 445 -5.23 -15.26 -0.55
N LYS C 446 -4.26 -16.04 -1.00
CA LYS C 446 -4.43 -16.93 -2.15
C LYS C 446 -5.74 -17.68 -2.21
N ASP C 447 -6.10 -18.35 -1.12
CA ASP C 447 -7.33 -19.14 -1.11
C ASP C 447 -8.51 -18.55 -0.37
N MET C 448 -8.44 -17.27 -0.01
CA MET C 448 -9.55 -16.64 0.69
C MET C 448 -10.73 -16.58 -0.27
N PRO C 449 -11.87 -17.18 0.09
CA PRO C 449 -13.01 -17.15 -0.80
C PRO C 449 -13.37 -15.74 -1.26
N LYS C 450 -13.85 -15.64 -2.51
CA LYS C 450 -14.20 -14.36 -3.11
C LYS C 450 -15.04 -13.48 -2.19
N GLN C 451 -15.95 -14.11 -1.47
CA GLN C 451 -16.85 -13.40 -0.56
C GLN C 451 -16.17 -12.45 0.43
N TYR C 452 -14.92 -12.75 0.81
CA TYR C 452 -14.22 -11.89 1.77
C TYR C 452 -12.87 -11.40 1.26
N ILE C 453 -12.49 -11.76 0.05
CA ILE C 453 -11.20 -11.36 -0.50
C ILE C 453 -10.90 -9.86 -0.29
N TYR C 454 -11.91 -9.00 -0.40
CA TYR C 454 -11.70 -7.56 -0.21
C TYR C 454 -11.86 -7.08 1.24
N GLU C 455 -12.23 -7.99 2.13
CA GLU C 455 -12.40 -7.67 3.54
C GLU C 455 -12.25 -8.97 4.33
N PRO C 456 -11.04 -9.55 4.32
CA PRO C 456 -10.75 -10.80 5.02
C PRO C 456 -11.04 -10.79 6.52
N TRP C 457 -11.09 -9.61 7.12
CA TRP C 457 -11.36 -9.52 8.54
C TRP C 457 -12.80 -9.87 8.91
N THR C 458 -13.66 -9.98 7.90
CA THR C 458 -15.06 -10.33 8.14
C THR C 458 -15.31 -11.79 7.77
N ALA C 459 -14.23 -12.54 7.64
CA ALA C 459 -14.34 -13.94 7.29
C ALA C 459 -14.33 -14.75 8.57
N PRO C 460 -15.26 -15.71 8.69
CA PRO C 460 -15.33 -16.55 9.89
C PRO C 460 -13.98 -17.20 10.17
N LEU C 461 -13.61 -17.27 11.44
CA LEU C 461 -12.33 -17.86 11.84
C LEU C 461 -12.11 -19.22 11.20
N SER C 462 -13.19 -19.96 10.99
CA SER C 462 -13.09 -21.27 10.37
C SER C 462 -12.65 -21.08 8.92
N VAL C 463 -13.29 -20.12 8.24
CA VAL C 463 -12.96 -19.81 6.84
C VAL C 463 -11.50 -19.34 6.72
N GLN C 464 -11.08 -18.48 7.64
CA GLN C 464 -9.71 -17.99 7.64
C GLN C 464 -8.79 -19.19 7.82
N THR C 465 -9.19 -20.10 8.69
CA THR C 465 -8.35 -21.27 8.95
C THR C 465 -8.22 -22.14 7.71
N LYS C 466 -9.34 -22.38 7.03
CA LYS C 466 -9.32 -23.18 5.81
C LYS C 466 -8.53 -22.44 4.74
N ALA C 467 -8.73 -21.12 4.67
CA ALA C 467 -8.02 -20.30 3.69
C ALA C 467 -6.55 -20.23 4.05
N ASN C 468 -6.24 -20.62 5.28
CA ASN C 468 -4.85 -20.59 5.73
C ASN C 468 -4.39 -19.15 5.85
N CYS C 469 -5.33 -18.29 6.22
CA CYS C 469 -5.03 -16.88 6.36
C CYS C 469 -5.72 -16.34 7.62
N ILE C 470 -5.00 -16.39 8.72
CA ILE C 470 -5.53 -15.92 10.00
C ILE C 470 -5.28 -14.42 10.15
N VAL C 471 -6.35 -13.65 9.99
CA VAL C 471 -6.27 -12.21 10.11
C VAL C 471 -5.71 -11.84 11.48
N GLY C 472 -4.83 -10.87 11.52
CA GLY C 472 -4.23 -10.49 12.78
C GLY C 472 -2.98 -11.32 13.01
N LYS C 473 -2.73 -12.27 12.12
CA LYS C 473 -1.55 -13.13 12.23
C LYS C 473 -0.82 -13.29 10.90
N ASP C 474 -1.47 -13.90 9.92
CA ASP C 474 -0.86 -14.11 8.61
C ASP C 474 -1.00 -12.86 7.75
N TYR C 475 -2.06 -12.11 8.00
CA TYR C 475 -2.37 -10.87 7.29
C TYR C 475 -2.91 -9.95 8.37
N PRO C 476 -2.45 -8.69 8.39
CA PRO C 476 -2.94 -7.76 9.43
C PRO C 476 -4.43 -7.52 9.31
N LYS C 477 -4.99 -6.78 10.25
CA LYS C 477 -6.40 -6.45 10.24
C LYS C 477 -6.51 -4.96 9.89
N PRO C 478 -7.74 -4.48 9.60
CA PRO C 478 -7.91 -3.06 9.26
C PRO C 478 -7.14 -2.13 10.19
N MET C 479 -6.34 -1.23 9.62
CA MET C 479 -5.57 -0.29 10.42
C MET C 479 -6.48 0.86 10.78
N VAL C 480 -7.59 0.97 10.05
CA VAL C 480 -8.56 2.03 10.29
C VAL C 480 -9.90 1.56 9.72
N LEU C 481 -11.00 2.12 10.22
CA LEU C 481 -12.34 1.78 9.73
C LEU C 481 -12.74 2.85 8.70
N HIS C 482 -12.82 2.44 7.44
CA HIS C 482 -13.13 3.36 6.36
C HIS C 482 -14.21 4.40 6.64
N ASP C 483 -15.44 3.92 6.83
CA ASP C 483 -16.56 4.81 7.09
C ASP C 483 -16.24 5.92 8.07
N SER C 484 -15.89 5.58 9.30
CA SER C 484 -15.60 6.61 10.29
C SER C 484 -14.33 7.42 10.00
N ALA C 485 -13.33 6.76 9.42
CA ALA C 485 -12.06 7.44 9.12
C ALA C 485 -12.22 8.43 7.99
N SER C 486 -12.98 8.05 6.97
CA SER C 486 -13.19 8.93 5.82
C SER C 486 -14.12 10.07 6.21
N LYS C 487 -15.00 9.82 7.18
CA LYS C 487 -15.91 10.86 7.63
C LYS C 487 -15.13 11.97 8.31
N GLU C 488 -14.20 11.57 9.19
CA GLU C 488 -13.38 12.53 9.90
C GLU C 488 -12.50 13.31 8.95
N CYS C 489 -11.98 12.64 7.92
CA CYS C 489 -11.14 13.29 6.94
C CYS C 489 -11.91 14.40 6.24
N LYS C 490 -13.11 14.09 5.76
CA LYS C 490 -13.93 15.08 5.09
C LYS C 490 -14.18 16.28 6.01
N ARG C 491 -14.23 16.02 7.32
CA ARG C 491 -14.47 17.07 8.30
C ARG C 491 -13.32 18.06 8.33
N LYS C 492 -12.13 17.55 8.62
CA LYS C 492 -10.93 18.36 8.68
C LYS C 492 -10.71 19.14 7.39
N MET C 493 -10.99 18.50 6.26
CA MET C 493 -10.84 19.14 4.96
C MET C 493 -11.73 20.38 4.82
N GLY C 494 -13.01 20.21 5.16
CA GLY C 494 -13.97 21.29 5.07
C GLY C 494 -13.56 22.48 5.92
N GLU C 495 -12.95 22.20 7.06
CA GLU C 495 -12.50 23.25 7.97
C GLU C 495 -11.28 23.93 7.38
N ALA C 496 -10.28 23.12 7.02
CA ALA C 496 -9.05 23.65 6.44
C ALA C 496 -9.38 24.54 5.24
N TYR C 497 -10.30 24.07 4.40
CA TYR C 497 -10.73 24.82 3.23
C TYR C 497 -11.38 26.13 3.67
N ALA C 498 -12.15 26.06 4.74
CA ALA C 498 -12.84 27.22 5.30
C ALA C 498 -11.80 28.23 5.72
N LEU C 499 -10.76 27.76 6.41
CA LEU C 499 -9.69 28.64 6.86
C LEU C 499 -8.95 29.26 5.68
N ASN C 500 -8.71 28.47 4.64
CA ASN C 500 -8.01 28.97 3.47
C ASN C 500 -8.85 29.99 2.71
N LYS C 501 -10.17 29.93 2.91
CA LYS C 501 -11.06 30.87 2.25
C LYS C 501 -10.96 32.19 3.01
N LYS C 502 -10.88 32.09 4.33
CA LYS C 502 -10.78 33.25 5.21
C LYS C 502 -9.43 33.95 5.02
N MET C 503 -8.35 33.29 5.40
CA MET C 503 -7.01 33.85 5.26
C MET C 503 -6.71 34.22 3.82
N ASP C 504 -7.67 33.95 2.92
CA ASP C 504 -7.51 34.24 1.52
C ASP C 504 -6.23 33.61 0.98
N GLY C 505 -6.28 32.31 0.74
CA GLY C 505 -5.14 31.58 0.21
C GLY C 505 -3.91 31.55 1.11
N LYS C 506 -3.52 32.72 1.59
CA LYS C 506 -2.34 32.84 2.43
C LYS C 506 -2.59 32.59 3.92
N VAL C 507 -2.28 31.37 4.36
CA VAL C 507 -2.44 30.97 5.75
C VAL C 507 -1.02 30.70 6.26
N ASP C 508 -0.69 31.20 7.43
CA ASP C 508 0.65 31.01 7.97
C ASP C 508 0.76 29.91 9.03
N GLU C 509 1.97 29.39 9.20
CA GLU C 509 2.25 28.33 10.17
C GLU C 509 1.46 28.50 11.46
N GLU C 510 1.36 29.74 11.93
CA GLU C 510 0.65 30.05 13.16
C GLU C 510 -0.79 29.55 13.16
N ASN C 511 -1.56 30.01 12.19
CA ASN C 511 -2.97 29.64 12.06
C ASN C 511 -3.17 28.12 11.99
N LEU C 512 -2.35 27.45 11.20
CA LEU C 512 -2.43 25.99 11.07
C LEU C 512 -2.22 25.29 12.40
N ARG C 513 -1.21 25.73 13.15
CA ARG C 513 -0.90 25.15 14.44
C ARG C 513 -2.16 25.13 15.32
N ASP C 514 -2.92 26.23 15.26
CA ASP C 514 -4.15 26.37 16.03
C ASP C 514 -5.33 25.61 15.42
N LEU C 515 -5.45 25.66 14.10
CA LEU C 515 -6.52 24.93 13.44
C LEU C 515 -6.33 23.45 13.74
N ARG C 516 -5.08 23.05 13.92
CA ARG C 516 -4.78 21.65 14.21
C ARG C 516 -5.28 21.27 15.60
N ARG C 517 -4.73 21.90 16.63
CA ARG C 517 -5.13 21.61 18.00
C ARG C 517 -6.65 21.67 18.14
N LYS C 518 -7.23 22.66 17.46
CA LYS C 518 -8.68 22.85 17.48
C LYS C 518 -9.35 21.54 17.08
N LEU C 519 -8.78 20.84 16.11
CA LEU C 519 -9.32 19.56 15.63
C LEU C 519 -9.07 18.44 16.62
N GLN C 520 -7.89 18.46 17.24
CA GLN C 520 -7.51 17.45 18.21
C GLN C 520 -8.56 17.40 19.33
N LYS C 521 -8.91 18.59 19.83
CA LYS C 521 -9.89 18.72 20.90
C LYS C 521 -11.21 18.09 20.47
N ASP C 522 -11.68 18.46 19.28
CA ASP C 522 -12.93 17.93 18.76
C ASP C 522 -12.93 16.40 18.72
N GLU C 523 -11.75 15.81 18.60
CA GLU C 523 -11.63 14.36 18.56
C GLU C 523 -11.96 13.80 19.96
N HIS C 524 -11.07 14.03 20.91
CA HIS C 524 -11.25 13.57 22.28
C HIS C 524 -12.25 14.46 23.02
N1 IMD D . -47.17 -10.55 -15.71
C2 IMD D . -48.39 -10.10 -15.95
N3 IMD D . -48.66 -10.20 -17.28
C4 IMD D . -47.56 -10.75 -17.88
C5 IMD D . -46.62 -10.98 -16.95
N1 IMD E . -31.37 -20.89 -17.62
C2 IMD E . -31.11 -20.96 -16.33
N3 IMD E . -29.94 -20.29 -16.06
C4 IMD E . -29.47 -19.78 -17.24
C5 IMD E . -30.33 -20.14 -18.23
N1 IMD F . -40.65 13.44 -24.41
C2 IMD F . -40.24 12.22 -24.66
N3 IMD F . -39.10 12.26 -25.42
C4 IMD F . -38.80 13.58 -25.63
C5 IMD F . -39.74 14.33 -25.02
O1 MES G . -47.71 -4.84 -13.29
C2 MES G . -48.06 -5.90 -14.20
C3 MES G . -49.34 -5.51 -14.97
N4 MES G . -50.47 -5.41 -13.94
C5 MES G . -50.09 -4.37 -12.86
C6 MES G . -48.72 -4.72 -12.25
C7 MES G . -51.84 -5.03 -14.54
C8 MES G . -51.86 -3.66 -15.24
S MES G . -53.49 -3.29 -15.89
O1S MES G . -53.84 -4.35 -16.84
O2S MES G . -53.38 -1.96 -16.53
O3S MES G . -54.39 -3.26 -14.76
P PO4 H . -53.95 3.92 -24.10
O1 PO4 H . -53.51 4.31 -25.47
O2 PO4 H . -55.09 4.79 -23.68
O3 PO4 H . -54.40 2.51 -24.12
O4 PO4 H . -52.83 4.08 -23.15
PA FAD I . -49.20 5.87 -16.05
O1A FAD I . -49.67 4.65 -16.78
O2A FAD I . -49.45 7.12 -16.85
O5B FAD I . -49.98 5.89 -14.60
C5B FAD I . -50.03 7.05 -13.79
C4B FAD I . -49.34 6.80 -12.46
O4B FAD I . -49.86 5.59 -11.90
C3B FAD I . -47.83 6.57 -12.54
O3B FAD I . -47.11 7.79 -12.58
C2B FAD I . -47.58 5.66 -11.33
O2B FAD I . -47.43 6.39 -10.12
C1B FAD I . -48.84 4.87 -11.23
N9A FAD I . -48.71 3.53 -11.85
C8A FAD I . -48.84 3.19 -13.20
N7A FAD I . -48.63 1.86 -13.29
C5A FAD I . -48.36 1.34 -12.07
C6A FAD I . -48.07 0.02 -11.62
N6A FAD I . -48.01 -1.04 -12.45
N1A FAD I . -47.84 -0.17 -10.26
C2A FAD I . -47.88 0.92 -9.37
N3A FAD I . -48.18 2.21 -9.81
C4A FAD I . -48.40 2.41 -11.14
N1 FAD I . -43.20 2.57 -11.02
C2 FAD I . -42.66 3.56 -10.19
O2 FAD I . -43.30 4.58 -10.04
N3 FAD I . -41.43 3.37 -9.56
C4 FAD I . -40.69 2.20 -9.73
O4 FAD I . -39.61 2.09 -9.15
C4X FAD I . -41.23 1.17 -10.59
N5 FAD I . -40.53 -0.03 -10.81
C5X FAD I . -41.06 -1.04 -11.65
C6 FAD I . -40.32 -2.25 -11.86
C7 FAD I . -40.84 -3.28 -12.72
C7M FAD I . -40.02 -4.54 -12.90
C8 FAD I . -42.11 -3.09 -13.38
C8M FAD I . -42.71 -4.14 -14.29
C9 FAD I . -42.84 -1.88 -13.16
C9A FAD I . -42.34 -0.85 -12.30
N10 FAD I . -43.07 0.36 -12.08
C10 FAD I . -42.50 1.37 -11.23
C1' FAD I . -44.54 0.47 -12.48
C2' FAD I . -44.86 1.21 -13.81
O2' FAD I . -44.05 0.72 -14.88
C3' FAD I . -44.71 2.74 -13.71
O3' FAD I . -45.48 3.25 -12.66
C4' FAD I . -45.07 3.45 -15.04
O4' FAD I . -44.29 2.98 -16.15
C5' FAD I . -44.89 4.95 -14.91
O5' FAD I . -45.21 5.56 -16.15
P FAD I . -46.42 6.61 -16.13
O1P FAD I . -46.31 7.74 -15.13
O2P FAD I . -46.54 7.12 -17.55
O3P FAD I . -47.66 5.67 -15.68
N1 IMD J . 27.56 -6.81 4.98
C2 IMD J . 26.43 -6.23 4.67
N3 IMD J . 26.54 -4.87 4.84
C4 IMD J . 27.81 -4.62 5.28
C5 IMD J . 28.47 -5.80 5.37
N1 IMD K . 34.10 -43.65 22.30
C2 IMD K . 35.27 -44.03 21.80
N3 IMD K . 36.28 -43.67 22.65
C4 IMD K . 35.70 -43.03 23.72
C5 IMD K . 34.37 -43.00 23.54
N1 IMD L . 38.54 -9.49 -4.64
C2 IMD L . 37.23 -9.49 -4.44
N3 IMD L . 36.83 -10.70 -3.96
C4 IMD L . 37.94 -11.50 -3.87
C5 IMD L . 39.02 -10.79 -4.28
N1 IMD M . 17.28 -8.61 28.89
C2 IMD M . 17.42 -7.41 28.33
N3 IMD M . 17.23 -6.44 29.28
C4 IMD M . 16.97 -7.06 30.46
C5 IMD M . 16.98 -8.40 30.26
N1 IMD N . 14.21 -26.39 24.14
C2 IMD N . 13.15 -26.49 24.92
N3 IMD N . 13.53 -26.32 26.22
C4 IMD N . 14.88 -26.09 26.23
C5 IMD N . 15.34 -26.13 24.96
O1 MES O . 28.20 -10.70 9.38
C2 MES O . 27.56 -9.79 8.45
C3 MES O . 26.13 -10.28 8.15
N4 MES O . 26.25 -11.64 7.46
C5 MES O . 27.03 -12.61 8.38
C6 MES O . 28.39 -12.00 8.78
C7 MES O . 24.91 -12.27 7.08
C8 MES O . 23.97 -12.62 8.26
S MES O . 22.44 -13.38 7.67
O1S MES O . 21.79 -12.45 6.75
O2S MES O . 21.63 -13.66 8.85
O3S MES O . 22.83 -14.59 6.97
P PO4 P . 13.32 -11.74 13.40
O1 PO4 P . 12.41 -12.81 13.85
O2 PO4 P . 14.51 -11.67 14.30
O3 PO4 P . 13.76 -12.00 12.01
O4 PO4 P . 12.61 -10.44 13.45
PA FAD Q . 21.41 -15.01 17.37
O1A FAD Q . 21.01 -14.13 16.21
O2A FAD Q . 20.22 -15.36 18.23
O5B FAD Q . 22.14 -16.33 16.76
C5B FAD Q . 22.37 -17.47 17.57
C4B FAD Q . 23.85 -17.74 17.71
O4B FAD Q . 24.45 -17.83 16.42
C3B FAD Q . 24.64 -16.64 18.43
O3B FAD Q . 24.53 -16.75 19.82
C2B FAD Q . 26.03 -16.81 17.85
O2B FAD Q . 26.82 -17.79 18.53
C1B FAD Q . 25.76 -17.28 16.44
N9A FAD Q . 25.84 -16.16 15.49
C8A FAD Q . 24.88 -15.18 15.20
N7A FAD Q . 25.41 -14.37 14.28
C5A FAD Q . 26.68 -14.77 13.97
C6A FAD Q . 27.65 -14.28 13.08
N6A FAD Q . 27.44 -13.18 12.32
N1A FAD Q . 28.87 -14.94 13.01
C2A FAD Q . 29.11 -16.08 13.79
N3A FAD Q . 28.15 -16.58 14.67
C4A FAD Q . 26.95 -15.92 14.74
N1 FAD Q . 29.62 -13.03 17.96
C2 FAD Q . 30.17 -13.74 19.01
O2 FAD Q . 29.54 -14.70 19.43
N3 FAD Q . 31.41 -13.35 19.58
C4 FAD Q . 32.11 -12.24 19.10
O4 FAD Q . 33.19 -11.95 19.63
C4X FAD Q . 31.54 -11.48 18.01
N5 FAD Q . 32.18 -10.37 17.50
C5X FAD Q . 31.61 -9.62 16.43
C6 FAD Q . 32.29 -8.46 15.92
C7 FAD Q . 31.73 -7.70 14.85
C7M FAD Q . 32.48 -6.48 14.35
C8 FAD Q . 30.46 -8.10 14.28
C8M FAD Q . 29.81 -7.33 13.15
C9 FAD Q . 29.79 -9.26 14.78
C9A FAD Q . 30.35 -10.03 15.86
N10 FAD Q . 29.69 -11.17 16.36
C10 FAD Q . 30.29 -11.89 17.45
C1' FAD Q . 28.50 -11.81 15.61
C2' FAD Q . 27.07 -11.51 16.14
O2' FAD Q . 26.89 -10.13 16.39
C3' FAD Q . 26.68 -12.28 17.45
O3' FAD Q . 26.85 -13.68 17.31
C4' FAD Q . 25.23 -11.94 17.88
O4' FAD Q . 25.03 -10.53 18.10
C5' FAD Q . 24.86 -12.71 19.14
O5' FAD Q . 23.52 -12.40 19.50
P FAD Q . 22.53 -13.63 19.67
O1P FAD Q . 22.98 -14.72 20.64
O2P FAD Q . 21.19 -13.06 20.05
O3P FAD Q . 22.57 -14.25 18.17
N1 IMD R . -9.63 12.78 -8.47
C2 IMD R . -9.60 13.14 -9.74
N3 IMD R . -10.62 12.53 -10.40
C4 IMD R . -11.31 11.76 -9.49
C5 IMD R . -10.73 11.89 -8.29
N1 IMD S . -8.07 10.88 10.45
C2 IMD S . -8.85 9.89 10.04
N3 IMD S . -8.27 8.68 10.34
C4 IMD S . -7.08 8.94 10.97
C5 IMD S . -6.93 10.29 11.06
O1 MES T . -4.50 13.40 -12.19
C2 MES T . -5.84 13.04 -11.78
C3 MES T . -6.47 12.15 -12.88
N4 MES T . -6.56 12.98 -14.16
C5 MES T . -5.16 13.44 -14.54
C6 MES T . -4.53 14.22 -13.39
C7 MES T . -7.17 12.19 -15.31
C8 MES T . -8.01 13.07 -16.22
S MES T . -8.70 12.10 -17.57
O1S MES T . -7.59 11.52 -18.33
O2S MES T . -9.50 13.04 -18.39
O3S MES T . -9.51 11.09 -16.92
P PO4 U . -9.21 1.96 -22.50
O1 PO4 U . -10.60 2.14 -22.00
O2 PO4 U . -8.27 2.73 -21.65
O3 PO4 U . -8.86 0.52 -22.46
O4 PO4 U . -9.12 2.46 -23.90
PA FAD V . -0.55 6.14 -20.47
O1A FAD V . -1.96 6.32 -20.00
O2A FAD V . -0.43 4.99 -21.45
O5B FAD V . -0.07 7.59 -21.13
C5B FAD V . 1.16 7.71 -21.84
C4B FAD V . 2.10 8.67 -21.13
O4B FAD V . 1.41 9.84 -20.74
C3B FAD V . 2.70 8.13 -19.83
O3B FAD V . 3.80 7.28 -20.06
C2B FAD V . 2.98 9.41 -19.05
O2B FAD V . 4.27 10.01 -19.34
C1B FAD V . 1.88 10.34 -19.52
N9A FAD V . 0.76 10.39 -18.54
C8A FAD V . -0.31 9.51 -18.40
N7A FAD V . -1.07 9.96 -17.37
C5A FAD V . -0.54 11.08 -16.85
C6A FAD V . -0.94 11.93 -15.80
N6A FAD V . -2.05 11.71 -15.06
N1A FAD V . -0.16 13.04 -15.51
C2A FAD V . 1.02 13.30 -16.26
N3A FAD V . 1.42 12.46 -17.32
C4A FAD V . 0.63 11.36 -17.59
N1 FAD V . 3.46 9.40 -13.85
C2 FAD V . 4.84 9.40 -14.06
O2 FAD V . 5.23 9.27 -15.19
N3 FAD V . 5.73 9.56 -12.99
C4 FAD V . 5.26 9.70 -11.69
O4 FAD V . 6.09 9.84 -10.79
C4X FAD V . 3.87 9.68 -11.45
N5 FAD V . 3.36 9.80 -10.16
C5X FAD V . 1.96 9.77 -9.90
C6 FAD V . 1.48 9.87 -8.56
C7 FAD V . 0.08 9.83 -8.28
C7M FAD V . -0.37 9.94 -6.84
C8 FAD V . -0.85 9.69 -9.36
C8M FAD V . -2.36 9.63 -9.13
C9 FAD V . -0.37 9.58 -10.72
C9A FAD V . 1.04 9.63 -11.00
N10 FAD V . 1.55 9.52 -12.33
C10 FAD V . 2.96 9.53 -12.55
C1' FAD V . 0.63 9.66 -13.54
C2' FAD V . 0.16 8.38 -14.27
O2' FAD V . -0.37 7.42 -13.36
C3' FAD V . 1.28 7.68 -15.09
O3' FAD V . 1.88 8.55 -16.01
C4' FAD V . 0.71 6.44 -15.81
O4' FAD V . 0.11 5.48 -14.93
C5' FAD V . 1.79 5.77 -16.61
O5' FAD V . 1.24 4.63 -17.26
P FAD V . 1.32 4.68 -18.84
O1P FAD V . 2.73 4.90 -19.38
O2P FAD V . 0.71 3.40 -19.33
O3P FAD V . 0.41 5.96 -19.19
#